data_4OVB
# 
_entry.id   4OVB 
# 
_audit_conform.dict_name       mmcif_pdbx.dic 
_audit_conform.dict_version    5.388 
_audit_conform.dict_location   http://mmcif.pdb.org/dictionaries/ascii/mmcif_pdbx.dic 
# 
loop_
_database_2.database_id 
_database_2.database_code 
_database_2.pdbx_database_accession 
_database_2.pdbx_DOI 
PDB   4OVB         pdb_00004ovb 10.2210/pdb4ovb/pdb 
RCSB  RCSB084993   ?            ?                   
WWPDB D_1000084993 ?            ?                   
# 
loop_
_pdbx_audit_revision_history.ordinal 
_pdbx_audit_revision_history.data_content_type 
_pdbx_audit_revision_history.major_revision 
_pdbx_audit_revision_history.minor_revision 
_pdbx_audit_revision_history.revision_date 
1 'Structure model' 1 0 2014-11-05 
2 'Structure model' 1 1 2014-12-24 
3 'Structure model' 1 2 2024-03-20 
# 
_pdbx_audit_revision_details.ordinal             1 
_pdbx_audit_revision_details.revision_ordinal    1 
_pdbx_audit_revision_details.data_content_type   'Structure model' 
_pdbx_audit_revision_details.provider            repository 
_pdbx_audit_revision_details.type                'Initial release' 
_pdbx_audit_revision_details.description         ? 
_pdbx_audit_revision_details.details             ? 
# 
loop_
_pdbx_audit_revision_group.ordinal 
_pdbx_audit_revision_group.revision_ordinal 
_pdbx_audit_revision_group.data_content_type 
_pdbx_audit_revision_group.group 
1 2 'Structure model' 'Database references'  
2 3 'Structure model' Advisory               
3 3 'Structure model' 'Data collection'      
4 3 'Structure model' 'Database references'  
5 3 'Structure model' 'Derived calculations' 
# 
loop_
_pdbx_audit_revision_category.ordinal 
_pdbx_audit_revision_category.revision_ordinal 
_pdbx_audit_revision_category.data_content_type 
_pdbx_audit_revision_category.category 
1 3 'Structure model' chem_comp_atom               
2 3 'Structure model' chem_comp_bond               
3 3 'Structure model' database_2                   
4 3 'Structure model' pdbx_unobs_or_zero_occ_atoms 
5 3 'Structure model' struct_ref_seq_dif           
6 3 'Structure model' struct_site                  
# 
loop_
_pdbx_audit_revision_item.ordinal 
_pdbx_audit_revision_item.revision_ordinal 
_pdbx_audit_revision_item.data_content_type 
_pdbx_audit_revision_item.item 
1 3 'Structure model' '_database_2.pdbx_DOI'                
2 3 'Structure model' '_database_2.pdbx_database_accession' 
3 3 'Structure model' '_struct_ref_seq_dif.details'         
4 3 'Structure model' '_struct_site.pdbx_auth_asym_id'      
5 3 'Structure model' '_struct_site.pdbx_auth_comp_id'      
6 3 'Structure model' '_struct_site.pdbx_auth_seq_id'       
# 
_pdbx_database_status.status_code                     REL 
_pdbx_database_status.entry_id                        4OVB 
_pdbx_database_status.recvd_initial_deposition_date   2014-02-21 
_pdbx_database_status.deposit_site                    RCSB 
_pdbx_database_status.process_site                    PDBJ 
_pdbx_database_status.methods_development_category    ? 
_pdbx_database_status.status_code_sf                  REL 
_pdbx_database_status.status_code_mr                  ? 
_pdbx_database_status.SG_entry                        ? 
_pdbx_database_status.status_code_cs                  ? 
_pdbx_database_status.pdb_format_compatible           Y 
_pdbx_database_status.status_code_nmr_data            ? 
# 
_pdbx_database_related.db_name        PDB 
_pdbx_database_related.db_id          4O7K 
_pdbx_database_related.details        . 
_pdbx_database_related.content_type   unspecified 
# 
loop_
_audit_author.name 
_audit_author.pdbx_ordinal 
'Maindola, P.' 1 
'Goyal, P.'    2 
'Arulandu, A.' 3 
# 
_citation.id                        primary 
_citation.title                     
'Multiple enzymatic activities of ParB/Srx superfamily mediate sexual conflict among conjugative plasmids' 
_citation.journal_abbrev            'Nat Commun' 
_citation.journal_volume            5 
_citation.page_first                5322 
_citation.page_last                 5322 
_citation.year                      2014 
_citation.journal_id_ASTM           ? 
_citation.country                   UK 
_citation.journal_id_ISSN           2041-1723 
_citation.journal_id_CSD            ? 
_citation.book_publisher            ? 
_citation.pdbx_database_id_PubMed   25358815 
_citation.pdbx_database_id_DOI      10.1038/ncomms6322 
# 
loop_
_citation_author.citation_id 
_citation_author.name 
_citation_author.ordinal 
_citation_author.identifier_ORCID 
primary 'Maindola, P.'    1  ? 
primary 'Raina, R.'       2  ? 
primary 'Goyal, P.'       3  ? 
primary 'Atmakuri, K.'    4  ? 
primary 'Ojha, A.'        5  ? 
primary 'Gupta, S.'       6  ? 
primary 'Christie, P.J.'  7  ? 
primary 'Iyer, L.M.'      8  ? 
primary 'Aravind, L.'     9  ? 
primary 'Arockiasamy, A.' 10 ? 
# 
loop_
_entity.id 
_entity.type 
_entity.src_method 
_entity.pdbx_description 
_entity.formula_weight 
_entity.pdbx_number_of_molecules 
_entity.pdbx_ec 
_entity.pdbx_mutation 
_entity.pdbx_fragment 
_entity.details 
1 polymer     man 'Protein osa'          21001.391 1   ? R4W ? ? 
2 non-polymer syn 'PHOSPHATE ION'        94.971    2   ? ?   ? ? 
3 non-polymer syn 'GOLD (I) CYANIDE ION' 249.001   9   ? ?   ? ? 
4 non-polymer syn GLYCEROL               92.094    3   ? ?   ? ? 
5 water       nat water                  18.015    108 ? ?   ? ? 
# 
_entity_poly.entity_id                      1 
_entity_poly.type                           'polypeptide(L)' 
_entity_poly.nstd_linkage                   no 
_entity_poly.nstd_monomer                   no 
_entity_poly.pdbx_seq_one_letter_code       
;MLLWRRCRAWLEIRRLDKELAQSSGLPLELPQIVPNAWNEVVWRLPVPNHPDAFMTASNAAQSDFIVYVNGLAFYRAWLA
LGVEDSQACPLKQDMPKDRKYPSSAAHFAVGIDSPVPLADVSPTMILGHFAVCFTDGMTRSMWLLAHEVAVFPVLSRDEA
SAVMLAEHVGVAAPIQVSKLREQCRKIL
;
_entity_poly.pdbx_seq_one_letter_code_can   
;MLLWRRCRAWLEIRRLDKELAQSSGLPLELPQIVPNAWNEVVWRLPVPNHPDAFMTASNAAQSDFIVYVNGLAFYRAWLA
LGVEDSQACPLKQDMPKDRKYPSSAAHFAVGIDSPVPLADVSPTMILGHFAVCFTDGMTRSMWLLAHEVAVFPVLSRDEA
SAVMLAEHVGVAAPIQVSKLREQCRKIL
;
_entity_poly.pdbx_strand_id                 A 
_entity_poly.pdbx_target_identifier         ? 
# 
loop_
_pdbx_entity_nonpoly.entity_id 
_pdbx_entity_nonpoly.name 
_pdbx_entity_nonpoly.comp_id 
2 'PHOSPHATE ION'        PO4 
3 'GOLD (I) CYANIDE ION' AUC 
4 GLYCEROL               GOL 
5 water                  HOH 
# 
loop_
_entity_poly_seq.entity_id 
_entity_poly_seq.num 
_entity_poly_seq.mon_id 
_entity_poly_seq.hetero 
1 1   MET n 
1 2   LEU n 
1 3   LEU n 
1 4   TRP n 
1 5   ARG n 
1 6   ARG n 
1 7   CYS n 
1 8   ARG n 
1 9   ALA n 
1 10  TRP n 
1 11  LEU n 
1 12  GLU n 
1 13  ILE n 
1 14  ARG n 
1 15  ARG n 
1 16  LEU n 
1 17  ASP n 
1 18  LYS n 
1 19  GLU n 
1 20  LEU n 
1 21  ALA n 
1 22  GLN n 
1 23  SER n 
1 24  SER n 
1 25  GLY n 
1 26  LEU n 
1 27  PRO n 
1 28  LEU n 
1 29  GLU n 
1 30  LEU n 
1 31  PRO n 
1 32  GLN n 
1 33  ILE n 
1 34  VAL n 
1 35  PRO n 
1 36  ASN n 
1 37  ALA n 
1 38  TRP n 
1 39  ASN n 
1 40  GLU n 
1 41  VAL n 
1 42  VAL n 
1 43  TRP n 
1 44  ARG n 
1 45  LEU n 
1 46  PRO n 
1 47  VAL n 
1 48  PRO n 
1 49  ASN n 
1 50  HIS n 
1 51  PRO n 
1 52  ASP n 
1 53  ALA n 
1 54  PHE n 
1 55  MET n 
1 56  THR n 
1 57  ALA n 
1 58  SER n 
1 59  ASN n 
1 60  ALA n 
1 61  ALA n 
1 62  GLN n 
1 63  SER n 
1 64  ASP n 
1 65  PHE n 
1 66  ILE n 
1 67  VAL n 
1 68  TYR n 
1 69  VAL n 
1 70  ASN n 
1 71  GLY n 
1 72  LEU n 
1 73  ALA n 
1 74  PHE n 
1 75  TYR n 
1 76  ARG n 
1 77  ALA n 
1 78  TRP n 
1 79  LEU n 
1 80  ALA n 
1 81  LEU n 
1 82  GLY n 
1 83  VAL n 
1 84  GLU n 
1 85  ASP n 
1 86  SER n 
1 87  GLN n 
1 88  ALA n 
1 89  CYS n 
1 90  PRO n 
1 91  LEU n 
1 92  LYS n 
1 93  GLN n 
1 94  ASP n 
1 95  MET n 
1 96  PRO n 
1 97  LYS n 
1 98  ASP n 
1 99  ARG n 
1 100 LYS n 
1 101 TYR n 
1 102 PRO n 
1 103 SER n 
1 104 SER n 
1 105 ALA n 
1 106 ALA n 
1 107 HIS n 
1 108 PHE n 
1 109 ALA n 
1 110 VAL n 
1 111 GLY n 
1 112 ILE n 
1 113 ASP n 
1 114 SER n 
1 115 PRO n 
1 116 VAL n 
1 117 PRO n 
1 118 LEU n 
1 119 ALA n 
1 120 ASP n 
1 121 VAL n 
1 122 SER n 
1 123 PRO n 
1 124 THR n 
1 125 MET n 
1 126 ILE n 
1 127 LEU n 
1 128 GLY n 
1 129 HIS n 
1 130 PHE n 
1 131 ALA n 
1 132 VAL n 
1 133 CYS n 
1 134 PHE n 
1 135 THR n 
1 136 ASP n 
1 137 GLY n 
1 138 MET n 
1 139 THR n 
1 140 ARG n 
1 141 SER n 
1 142 MET n 
1 143 TRP n 
1 144 LEU n 
1 145 LEU n 
1 146 ALA n 
1 147 HIS n 
1 148 GLU n 
1 149 VAL n 
1 150 ALA n 
1 151 VAL n 
1 152 PHE n 
1 153 PRO n 
1 154 VAL n 
1 155 LEU n 
1 156 SER n 
1 157 ARG n 
1 158 ASP n 
1 159 GLU n 
1 160 ALA n 
1 161 SER n 
1 162 ALA n 
1 163 VAL n 
1 164 MET n 
1 165 LEU n 
1 166 ALA n 
1 167 GLU n 
1 168 HIS n 
1 169 VAL n 
1 170 GLY n 
1 171 VAL n 
1 172 ALA n 
1 173 ALA n 
1 174 PRO n 
1 175 ILE n 
1 176 GLN n 
1 177 VAL n 
1 178 SER n 
1 179 LYS n 
1 180 LEU n 
1 181 ARG n 
1 182 GLU n 
1 183 GLN n 
1 184 CYS n 
1 185 ARG n 
1 186 LYS n 
1 187 ILE n 
1 188 LEU n 
# 
_entity_src_gen.entity_id                          1 
_entity_src_gen.pdbx_src_id                        1 
_entity_src_gen.pdbx_alt_source_flag               sample 
_entity_src_gen.pdbx_seq_type                      ? 
_entity_src_gen.pdbx_beg_seq_num                   ? 
_entity_src_gen.pdbx_end_seq_num                   ? 
_entity_src_gen.gene_src_common_name               ? 
_entity_src_gen.gene_src_genus                     ? 
_entity_src_gen.pdbx_gene_src_gene                 osa 
_entity_src_gen.gene_src_species                   ? 
_entity_src_gen.gene_src_strain                    ? 
_entity_src_gen.gene_src_tissue                    ? 
_entity_src_gen.gene_src_tissue_fraction           ? 
_entity_src_gen.gene_src_details                   'IncW plasmid Sa (pSa)' 
_entity_src_gen.pdbx_gene_src_fragment             ? 
_entity_src_gen.pdbx_gene_src_scientific_name      'Shigella flexneri' 
_entity_src_gen.pdbx_gene_src_ncbi_taxonomy_id     623 
_entity_src_gen.pdbx_gene_src_variant              ? 
_entity_src_gen.pdbx_gene_src_cell_line            ? 
_entity_src_gen.pdbx_gene_src_atcc                 ? 
_entity_src_gen.pdbx_gene_src_organ                ? 
_entity_src_gen.pdbx_gene_src_organelle            ? 
_entity_src_gen.pdbx_gene_src_cell                 ? 
_entity_src_gen.pdbx_gene_src_cellular_location    ? 
_entity_src_gen.host_org_common_name               ? 
_entity_src_gen.pdbx_host_org_scientific_name      'Escherichia coli' 
_entity_src_gen.pdbx_host_org_ncbi_taxonomy_id     562 
_entity_src_gen.host_org_genus                     ? 
_entity_src_gen.pdbx_host_org_gene                 ? 
_entity_src_gen.pdbx_host_org_organ                ? 
_entity_src_gen.host_org_species                   ? 
_entity_src_gen.pdbx_host_org_tissue               ? 
_entity_src_gen.pdbx_host_org_tissue_fraction      ? 
_entity_src_gen.pdbx_host_org_strain               'BL21(DE3)pLysS' 
_entity_src_gen.pdbx_host_org_variant              ? 
_entity_src_gen.pdbx_host_org_cell_line            ? 
_entity_src_gen.pdbx_host_org_atcc                 ? 
_entity_src_gen.pdbx_host_org_culture_collection   ? 
_entity_src_gen.pdbx_host_org_cell                 ? 
_entity_src_gen.pdbx_host_org_organelle            ? 
_entity_src_gen.pdbx_host_org_cellular_location    ? 
_entity_src_gen.pdbx_host_org_vector_type          plasmid 
_entity_src_gen.pdbx_host_org_vector               ? 
_entity_src_gen.host_org_details                   ? 
_entity_src_gen.expression_system_id               ? 
_entity_src_gen.plasmid_name                       ? 
_entity_src_gen.plasmid_details                    ? 
_entity_src_gen.pdbx_description                   ? 
# 
loop_
_chem_comp.id 
_chem_comp.type 
_chem_comp.mon_nstd_flag 
_chem_comp.name 
_chem_comp.pdbx_synonyms 
_chem_comp.formula 
_chem_comp.formula_weight 
ALA 'L-peptide linking' y ALANINE                ?                               'C3 H7 N O2'     89.093  
ARG 'L-peptide linking' y ARGININE               ?                               'C6 H15 N4 O2 1' 175.209 
ASN 'L-peptide linking' y ASPARAGINE             ?                               'C4 H8 N2 O3'    132.118 
ASP 'L-peptide linking' y 'ASPARTIC ACID'        ?                               'C4 H7 N O4'     133.103 
AUC non-polymer         . 'GOLD (I) CYANIDE ION' ?                               'C2 Au N2'       249.001 
CYS 'L-peptide linking' y CYSTEINE               ?                               'C3 H7 N O2 S'   121.158 
GLN 'L-peptide linking' y GLUTAMINE              ?                               'C5 H10 N2 O3'   146.144 
GLU 'L-peptide linking' y 'GLUTAMIC ACID'        ?                               'C5 H9 N O4'     147.129 
GLY 'peptide linking'   y GLYCINE                ?                               'C2 H5 N O2'     75.067  
GOL non-polymer         . GLYCEROL               'GLYCERIN; PROPANE-1,2,3-TRIOL' 'C3 H8 O3'       92.094  
HIS 'L-peptide linking' y HISTIDINE              ?                               'C6 H10 N3 O2 1' 156.162 
HOH non-polymer         . WATER                  ?                               'H2 O'           18.015  
ILE 'L-peptide linking' y ISOLEUCINE             ?                               'C6 H13 N O2'    131.173 
LEU 'L-peptide linking' y LEUCINE                ?                               'C6 H13 N O2'    131.173 
LYS 'L-peptide linking' y LYSINE                 ?                               'C6 H15 N2 O2 1' 147.195 
MET 'L-peptide linking' y METHIONINE             ?                               'C5 H11 N O2 S'  149.211 
PHE 'L-peptide linking' y PHENYLALANINE          ?                               'C9 H11 N O2'    165.189 
PO4 non-polymer         . 'PHOSPHATE ION'        ?                               'O4 P -3'        94.971  
PRO 'L-peptide linking' y PROLINE                ?                               'C5 H9 N O2'     115.130 
SER 'L-peptide linking' y SERINE                 ?                               'C3 H7 N O3'     105.093 
THR 'L-peptide linking' y THREONINE              ?                               'C4 H9 N O3'     119.119 
TRP 'L-peptide linking' y TRYPTOPHAN             ?                               'C11 H12 N2 O2'  204.225 
TYR 'L-peptide linking' y TYROSINE               ?                               'C9 H11 N O3'    181.189 
VAL 'L-peptide linking' y VALINE                 ?                               'C5 H11 N O2'    117.146 
# 
loop_
_pdbx_poly_seq_scheme.asym_id 
_pdbx_poly_seq_scheme.entity_id 
_pdbx_poly_seq_scheme.seq_id 
_pdbx_poly_seq_scheme.mon_id 
_pdbx_poly_seq_scheme.ndb_seq_num 
_pdbx_poly_seq_scheme.pdb_seq_num 
_pdbx_poly_seq_scheme.auth_seq_num 
_pdbx_poly_seq_scheme.pdb_mon_id 
_pdbx_poly_seq_scheme.auth_mon_id 
_pdbx_poly_seq_scheme.pdb_strand_id 
_pdbx_poly_seq_scheme.pdb_ins_code 
_pdbx_poly_seq_scheme.hetero 
A 1 1   MET 1   1   1   MET MET A . n 
A 1 2   LEU 2   2   2   LEU LEU A . n 
A 1 3   LEU 3   3   3   LEU LEU A . n 
A 1 4   TRP 4   4   4   TRP TRP A . n 
A 1 5   ARG 5   5   5   ARG ARG A . n 
A 1 6   ARG 6   6   6   ARG ARG A . n 
A 1 7   CYS 7   7   7   CYS CYS A . n 
A 1 8   ARG 8   8   8   ARG ARG A . n 
A 1 9   ALA 9   9   9   ALA ALA A . n 
A 1 10  TRP 10  10  10  TRP TRP A . n 
A 1 11  LEU 11  11  11  LEU LEU A . n 
A 1 12  GLU 12  12  12  GLU GLU A . n 
A 1 13  ILE 13  13  13  ILE ILE A . n 
A 1 14  ARG 14  14  14  ARG ARG A . n 
A 1 15  ARG 15  15  15  ARG ARG A . n 
A 1 16  LEU 16  16  16  LEU LEU A . n 
A 1 17  ASP 17  17  17  ASP ASP A . n 
A 1 18  LYS 18  18  18  LYS LYS A . n 
A 1 19  GLU 19  19  19  GLU GLU A . n 
A 1 20  LEU 20  20  20  LEU LEU A . n 
A 1 21  ALA 21  21  21  ALA ALA A . n 
A 1 22  GLN 22  22  22  GLN GLN A . n 
A 1 23  SER 23  23  23  SER SER A . n 
A 1 24  SER 24  24  24  SER SER A . n 
A 1 25  GLY 25  25  25  GLY GLY A . n 
A 1 26  LEU 26  26  26  LEU LEU A . n 
A 1 27  PRO 27  27  27  PRO PRO A . n 
A 1 28  LEU 28  28  28  LEU LEU A . n 
A 1 29  GLU 29  29  29  GLU GLU A . n 
A 1 30  LEU 30  30  30  LEU LEU A . n 
A 1 31  PRO 31  31  31  PRO PRO A . n 
A 1 32  GLN 32  32  32  GLN GLN A . n 
A 1 33  ILE 33  33  33  ILE ILE A . n 
A 1 34  VAL 34  34  34  VAL VAL A . n 
A 1 35  PRO 35  35  35  PRO PRO A . n 
A 1 36  ASN 36  36  36  ASN ASN A . n 
A 1 37  ALA 37  37  37  ALA ALA A . n 
A 1 38  TRP 38  38  38  TRP TRP A . n 
A 1 39  ASN 39  39  39  ASN ASN A . n 
A 1 40  GLU 40  40  40  GLU GLU A . n 
A 1 41  VAL 41  41  41  VAL VAL A . n 
A 1 42  VAL 42  42  42  VAL VAL A . n 
A 1 43  TRP 43  43  43  TRP TRP A . n 
A 1 44  ARG 44  44  44  ARG ARG A . n 
A 1 45  LEU 45  45  45  LEU LEU A . n 
A 1 46  PRO 46  46  46  PRO PRO A . n 
A 1 47  VAL 47  47  47  VAL VAL A . n 
A 1 48  PRO 48  48  48  PRO PRO A . n 
A 1 49  ASN 49  49  49  ASN ASN A . n 
A 1 50  HIS 50  50  50  HIS HIS A . n 
A 1 51  PRO 51  51  51  PRO PRO A . n 
A 1 52  ASP 52  52  52  ASP ASP A . n 
A 1 53  ALA 53  53  53  ALA ALA A . n 
A 1 54  PHE 54  54  54  PHE PHE A . n 
A 1 55  MET 55  55  55  MET MET A . n 
A 1 56  THR 56  56  56  THR THR A . n 
A 1 57  ALA 57  57  57  ALA ALA A . n 
A 1 58  SER 58  58  58  SER SER A . n 
A 1 59  ASN 59  59  59  ASN ASN A . n 
A 1 60  ALA 60  60  60  ALA ALA A . n 
A 1 61  ALA 61  61  61  ALA ALA A . n 
A 1 62  GLN 62  62  62  GLN GLN A . n 
A 1 63  SER 63  63  63  SER SER A . n 
A 1 64  ASP 64  64  64  ASP ASP A . n 
A 1 65  PHE 65  65  65  PHE PHE A . n 
A 1 66  ILE 66  66  66  ILE ILE A . n 
A 1 67  VAL 67  67  67  VAL VAL A . n 
A 1 68  TYR 68  68  68  TYR TYR A . n 
A 1 69  VAL 69  69  69  VAL VAL A . n 
A 1 70  ASN 70  70  70  ASN ASN A . n 
A 1 71  GLY 71  71  71  GLY GLY A . n 
A 1 72  LEU 72  72  72  LEU LEU A . n 
A 1 73  ALA 73  73  73  ALA ALA A . n 
A 1 74  PHE 74  74  74  PHE PHE A . n 
A 1 75  TYR 75  75  75  TYR TYR A . n 
A 1 76  ARG 76  76  76  ARG ARG A . n 
A 1 77  ALA 77  77  77  ALA ALA A . n 
A 1 78  TRP 78  78  78  TRP TRP A . n 
A 1 79  LEU 79  79  79  LEU LEU A . n 
A 1 80  ALA 80  80  80  ALA ALA A . n 
A 1 81  LEU 81  81  81  LEU LEU A . n 
A 1 82  GLY 82  82  82  GLY GLY A . n 
A 1 83  VAL 83  83  83  VAL VAL A . n 
A 1 84  GLU 84  84  84  GLU GLU A . n 
A 1 85  ASP 85  85  85  ASP ASP A . n 
A 1 86  SER 86  86  86  SER SER A . n 
A 1 87  GLN 87  87  87  GLN GLN A . n 
A 1 88  ALA 88  88  88  ALA ALA A . n 
A 1 89  CYS 89  89  89  CYS CYS A . n 
A 1 90  PRO 90  90  90  PRO PRO A . n 
A 1 91  LEU 91  91  91  LEU LEU A . n 
A 1 92  LYS 92  92  92  LYS LYS A . n 
A 1 93  GLN 93  93  93  GLN GLN A . n 
A 1 94  ASP 94  94  94  ASP ASP A . n 
A 1 95  MET 95  95  95  MET MET A . n 
A 1 96  PRO 96  96  96  PRO PRO A . n 
A 1 97  LYS 97  97  97  LYS LYS A . n 
A 1 98  ASP 98  98  98  ASP ASP A . n 
A 1 99  ARG 99  99  99  ARG ARG A . n 
A 1 100 LYS 100 100 100 LYS LYS A . n 
A 1 101 TYR 101 101 101 TYR TYR A . n 
A 1 102 PRO 102 102 102 PRO PRO A . n 
A 1 103 SER 103 103 103 SER SER A . n 
A 1 104 SER 104 104 104 SER SER A . n 
A 1 105 ALA 105 105 105 ALA ALA A . n 
A 1 106 ALA 106 106 106 ALA ALA A . n 
A 1 107 HIS 107 107 107 HIS HIS A . n 
A 1 108 PHE 108 108 108 PHE PHE A . n 
A 1 109 ALA 109 109 109 ALA ALA A . n 
A 1 110 VAL 110 110 110 VAL VAL A . n 
A 1 111 GLY 111 111 111 GLY GLY A . n 
A 1 112 ILE 112 112 112 ILE ILE A . n 
A 1 113 ASP 113 113 113 ASP ASP A . n 
A 1 114 SER 114 114 114 SER SER A . n 
A 1 115 PRO 115 115 115 PRO PRO A . n 
A 1 116 VAL 116 116 116 VAL VAL A . n 
A 1 117 PRO 117 117 117 PRO PRO A . n 
A 1 118 LEU 118 118 118 LEU LEU A . n 
A 1 119 ALA 119 119 119 ALA ALA A . n 
A 1 120 ASP 120 120 120 ASP ASP A . n 
A 1 121 VAL 121 121 121 VAL VAL A . n 
A 1 122 SER 122 122 122 SER SER A . n 
A 1 123 PRO 123 123 123 PRO PRO A . n 
A 1 124 THR 124 124 124 THR THR A . n 
A 1 125 MET 125 125 125 MET MET A . n 
A 1 126 ILE 126 126 126 ILE ILE A . n 
A 1 127 LEU 127 127 127 LEU LEU A . n 
A 1 128 GLY 128 128 128 GLY GLY A . n 
A 1 129 HIS 129 129 129 HIS HIS A . n 
A 1 130 PHE 130 130 130 PHE PHE A . n 
A 1 131 ALA 131 131 131 ALA ALA A . n 
A 1 132 VAL 132 132 132 VAL VAL A . n 
A 1 133 CYS 133 133 133 CYS CYS A . n 
A 1 134 PHE 134 134 134 PHE PHE A . n 
A 1 135 THR 135 135 135 THR THR A . n 
A 1 136 ASP 136 136 136 ASP ASP A . n 
A 1 137 GLY 137 137 137 GLY GLY A . n 
A 1 138 MET 138 138 138 MET MET A . n 
A 1 139 THR 139 139 139 THR THR A . n 
A 1 140 ARG 140 140 140 ARG ARG A . n 
A 1 141 SER 141 141 141 SER SER A . n 
A 1 142 MET 142 142 142 MET MET A . n 
A 1 143 TRP 143 143 143 TRP TRP A . n 
A 1 144 LEU 144 144 144 LEU LEU A . n 
A 1 145 LEU 145 145 145 LEU LEU A . n 
A 1 146 ALA 146 146 146 ALA ALA A . n 
A 1 147 HIS 147 147 147 HIS HIS A . n 
A 1 148 GLU 148 148 148 GLU GLU A . n 
A 1 149 VAL 149 149 149 VAL VAL A . n 
A 1 150 ALA 150 150 150 ALA ALA A . n 
A 1 151 VAL 151 151 151 VAL VAL A . n 
A 1 152 PHE 152 152 152 PHE PHE A . n 
A 1 153 PRO 153 153 153 PRO PRO A . n 
A 1 154 VAL 154 154 154 VAL VAL A . n 
A 1 155 LEU 155 155 155 LEU LEU A . n 
A 1 156 SER 156 156 156 SER SER A . n 
A 1 157 ARG 157 157 157 ARG ARG A . n 
A 1 158 ASP 158 158 158 ASP ASP A . n 
A 1 159 GLU 159 159 159 GLU GLU A . n 
A 1 160 ALA 160 160 160 ALA ALA A . n 
A 1 161 SER 161 161 161 SER SER A . n 
A 1 162 ALA 162 162 162 ALA ALA A . n 
A 1 163 VAL 163 163 163 VAL VAL A . n 
A 1 164 MET 164 164 164 MET MET A . n 
A 1 165 LEU 165 165 165 LEU LEU A . n 
A 1 166 ALA 166 166 166 ALA ALA A . n 
A 1 167 GLU 167 167 167 GLU GLU A . n 
A 1 168 HIS 168 168 168 HIS HIS A . n 
A 1 169 VAL 169 169 169 VAL VAL A . n 
A 1 170 GLY 170 170 170 GLY GLY A . n 
A 1 171 VAL 171 171 171 VAL VAL A . n 
A 1 172 ALA 172 172 172 ALA ALA A . n 
A 1 173 ALA 173 173 173 ALA ALA A . n 
A 1 174 PRO 174 174 174 PRO PRO A . n 
A 1 175 ILE 175 175 175 ILE ILE A . n 
A 1 176 GLN 176 176 176 GLN GLN A . n 
A 1 177 VAL 177 177 177 VAL VAL A . n 
A 1 178 SER 178 178 178 SER SER A . n 
A 1 179 LYS 179 179 179 LYS LYS A . n 
A 1 180 LEU 180 180 180 LEU LEU A . n 
A 1 181 ARG 181 181 181 ARG ARG A . n 
A 1 182 GLU 182 182 182 GLU GLU A . n 
A 1 183 GLN 183 183 183 GLN GLN A . n 
A 1 184 CYS 184 184 184 CYS CYS A . n 
A 1 185 ARG 185 185 185 ARG ARG A . n 
A 1 186 LYS 186 186 186 LYS LYS A . n 
A 1 187 ILE 187 187 187 ILE ILE A . n 
A 1 188 LEU 188 188 188 LEU LEU A . n 
# 
loop_
_pdbx_nonpoly_scheme.asym_id 
_pdbx_nonpoly_scheme.entity_id 
_pdbx_nonpoly_scheme.mon_id 
_pdbx_nonpoly_scheme.ndb_seq_num 
_pdbx_nonpoly_scheme.pdb_seq_num 
_pdbx_nonpoly_scheme.auth_seq_num 
_pdbx_nonpoly_scheme.pdb_mon_id 
_pdbx_nonpoly_scheme.auth_mon_id 
_pdbx_nonpoly_scheme.pdb_strand_id 
_pdbx_nonpoly_scheme.pdb_ins_code 
B 2 PO4 1   201 1   PO4 PO4 A . 
C 2 PO4 1   202 2   PO4 PO4 A . 
D 3 AUC 1   203 1   AUC AUC A . 
E 3 AUC 1   204 2   AUC AUC A . 
F 3 AUC 1   205 3   AUC AUC A . 
G 3 AUC 1   206 4   AUC AUC A . 
H 3 AUC 1   207 5   AUC AUC A . 
I 3 AUC 1   208 6   AUC AUC A . 
J 3 AUC 1   209 7   AUC AUC A . 
K 3 AUC 1   210 8   AUC AUC A . 
L 3 AUC 1   211 9   AUC AUC A . 
M 4 GOL 1   212 1   GOL GOL A . 
N 4 GOL 1   213 2   GOL GOL A . 
O 4 GOL 1   214 3   GOL GOL A . 
P 5 HOH 1   301 1   HOH HOH A . 
P 5 HOH 2   302 2   HOH HOH A . 
P 5 HOH 3   303 3   HOH HOH A . 
P 5 HOH 4   304 4   HOH HOH A . 
P 5 HOH 5   305 5   HOH HOH A . 
P 5 HOH 6   306 6   HOH HOH A . 
P 5 HOH 7   307 7   HOH HOH A . 
P 5 HOH 8   308 8   HOH HOH A . 
P 5 HOH 9   309 9   HOH HOH A . 
P 5 HOH 10  310 10  HOH HOH A . 
P 5 HOH 11  311 11  HOH HOH A . 
P 5 HOH 12  312 12  HOH HOH A . 
P 5 HOH 13  313 13  HOH HOH A . 
P 5 HOH 14  314 14  HOH HOH A . 
P 5 HOH 15  315 15  HOH HOH A . 
P 5 HOH 16  316 16  HOH HOH A . 
P 5 HOH 17  317 17  HOH HOH A . 
P 5 HOH 18  318 18  HOH HOH A . 
P 5 HOH 19  319 19  HOH HOH A . 
P 5 HOH 20  320 20  HOH HOH A . 
P 5 HOH 21  321 21  HOH HOH A . 
P 5 HOH 22  322 22  HOH HOH A . 
P 5 HOH 23  323 23  HOH HOH A . 
P 5 HOH 24  324 24  HOH HOH A . 
P 5 HOH 25  325 25  HOH HOH A . 
P 5 HOH 26  326 26  HOH HOH A . 
P 5 HOH 27  327 27  HOH HOH A . 
P 5 HOH 28  328 28  HOH HOH A . 
P 5 HOH 29  329 29  HOH HOH A . 
P 5 HOH 30  330 30  HOH HOH A . 
P 5 HOH 31  331 31  HOH HOH A . 
P 5 HOH 32  332 32  HOH HOH A . 
P 5 HOH 33  333 33  HOH HOH A . 
P 5 HOH 34  334 34  HOH HOH A . 
P 5 HOH 35  335 35  HOH HOH A . 
P 5 HOH 36  336 36  HOH HOH A . 
P 5 HOH 37  337 37  HOH HOH A . 
P 5 HOH 38  338 38  HOH HOH A . 
P 5 HOH 39  339 39  HOH HOH A . 
P 5 HOH 40  340 40  HOH HOH A . 
P 5 HOH 41  341 41  HOH HOH A . 
P 5 HOH 42  342 42  HOH HOH A . 
P 5 HOH 43  343 43  HOH HOH A . 
P 5 HOH 44  344 44  HOH HOH A . 
P 5 HOH 45  345 45  HOH HOH A . 
P 5 HOH 46  346 46  HOH HOH A . 
P 5 HOH 47  347 47  HOH HOH A . 
P 5 HOH 48  348 48  HOH HOH A . 
P 5 HOH 49  349 49  HOH HOH A . 
P 5 HOH 50  350 50  HOH HOH A . 
P 5 HOH 51  351 51  HOH HOH A . 
P 5 HOH 52  352 52  HOH HOH A . 
P 5 HOH 53  353 53  HOH HOH A . 
P 5 HOH 54  354 54  HOH HOH A . 
P 5 HOH 55  355 55  HOH HOH A . 
P 5 HOH 56  356 56  HOH HOH A . 
P 5 HOH 57  357 57  HOH HOH A . 
P 5 HOH 58  358 58  HOH HOH A . 
P 5 HOH 59  359 59  HOH HOH A . 
P 5 HOH 60  360 60  HOH HOH A . 
P 5 HOH 61  361 61  HOH HOH A . 
P 5 HOH 62  362 62  HOH HOH A . 
P 5 HOH 63  363 63  HOH HOH A . 
P 5 HOH 64  364 64  HOH HOH A . 
P 5 HOH 65  365 65  HOH HOH A . 
P 5 HOH 66  366 66  HOH HOH A . 
P 5 HOH 67  367 67  HOH HOH A . 
P 5 HOH 68  368 68  HOH HOH A . 
P 5 HOH 69  369 69  HOH HOH A . 
P 5 HOH 70  370 70  HOH HOH A . 
P 5 HOH 71  371 71  HOH HOH A . 
P 5 HOH 72  372 72  HOH HOH A . 
P 5 HOH 73  373 73  HOH HOH A . 
P 5 HOH 74  374 74  HOH HOH A . 
P 5 HOH 75  375 75  HOH HOH A . 
P 5 HOH 76  376 76  HOH HOH A . 
P 5 HOH 77  377 77  HOH HOH A . 
P 5 HOH 78  378 78  HOH HOH A . 
P 5 HOH 79  379 79  HOH HOH A . 
P 5 HOH 80  380 80  HOH HOH A . 
P 5 HOH 81  381 81  HOH HOH A . 
P 5 HOH 82  382 82  HOH HOH A . 
P 5 HOH 83  383 83  HOH HOH A . 
P 5 HOH 84  384 84  HOH HOH A . 
P 5 HOH 85  385 85  HOH HOH A . 
P 5 HOH 86  386 86  HOH HOH A . 
P 5 HOH 87  387 87  HOH HOH A . 
P 5 HOH 88  388 88  HOH HOH A . 
P 5 HOH 89  389 89  HOH HOH A . 
P 5 HOH 90  390 90  HOH HOH A . 
P 5 HOH 91  391 91  HOH HOH A . 
P 5 HOH 92  392 92  HOH HOH A . 
P 5 HOH 93  393 93  HOH HOH A . 
P 5 HOH 94  394 94  HOH HOH A . 
P 5 HOH 95  395 95  HOH HOH A . 
P 5 HOH 96  396 96  HOH HOH A . 
P 5 HOH 97  397 97  HOH HOH A . 
P 5 HOH 98  398 98  HOH HOH A . 
P 5 HOH 99  399 99  HOH HOH A . 
P 5 HOH 100 400 100 HOH HOH A . 
P 5 HOH 101 401 101 HOH HOH A . 
P 5 HOH 102 402 102 HOH HOH A . 
P 5 HOH 103 403 103 HOH HOH A . 
P 5 HOH 104 404 104 HOH HOH A . 
P 5 HOH 105 405 105 HOH HOH A . 
P 5 HOH 106 406 106 HOH HOH A . 
P 5 HOH 107 407 107 HOH HOH A . 
P 5 HOH 108 408 108 HOH HOH A . 
# 
loop_
_pdbx_unobs_or_zero_occ_atoms.id 
_pdbx_unobs_or_zero_occ_atoms.PDB_model_num 
_pdbx_unobs_or_zero_occ_atoms.polymer_flag 
_pdbx_unobs_or_zero_occ_atoms.occupancy_flag 
_pdbx_unobs_or_zero_occ_atoms.auth_asym_id 
_pdbx_unobs_or_zero_occ_atoms.auth_comp_id 
_pdbx_unobs_or_zero_occ_atoms.auth_seq_id 
_pdbx_unobs_or_zero_occ_atoms.PDB_ins_code 
_pdbx_unobs_or_zero_occ_atoms.auth_atom_id 
_pdbx_unobs_or_zero_occ_atoms.label_alt_id 
_pdbx_unobs_or_zero_occ_atoms.label_asym_id 
_pdbx_unobs_or_zero_occ_atoms.label_comp_id 
_pdbx_unobs_or_zero_occ_atoms.label_seq_id 
_pdbx_unobs_or_zero_occ_atoms.label_atom_id 
1  1 Y 1 A MET 1   ? CG  ? A MET 1   CG  
2  1 Y 1 A MET 1   ? SD  ? A MET 1   SD  
3  1 Y 1 A MET 1   ? CE  ? A MET 1   CE  
4  1 Y 1 A ARG 8   ? NE  ? A ARG 8   NE  
5  1 Y 1 A ARG 8   ? CZ  ? A ARG 8   CZ  
6  1 Y 1 A ARG 8   ? NH1 ? A ARG 8   NH1 
7  1 Y 1 A ARG 8   ? NH2 ? A ARG 8   NH2 
8  1 Y 1 A ARG 14  ? NH1 ? A ARG 14  NH1 
9  1 Y 1 A GLN 22  ? CD  ? A GLN 22  CD  
10 1 Y 1 A GLN 22  ? OE1 ? A GLN 22  OE1 
11 1 Y 1 A GLN 22  ? NE2 ? A GLN 22  NE2 
12 1 Y 1 A TRP 38  ? CG  ? A TRP 38  CG  
13 1 Y 1 A TRP 38  ? CD1 ? A TRP 38  CD1 
14 1 Y 1 A TRP 38  ? CD2 ? A TRP 38  CD2 
15 1 Y 1 A TRP 38  ? NE1 ? A TRP 38  NE1 
16 1 Y 1 A TRP 38  ? CE2 ? A TRP 38  CE2 
17 1 Y 1 A TRP 38  ? CE3 ? A TRP 38  CE3 
18 1 Y 1 A TRP 38  ? CZ2 ? A TRP 38  CZ2 
19 1 Y 1 A TRP 38  ? CZ3 ? A TRP 38  CZ3 
20 1 Y 1 A TRP 38  ? CH2 ? A TRP 38  CH2 
21 1 Y 1 A ASN 39  ? CG  ? A ASN 39  CG  
22 1 Y 1 A ASN 39  ? OD1 ? A ASN 39  OD1 
23 1 Y 1 A ASN 39  ? ND2 ? A ASN 39  ND2 
24 1 Y 1 A GLU 84  ? CG  ? A GLU 84  CG  
25 1 Y 1 A GLU 84  ? CD  ? A GLU 84  CD  
26 1 Y 1 A GLU 84  ? OE1 ? A GLU 84  OE1 
27 1 Y 1 A GLU 84  ? OE2 ? A GLU 84  OE2 
28 1 Y 1 A ARG 99  ? CD  ? A ARG 99  CD  
29 1 Y 1 A ARG 99  ? NE  ? A ARG 99  NE  
30 1 Y 1 A ARG 99  ? CZ  ? A ARG 99  CZ  
31 1 Y 1 A ARG 99  ? NH1 ? A ARG 99  NH1 
32 1 Y 1 A ARG 99  ? NH2 ? A ARG 99  NH2 
33 1 Y 1 A GLU 182 ? CG  ? A GLU 182 CG  
34 1 Y 1 A GLU 182 ? CD  ? A GLU 182 CD  
35 1 Y 1 A GLU 182 ? OE1 ? A GLU 182 OE1 
36 1 Y 1 A GLU 182 ? OE2 ? A GLU 182 OE2 
37 1 Y 1 A GLN 183 ? CD  ? A GLN 183 CD  
38 1 Y 1 A GLN 183 ? OE1 ? A GLN 183 OE1 
39 1 Y 1 A GLN 183 ? NE2 ? A GLN 183 NE2 
40 1 Y 1 A ARG 185 ? CD  ? A ARG 185 CD  
41 1 Y 1 A ARG 185 ? NE  ? A ARG 185 NE  
42 1 Y 1 A ARG 185 ? CZ  ? A ARG 185 CZ  
43 1 Y 1 A ARG 185 ? NH1 ? A ARG 185 NH1 
44 1 Y 1 A ARG 185 ? NH2 ? A ARG 185 NH2 
45 1 Y 1 A LYS 186 ? CD  ? A LYS 186 CD  
46 1 Y 1 A LYS 186 ? CE  ? A LYS 186 CE  
47 1 Y 1 A LYS 186 ? NZ  ? A LYS 186 NZ  
48 1 N 1 A AUC 204 ? N1  ? E AUC 1   N1  
49 1 N 1 A AUC 204 ? N2  ? E AUC 1   N2  
50 1 N 1 A AUC 205 ? C1  ? F AUC 1   C1  
51 1 N 1 A AUC 205 ? N1  ? F AUC 1   N1  
52 1 N 1 A AUC 206 ? C1  ? G AUC 1   C1  
53 1 N 1 A AUC 206 ? N1  ? G AUC 1   N1  
54 1 N 1 A AUC 207 ? C1  ? H AUC 1   C1  
55 1 N 1 A AUC 207 ? N1  ? H AUC 1   N1  
56 1 N 1 A AUC 207 ? C2  ? H AUC 1   C2  
57 1 N 1 A AUC 207 ? N2  ? H AUC 1   N2  
58 1 N 1 A AUC 209 ? C1  ? J AUC 1   C1  
59 1 N 1 A AUC 209 ? N1  ? J AUC 1   N1  
60 1 N 1 A AUC 209 ? C2  ? J AUC 1   C2  
61 1 N 1 A AUC 209 ? N2  ? J AUC 1   N2  
62 1 N 1 A AUC 210 ? C1  ? K AUC 1   C1  
63 1 N 1 A AUC 210 ? N1  ? K AUC 1   N1  
64 1 N 1 A AUC 210 ? C2  ? K AUC 1   C2  
65 1 N 1 A AUC 210 ? N2  ? K AUC 1   N2  
# 
loop_
_software.name 
_software.classification 
_software.version 
_software.citation_id 
_software.pdbx_ordinal 
MAR345dtb 'data collection' .                             ? 1 
SHELX     'model building'  CDE                           ? 2 
PHENIX    refinement        '(phenix.refine: 1.8.1_1168)' ? 3 
HKL-2000  'data reduction'  .                             ? 4 
HKL-2000  'data scaling'    .                             ? 5 
SHELX     phasing           CDE                           ? 6 
# 
_cell.entry_id           4OVB 
_cell.length_a           60.997 
_cell.length_b           60.997 
_cell.length_c           126.948 
_cell.angle_alpha        90.00 
_cell.angle_beta         90.00 
_cell.angle_gamma        90.00 
_cell.Z_PDB              8 
_cell.pdbx_unique_axis   ? 
_cell.length_a_esd       ? 
_cell.length_b_esd       ? 
_cell.length_c_esd       ? 
_cell.angle_alpha_esd    ? 
_cell.angle_beta_esd     ? 
_cell.angle_gamma_esd    ? 
# 
_symmetry.entry_id                         4OVB 
_symmetry.space_group_name_H-M             'P 43 21 2' 
_symmetry.pdbx_full_space_group_name_H-M   ? 
_symmetry.cell_setting                     ? 
_symmetry.Int_Tables_number                96 
_symmetry.space_group_name_Hall            ? 
# 
_exptl.entry_id          4OVB 
_exptl.method            'X-RAY DIFFRACTION' 
_exptl.crystals_number   1 
# 
_exptl_crystal.id                    1 
_exptl_crystal.density_meas          ? 
_exptl_crystal.density_Matthews      2.81 
_exptl_crystal.density_percent_sol   56.25 
_exptl_crystal.description           ? 
_exptl_crystal.F_000                 ? 
_exptl_crystal.preparation           ? 
# 
_exptl_crystal_grow.crystal_id      1 
_exptl_crystal_grow.method          'VAPOR DIFFUSION' 
_exptl_crystal_grow.temp            293 
_exptl_crystal_grow.temp_details    ? 
_exptl_crystal_grow.pH              4.2 
_exptl_crystal_grow.pdbx_details    
'10% Isopropanol, 0.5M lithium sulphate, 0.1M phosphate-citrate buffer pH 4.2, 0.2M NDSB-201, VAPOR DIFFUSION, temperature 293K' 
_exptl_crystal_grow.pdbx_pH_range   . 
# 
_diffrn.id                     1 
_diffrn.ambient_temp           100 
_diffrn.ambient_temp_details   ? 
_diffrn.crystal_id             1 
# 
_diffrn_detector.diffrn_id              1 
_diffrn_detector.detector               'IMAGE PLATE' 
_diffrn_detector.type                   'MAR scanner 345 mm plate' 
_diffrn_detector.pdbx_collection_date   2007-08-31 
_diffrn_detector.details                VariMax 
# 
_diffrn_radiation.diffrn_id                        1 
_diffrn_radiation.wavelength_id                    1 
_diffrn_radiation.pdbx_monochromatic_or_laue_m_l   M 
_diffrn_radiation.monochromator                    'SAGITALLY FOCUSED Si(111)' 
_diffrn_radiation.pdbx_diffrn_protocol             'SINGLE WAVELENGTH' 
_diffrn_radiation.pdbx_scattering_type             x-ray 
# 
_diffrn_radiation_wavelength.id           1 
_diffrn_radiation_wavelength.wavelength   1.5418 
_diffrn_radiation_wavelength.wt           1.0 
# 
_diffrn_source.diffrn_id                   1 
_diffrn_source.source                      'ROTATING ANODE' 
_diffrn_source.type                        'RIGAKU MICROMAX-007' 
_diffrn_source.pdbx_synchrotron_site       ? 
_diffrn_source.pdbx_synchrotron_beamline   ? 
_diffrn_source.pdbx_wavelength             ? 
_diffrn_source.pdbx_wavelength_list        1.5418 
# 
_reflns.entry_id                     4OVB 
_reflns.observed_criterion_sigma_I   0 
_reflns.observed_criterion_sigma_F   0 
_reflns.d_resolution_low             50.00 
_reflns.d_resolution_high            2.03 
_reflns.number_obs                   15539 
_reflns.number_all                   16254 
_reflns.percent_possible_obs         95.6 
_reflns.pdbx_Rmerge_I_obs            0.071 
_reflns.pdbx_Rsym_value              ? 
_reflns.pdbx_netI_over_sigmaI        61.21 
_reflns.B_iso_Wilson_estimate        ? 
_reflns.pdbx_redundancy              46.2 
_reflns.R_free_details               ? 
_reflns.limit_h_max                  ? 
_reflns.limit_h_min                  ? 
_reflns.limit_k_max                  ? 
_reflns.limit_k_min                  ? 
_reflns.limit_l_max                  ? 
_reflns.limit_l_min                  ? 
_reflns.observed_criterion_F_max     ? 
_reflns.observed_criterion_F_min     ? 
_reflns.pdbx_chi_squared             ? 
_reflns.pdbx_scaling_rejects         ? 
_reflns.pdbx_ordinal                 1 
_reflns.pdbx_diffrn_id               1 
# 
_reflns_shell.d_res_high                  2.03 
_reflns_shell.d_res_low                   2.10 
_reflns_shell.percent_possible_all        85.1 
_reflns_shell.Rmerge_I_obs                0.548 
_reflns_shell.pdbx_Rsym_value             ? 
_reflns_shell.meanI_over_sigI_obs         ? 
_reflns_shell.pdbx_redundancy             23.3 
_reflns_shell.percent_possible_obs        ? 
_reflns_shell.number_unique_all           ? 
_reflns_shell.number_measured_all         ? 
_reflns_shell.number_measured_obs         ? 
_reflns_shell.number_unique_obs           ? 
_reflns_shell.pdbx_chi_squared            ? 
_reflns_shell.pdbx_rejects                ? 
_reflns_shell.pdbx_netI_over_sigmaI_obs   ? 
_reflns_shell.number_possible             ? 
_reflns_shell.Rmerge_F_all                ? 
_reflns_shell.Rmerge_F_obs                ? 
_reflns_shell.Rmerge_I_all                ? 
_reflns_shell.meanI_over_sigI_all         ? 
_reflns_shell.pdbx_Rrim_I_all             ? 
_reflns_shell.pdbx_Rpim_I_all             ? 
_reflns_shell.pdbx_ordinal                1 
_reflns_shell.pdbx_diffrn_id              1 
# 
_refine.entry_id                                 4OVB 
_refine.ls_number_reflns_obs                     15512 
_refine.ls_number_reflns_all                     16079 
_refine.pdbx_ls_sigma_I                          ? 
_refine.pdbx_ls_sigma_F                          1.38 
_refine.pdbx_data_cutoff_high_absF               ? 
_refine.pdbx_data_cutoff_low_absF                ? 
_refine.pdbx_data_cutoff_high_rms_absF           ? 
_refine.ls_d_res_low                             27.490 
_refine.ls_d_res_high                            2.034 
_refine.ls_percent_reflns_obs                    96.47 
_refine.ls_R_factor_obs                          0.1934 
_refine.ls_R_factor_all                          0.1934 
_refine.ls_R_factor_R_work                       0.1913 
_refine.ls_R_factor_R_free                       0.2343 
_refine.ls_R_factor_R_free_error                 ? 
_refine.ls_R_factor_R_free_error_details         ? 
_refine.ls_percent_reflns_R_free                 5.00 
_refine.ls_number_reflns_R_free                  776 
_refine.ls_number_parameters                     ? 
_refine.ls_number_restraints                     ? 
_refine.occupancy_min                            ? 
_refine.occupancy_max                            ? 
_refine.correlation_coeff_Fo_to_Fc               ? 
_refine.correlation_coeff_Fo_to_Fc_free          ? 
_refine.B_iso_mean                               ? 
_refine.aniso_B[1][1]                            ? 
_refine.aniso_B[2][2]                            ? 
_refine.aniso_B[3][3]                            ? 
_refine.aniso_B[1][2]                            ? 
_refine.aniso_B[1][3]                            ? 
_refine.aniso_B[2][3]                            ? 
_refine.solvent_model_details                    'FLAT BULK SOLVENT MODEL' 
_refine.solvent_model_param_ksol                 ? 
_refine.solvent_model_param_bsol                 ? 
_refine.pdbx_solvent_vdw_probe_radii             1.11 
_refine.pdbx_solvent_ion_probe_radii             ? 
_refine.pdbx_solvent_shrinkage_radii             0.90 
_refine.pdbx_ls_cross_valid_method               ? 
_refine.details                                  ? 
_refine.pdbx_starting_model                      ? 
_refine.pdbx_method_to_determine_struct          SIRAS 
_refine.pdbx_isotropic_thermal_model             ? 
_refine.pdbx_stereochemistry_target_values       ML 
_refine.pdbx_stereochem_target_val_spec_case     ? 
_refine.pdbx_R_Free_selection_details            RANDOM 
_refine.pdbx_overall_ESU_R                       ? 
_refine.pdbx_overall_ESU_R_Free                  ? 
_refine.overall_SU_ML                            0.20 
_refine.pdbx_overall_phase_error                 25.04 
_refine.overall_SU_B                             ? 
_refine.overall_SU_R_Cruickshank_DPI             ? 
_refine.ls_redundancy_reflns_obs                 ? 
_refine.B_iso_min                                ? 
_refine.B_iso_max                                ? 
_refine.overall_SU_R_free                        ? 
_refine.ls_wR_factor_R_free                      ? 
_refine.ls_wR_factor_R_work                      ? 
_refine.overall_FOM_free_R_set                   ? 
_refine.overall_FOM_work_R_set                   ? 
_refine.pdbx_diffrn_id                           1 
_refine.pdbx_refine_id                           'X-RAY DIFFRACTION' 
_refine.pdbx_TLS_residual_ADP_flag               ? 
_refine.pdbx_overall_SU_R_free_Cruickshank_DPI   ? 
_refine.pdbx_overall_SU_R_Blow_DPI               ? 
_refine.pdbx_overall_SU_R_free_Blow_DPI          ? 
# 
_refine_hist.pdbx_refine_id                   'X-RAY DIFFRACTION' 
_refine_hist.cycle_id                         LAST 
_refine_hist.pdbx_number_atoms_protein        1428 
_refine_hist.pdbx_number_atoms_nucleic_acid   0 
_refine_hist.pdbx_number_atoms_ligand         47 
_refine_hist.number_atoms_solvent             108 
_refine_hist.number_atoms_total               1583 
_refine_hist.d_res_high                       2.034 
_refine_hist.d_res_low                        27.490 
# 
loop_
_refine_ls_restr.type 
_refine_ls_restr.dev_ideal 
_refine_ls_restr.dev_ideal_target 
_refine_ls_restr.weight 
_refine_ls_restr.number 
_refine_ls_restr.pdbx_restraint_function 
_refine_ls_restr.pdbx_refine_id 
f_bond_d           0.007  ? ? 1542 ? 'X-RAY DIFFRACTION' 
f_angle_d          1.102  ? ? 2102 ? 'X-RAY DIFFRACTION' 
f_dihedral_angle_d 14.125 ? ? 549  ? 'X-RAY DIFFRACTION' 
f_chiral_restr     0.069  ? ? 236  ? 'X-RAY DIFFRACTION' 
f_plane_restr      0.005  ? ? 266  ? 'X-RAY DIFFRACTION' 
# 
loop_
_refine_ls_shell.pdbx_refine_id 
_refine_ls_shell.pdbx_total_number_of_bins_used 
_refine_ls_shell.d_res_high 
_refine_ls_shell.d_res_low 
_refine_ls_shell.number_reflns_R_work 
_refine_ls_shell.R_factor_R_work 
_refine_ls_shell.percent_reflns_obs 
_refine_ls_shell.R_factor_R_free 
_refine_ls_shell.R_factor_R_free_error 
_refine_ls_shell.percent_reflns_R_free 
_refine_ls_shell.number_reflns_R_free 
_refine_ls_shell.number_reflns_all 
_refine_ls_shell.R_factor_all 
_refine_ls_shell.number_reflns_obs 
_refine_ls_shell.redundancy_reflns_obs 
'X-RAY DIFFRACTION' 6 2.0344 2.1618  2285 0.2457 92.00 0.2820 . . 137 . . . . 
'X-RAY DIFFRACTION' 6 2.1618 2.3286  2371 0.2204 95.00 0.2865 . . 117 . . . . 
'X-RAY DIFFRACTION' 6 2.3286 2.5628  2403 0.2030 96.00 0.3198 . . 135 . . . . 
'X-RAY DIFFRACTION' 6 2.5628 2.9333  2452 0.2048 97.00 0.2909 . . 124 . . . . 
'X-RAY DIFFRACTION' 6 2.9333 3.6942  2517 0.1923 98.00 0.2269 . . 125 . . . . 
'X-RAY DIFFRACTION' 6 3.6942 27.4924 2708 0.1742 99.00 0.1913 . . 138 . . . . 
# 
_struct.entry_id                  4OVB 
_struct.title                     
'Crystal structure of Oncogenic Suppression Activity Protein - A Plasmid Fertility Inhibition Factor, Gold (I) Cyanide derivative' 
_struct.pdbx_model_details        ? 
_struct.pdbx_CASP_flag            ? 
_struct.pdbx_model_type_details   ? 
# 
_struct_keywords.entry_id        4OVB 
_struct_keywords.pdbx_keywords   'ANTITUMOR PROTEIN' 
_struct_keywords.text            'Plasmid Fertility Inhibition, ANTITUMOR PROTEIN' 
# 
loop_
_struct_asym.id 
_struct_asym.pdbx_blank_PDB_chainid_flag 
_struct_asym.pdbx_modified 
_struct_asym.entity_id 
_struct_asym.details 
A N N 1 ? 
B N N 2 ? 
C N N 2 ? 
D N N 3 ? 
E N N 3 ? 
F N N 3 ? 
G N N 3 ? 
H N N 3 ? 
I N N 3 ? 
J N N 3 ? 
K N N 3 ? 
L N N 3 ? 
M N N 4 ? 
N N N 4 ? 
O N N 4 ? 
P N N 5 ? 
# 
_struct_ref.id                         1 
_struct_ref.db_name                    UNP 
_struct_ref.db_code                    OSA_SHIFL 
_struct_ref.pdbx_db_accession          P29772 
_struct_ref.entity_id                  1 
_struct_ref.pdbx_seq_one_letter_code   
;MLLRRRCRAWLEIRRLDKELAQSSGLPLELPQIVPNAWNEVVWRLPVPNHPDAFMTASNAAQSDFIVYVNGLAFYRAWLA
LGVEDSQACPLKQDMPKDRKYPSSAAHFAVGIDSPVPLADVSPTMILGHFAVCFTDGMTRSMWLLAHEVAVFPVLSRDEA
SAVMLAEHVGVAAPIQVSKLREQCRKI
;
_struct_ref.pdbx_align_begin           3 
_struct_ref.pdbx_db_isoform            ? 
# 
_struct_ref_seq.align_id                      1 
_struct_ref_seq.ref_id                        1 
_struct_ref_seq.pdbx_PDB_id_code              4OVB 
_struct_ref_seq.pdbx_strand_id                A 
_struct_ref_seq.seq_align_beg                 1 
_struct_ref_seq.pdbx_seq_align_beg_ins_code   ? 
_struct_ref_seq.seq_align_end                 187 
_struct_ref_seq.pdbx_seq_align_end_ins_code   ? 
_struct_ref_seq.pdbx_db_accession             P29772 
_struct_ref_seq.db_align_beg                  3 
_struct_ref_seq.pdbx_db_align_beg_ins_code    ? 
_struct_ref_seq.db_align_end                  189 
_struct_ref_seq.pdbx_db_align_end_ins_code    ? 
_struct_ref_seq.pdbx_auth_seq_align_beg       1 
_struct_ref_seq.pdbx_auth_seq_align_end       187 
# 
loop_
_struct_ref_seq_dif.align_id 
_struct_ref_seq_dif.pdbx_pdb_id_code 
_struct_ref_seq_dif.mon_id 
_struct_ref_seq_dif.pdbx_pdb_strand_id 
_struct_ref_seq_dif.seq_num 
_struct_ref_seq_dif.pdbx_pdb_ins_code 
_struct_ref_seq_dif.pdbx_seq_db_name 
_struct_ref_seq_dif.pdbx_seq_db_accession_code 
_struct_ref_seq_dif.db_mon_id 
_struct_ref_seq_dif.pdbx_seq_db_seq_num 
_struct_ref_seq_dif.details 
_struct_ref_seq_dif.pdbx_auth_seq_num 
_struct_ref_seq_dif.pdbx_ordinal 
1 4OVB TRP A 4   ? UNP P29772 ARG 6 'engineered mutation' 4   1 
1 4OVB LEU A 188 ? UNP P29772 ?   ? 'expression tag'      188 2 
# 
_pdbx_struct_assembly.id                   1 
_pdbx_struct_assembly.details              author_and_software_defined_assembly 
_pdbx_struct_assembly.method_details       PISA 
_pdbx_struct_assembly.oligomeric_details   monomeric 
_pdbx_struct_assembly.oligomeric_count     1 
# 
_pdbx_struct_assembly_gen.assembly_id       1 
_pdbx_struct_assembly_gen.oper_expression   1 
_pdbx_struct_assembly_gen.asym_id_list      A,B,C,D,E,F,G,H,I,J,K,L,M,N,O,P 
# 
_pdbx_struct_oper_list.id                   1 
_pdbx_struct_oper_list.type                 'identity operation' 
_pdbx_struct_oper_list.name                 1_555 
_pdbx_struct_oper_list.symmetry_operation   x,y,z 
_pdbx_struct_oper_list.matrix[1][1]         1.0000000000 
_pdbx_struct_oper_list.matrix[1][2]         0.0000000000 
_pdbx_struct_oper_list.matrix[1][3]         0.0000000000 
_pdbx_struct_oper_list.vector[1]            0.0000000000 
_pdbx_struct_oper_list.matrix[2][1]         0.0000000000 
_pdbx_struct_oper_list.matrix[2][2]         1.0000000000 
_pdbx_struct_oper_list.matrix[2][3]         0.0000000000 
_pdbx_struct_oper_list.vector[2]            0.0000000000 
_pdbx_struct_oper_list.matrix[3][1]         0.0000000000 
_pdbx_struct_oper_list.matrix[3][2]         0.0000000000 
_pdbx_struct_oper_list.matrix[3][3]         1.0000000000 
_pdbx_struct_oper_list.vector[3]            0.0000000000 
# 
_struct_biol.id        1 
_struct_biol.details   ? 
# 
loop_
_struct_conf.conf_type_id 
_struct_conf.id 
_struct_conf.pdbx_PDB_helix_id 
_struct_conf.beg_label_comp_id 
_struct_conf.beg_label_asym_id 
_struct_conf.beg_label_seq_id 
_struct_conf.pdbx_beg_PDB_ins_code 
_struct_conf.end_label_comp_id 
_struct_conf.end_label_asym_id 
_struct_conf.end_label_seq_id 
_struct_conf.pdbx_end_PDB_ins_code 
_struct_conf.beg_auth_comp_id 
_struct_conf.beg_auth_asym_id 
_struct_conf.beg_auth_seq_id 
_struct_conf.end_auth_comp_id 
_struct_conf.end_auth_asym_id 
_struct_conf.end_auth_seq_id 
_struct_conf.pdbx_PDB_helix_class 
_struct_conf.details 
_struct_conf.pdbx_PDB_helix_length 
HELX_P HELX_P1 1 MET A 1   ? SER A 23  ? MET A 1   SER A 23  1 ? 23 
HELX_P HELX_P2 2 GLY A 71  ? ALA A 80  ? GLY A 71  ALA A 80  1 ? 10 
HELX_P HELX_P3 3 LEU A 91  ? ASP A 98  ? LEU A 91  ASP A 98  5 ? 8  
HELX_P HELX_P4 4 LYS A 100 ? VAL A 110 ? LYS A 100 VAL A 110 1 ? 11 
HELX_P HELX_P5 5 GLY A 137 ? HIS A 147 ? GLY A 137 HIS A 147 1 ? 11 
HELX_P HELX_P6 6 ASP A 158 ? GLY A 170 ? ASP A 158 GLY A 170 1 ? 13 
HELX_P HELX_P7 7 VAL A 177 ? LEU A 188 ? VAL A 177 LEU A 188 1 ? 12 
# 
_struct_conf_type.id          HELX_P 
_struct_conf_type.criteria    ? 
_struct_conf_type.reference   ? 
# 
loop_
_struct_conn.id 
_struct_conn.conn_type_id 
_struct_conn.pdbx_leaving_atom_flag 
_struct_conn.pdbx_PDB_id 
_struct_conn.ptnr1_label_asym_id 
_struct_conn.ptnr1_label_comp_id 
_struct_conn.ptnr1_label_seq_id 
_struct_conn.ptnr1_label_atom_id 
_struct_conn.pdbx_ptnr1_label_alt_id 
_struct_conn.pdbx_ptnr1_PDB_ins_code 
_struct_conn.pdbx_ptnr1_standard_comp_id 
_struct_conn.ptnr1_symmetry 
_struct_conn.ptnr2_label_asym_id 
_struct_conn.ptnr2_label_comp_id 
_struct_conn.ptnr2_label_seq_id 
_struct_conn.ptnr2_label_atom_id 
_struct_conn.pdbx_ptnr2_label_alt_id 
_struct_conn.pdbx_ptnr2_PDB_ins_code 
_struct_conn.ptnr1_auth_asym_id 
_struct_conn.ptnr1_auth_comp_id 
_struct_conn.ptnr1_auth_seq_id 
_struct_conn.ptnr2_auth_asym_id 
_struct_conn.ptnr2_auth_comp_id 
_struct_conn.ptnr2_auth_seq_id 
_struct_conn.ptnr2_symmetry 
_struct_conn.pdbx_ptnr3_label_atom_id 
_struct_conn.pdbx_ptnr3_label_seq_id 
_struct_conn.pdbx_ptnr3_label_comp_id 
_struct_conn.pdbx_ptnr3_label_asym_id 
_struct_conn.pdbx_ptnr3_label_alt_id 
_struct_conn.pdbx_ptnr3_PDB_ins_code 
_struct_conn.details 
_struct_conn.pdbx_dist_value 
_struct_conn.pdbx_value_order 
_struct_conn.pdbx_role 
metalc1 metalc ? ? A THR 135 O ? ? ? 1_555 I AUC . AU ? ? A THR 135 A AUC 208 1_555 ? ? ? ? ? ? ? 2.708 ? ? 
metalc2 metalc ? ? A LEU 188 O ? ? ? 1_555 L AUC . AU ? ? A LEU 188 A AUC 211 1_555 ? ? ? ? ? ? ? 2.764 ? ? 
# 
_struct_conn_type.id          metalc 
_struct_conn_type.criteria    ? 
_struct_conn_type.reference   ? 
# 
loop_
_struct_sheet.id 
_struct_sheet.type 
_struct_sheet.number_strands 
_struct_sheet.details 
A ? 4 ? 
B ? 3 ? 
C ? 2 ? 
# 
loop_
_struct_sheet_order.sheet_id 
_struct_sheet_order.range_id_1 
_struct_sheet_order.range_id_2 
_struct_sheet_order.offset 
_struct_sheet_order.sense 
A 1 2 ? anti-parallel 
A 2 3 ? anti-parallel 
A 3 4 ? parallel      
B 1 2 ? anti-parallel 
B 2 3 ? anti-parallel 
C 1 2 ? anti-parallel 
# 
loop_
_struct_sheet_range.sheet_id 
_struct_sheet_range.id 
_struct_sheet_range.beg_label_comp_id 
_struct_sheet_range.beg_label_asym_id 
_struct_sheet_range.beg_label_seq_id 
_struct_sheet_range.pdbx_beg_PDB_ins_code 
_struct_sheet_range.end_label_comp_id 
_struct_sheet_range.end_label_asym_id 
_struct_sheet_range.end_label_seq_id 
_struct_sheet_range.pdbx_end_PDB_ins_code 
_struct_sheet_range.beg_auth_comp_id 
_struct_sheet_range.beg_auth_asym_id 
_struct_sheet_range.beg_auth_seq_id 
_struct_sheet_range.end_auth_comp_id 
_struct_sheet_range.end_auth_asym_id 
_struct_sheet_range.end_auth_seq_id 
A 1 GLN A 32  ? VAL A 34  ? GLN A 32  VAL A 34  
A 2 VAL A 42  ? LEU A 45  ? VAL A 42  LEU A 45  
A 3 ALA A 53  ? THR A 56  ? ALA A 53  THR A 56  
A 4 VAL A 116 ? PRO A 117 ? VAL A 116 PRO A 117 
B 1 VAL A 151 ? SER A 156 ? VAL A 151 SER A 156 
B 2 PHE A 65  ? ASN A 70  ? PHE A 65  ASN A 70  
B 3 ILE A 175 ? GLN A 176 ? ILE A 175 GLN A 176 
C 1 ASP A 120 ? ILE A 126 ? ASP A 120 ILE A 126 
C 2 HIS A 129 ? ASP A 136 ? HIS A 129 ASP A 136 
# 
loop_
_pdbx_struct_sheet_hbond.sheet_id 
_pdbx_struct_sheet_hbond.range_id_1 
_pdbx_struct_sheet_hbond.range_id_2 
_pdbx_struct_sheet_hbond.range_1_label_atom_id 
_pdbx_struct_sheet_hbond.range_1_label_comp_id 
_pdbx_struct_sheet_hbond.range_1_label_asym_id 
_pdbx_struct_sheet_hbond.range_1_label_seq_id 
_pdbx_struct_sheet_hbond.range_1_PDB_ins_code 
_pdbx_struct_sheet_hbond.range_1_auth_atom_id 
_pdbx_struct_sheet_hbond.range_1_auth_comp_id 
_pdbx_struct_sheet_hbond.range_1_auth_asym_id 
_pdbx_struct_sheet_hbond.range_1_auth_seq_id 
_pdbx_struct_sheet_hbond.range_2_label_atom_id 
_pdbx_struct_sheet_hbond.range_2_label_comp_id 
_pdbx_struct_sheet_hbond.range_2_label_asym_id 
_pdbx_struct_sheet_hbond.range_2_label_seq_id 
_pdbx_struct_sheet_hbond.range_2_PDB_ins_code 
_pdbx_struct_sheet_hbond.range_2_auth_atom_id 
_pdbx_struct_sheet_hbond.range_2_auth_comp_id 
_pdbx_struct_sheet_hbond.range_2_auth_asym_id 
_pdbx_struct_sheet_hbond.range_2_auth_seq_id 
A 1 2 N GLN A 32  ? N GLN A 32  O ARG A 44  ? O ARG A 44  
A 2 3 N LEU A 45  ? N LEU A 45  O ALA A 53  ? O ALA A 53  
A 3 4 N PHE A 54  ? N PHE A 54  O VAL A 116 ? O VAL A 116 
B 1 2 O PHE A 152 ? O PHE A 152 N VAL A 69  ? N VAL A 69  
B 2 3 N ILE A 66  ? N ILE A 66  O ILE A 175 ? O ILE A 175 
C 1 2 N ASP A 120 ? N ASP A 120 O THR A 135 ? O THR A 135 
# 
loop_
_struct_site.id 
_struct_site.pdbx_evidence_code 
_struct_site.pdbx_auth_asym_id 
_struct_site.pdbx_auth_comp_id 
_struct_site.pdbx_auth_seq_id 
_struct_site.pdbx_auth_ins_code 
_struct_site.pdbx_num_residues 
_struct_site.details 
AC1 Software A PO4 201 ? 7 'BINDING SITE FOR RESIDUE PO4 A 201' 
AC2 Software A PO4 202 ? 5 'BINDING SITE FOR RESIDUE PO4 A 202' 
AC3 Software A AUC 203 ? 5 'BINDING SITE FOR RESIDUE AUC A 203' 
AC4 Software A AUC 204 ? 3 'BINDING SITE FOR RESIDUE AUC A 204' 
AC5 Software A AUC 205 ? 6 'BINDING SITE FOR RESIDUE AUC A 205' 
AC6 Software A AUC 206 ? 5 'BINDING SITE FOR RESIDUE AUC A 206' 
AC7 Software A AUC 207 ? 3 'BINDING SITE FOR RESIDUE AUC A 207' 
AC8 Software A AUC 208 ? 2 'BINDING SITE FOR RESIDUE AUC A 208' 
AC9 Software A AUC 209 ? 1 'BINDING SITE FOR RESIDUE AUC A 209' 
BC1 Software A AUC 210 ? 1 'BINDING SITE FOR RESIDUE AUC A 210' 
BC2 Software A AUC 211 ? 3 'BINDING SITE FOR RESIDUE AUC A 211' 
BC3 Software A GOL 212 ? 4 'BINDING SITE FOR RESIDUE GOL A 212' 
BC4 Software A GOL 213 ? 2 'BINDING SITE FOR RESIDUE GOL A 213' 
BC5 Software A GOL 214 ? 1 'BINDING SITE FOR RESIDUE GOL A 214' 
# 
loop_
_struct_site_gen.id 
_struct_site_gen.site_id 
_struct_site_gen.pdbx_num_res 
_struct_site_gen.label_comp_id 
_struct_site_gen.label_asym_id 
_struct_site_gen.label_seq_id 
_struct_site_gen.pdbx_auth_ins_code 
_struct_site_gen.auth_comp_id 
_struct_site_gen.auth_asym_id 
_struct_site_gen.auth_seq_id 
_struct_site_gen.label_atom_id 
_struct_site_gen.label_alt_id 
_struct_site_gen.symmetry 
_struct_site_gen.details 
1  AC1 7 LYS A 100 ? LYS A 100 . ? 1_555 ? 
2  AC1 7 GLY A 137 ? GLY A 137 . ? 1_555 ? 
3  AC1 7 MET A 138 ? MET A 138 . ? 1_555 ? 
4  AC1 7 THR A 139 ? THR A 139 . ? 1_555 ? 
5  AC1 7 ARG A 140 ? ARG A 140 . ? 1_555 ? 
6  AC1 7 HOH P .   ? HOH A 330 . ? 1_555 ? 
7  AC1 7 HOH P .   ? HOH A 358 . ? 1_555 ? 
8  AC2 5 HIS A 50  ? HIS A 50  . ? 1_555 ? 
9  AC2 5 ALA A 105 ? ALA A 105 . ? 1_555 ? 
10 AC2 5 TRP A 143 ? TRP A 143 . ? 1_555 ? 
11 AC2 5 HIS A 147 ? HIS A 147 . ? 1_555 ? 
12 AC2 5 HOH P .   ? HOH A 388 . ? 1_555 ? 
13 AC3 5 SER A 104 ? SER A 104 . ? 1_555 ? 
14 AC3 5 HIS A 107 ? HIS A 107 . ? 1_555 ? 
15 AC3 5 PRO A 117 ? PRO A 117 . ? 1_555 ? 
16 AC3 5 ARG A 140 ? ARG A 140 . ? 1_555 ? 
17 AC3 5 HOH P .   ? HOH A 358 . ? 1_555 ? 
18 AC4 3 LEU A 127 ? LEU A 127 . ? 4_445 ? 
19 AC4 3 GLY A 128 ? GLY A 128 . ? 4_445 ? 
20 AC4 3 AUC F .   ? AUC A 205 . ? 1_555 ? 
21 AC5 6 LEU A 127 ? LEU A 127 . ? 4_445 ? 
22 AC5 6 ILE A 175 ? ILE A 175 . ? 1_555 ? 
23 AC5 6 GLN A 183 ? GLN A 183 . ? 1_555 ? 
24 AC5 6 AUC E .   ? AUC A 204 . ? 1_555 ? 
25 AC5 6 HOH P .   ? HOH A 336 . ? 1_555 ? 
26 AC5 6 HOH P .   ? HOH A 345 . ? 1_555 ? 
27 AC6 5 PRO A 31  ? PRO A 31  . ? 1_555 ? 
28 AC6 5 ILE A 33  ? ILE A 33  . ? 1_555 ? 
29 AC6 5 TRP A 43  ? TRP A 43  . ? 1_555 ? 
30 AC6 5 TYR A 68  ? TYR A 68  . ? 1_555 ? 
31 AC6 5 HOH P .   ? HOH A 329 . ? 4_445 ? 
32 AC7 3 ARG A 15  ? ARG A 15  . ? 7_455 ? 
33 AC7 3 LYS A 18  ? LYS A 18  . ? 7_455 ? 
34 AC7 3 TRP A 38  ? TRP A 38  . ? 1_555 ? 
35 AC8 2 GLN A 87  ? GLN A 87  . ? 1_555 ? 
36 AC8 2 THR A 135 ? THR A 135 . ? 1_555 ? 
37 AC9 1 GLU A 40  ? GLU A 40  . ? 1_555 ? 
38 BC1 1 AUC L .   ? AUC A 211 . ? 1_555 ? 
39 BC2 3 MET A 164 ? MET A 164 . ? 4_445 ? 
40 BC2 3 LEU A 188 ? LEU A 188 . ? 1_555 ? 
41 BC2 3 AUC K .   ? AUC A 210 . ? 1_555 ? 
42 BC3 4 TYR A 101 ? TYR A 101 . ? 1_555 ? 
43 BC3 4 ALA A 146 ? ALA A 146 . ? 1_555 ? 
44 BC3 4 HIS A 147 ? HIS A 147 . ? 1_555 ? 
45 BC3 4 HOH P .   ? HOH A 381 . ? 1_555 ? 
46 BC4 2 ARG A 76  ? ARG A 76  . ? 1_555 ? 
47 BC4 2 HOH P .   ? HOH A 352 . ? 1_555 ? 
48 BC5 1 CYS A 7   ? CYS A 7   . ? 1_555 ? 
# 
_pdbx_validate_torsion.id              1 
_pdbx_validate_torsion.PDB_model_num   1 
_pdbx_validate_torsion.auth_comp_id    TRP 
_pdbx_validate_torsion.auth_asym_id    A 
_pdbx_validate_torsion.auth_seq_id     38 
_pdbx_validate_torsion.PDB_ins_code    ? 
_pdbx_validate_torsion.label_alt_id    ? 
_pdbx_validate_torsion.phi             -160.24 
_pdbx_validate_torsion.psi             -156.90 
# 
loop_
_chem_comp_atom.comp_id 
_chem_comp_atom.atom_id 
_chem_comp_atom.type_symbol 
_chem_comp_atom.pdbx_aromatic_flag 
_chem_comp_atom.pdbx_stereo_config 
_chem_comp_atom.pdbx_ordinal 
ALA N    N  N N 1   
ALA CA   C  N S 2   
ALA C    C  N N 3   
ALA O    O  N N 4   
ALA CB   C  N N 5   
ALA OXT  O  N N 6   
ALA H    H  N N 7   
ALA H2   H  N N 8   
ALA HA   H  N N 9   
ALA HB1  H  N N 10  
ALA HB2  H  N N 11  
ALA HB3  H  N N 12  
ALA HXT  H  N N 13  
ARG N    N  N N 14  
ARG CA   C  N S 15  
ARG C    C  N N 16  
ARG O    O  N N 17  
ARG CB   C  N N 18  
ARG CG   C  N N 19  
ARG CD   C  N N 20  
ARG NE   N  N N 21  
ARG CZ   C  N N 22  
ARG NH1  N  N N 23  
ARG NH2  N  N N 24  
ARG OXT  O  N N 25  
ARG H    H  N N 26  
ARG H2   H  N N 27  
ARG HA   H  N N 28  
ARG HB2  H  N N 29  
ARG HB3  H  N N 30  
ARG HG2  H  N N 31  
ARG HG3  H  N N 32  
ARG HD2  H  N N 33  
ARG HD3  H  N N 34  
ARG HE   H  N N 35  
ARG HH11 H  N N 36  
ARG HH12 H  N N 37  
ARG HH21 H  N N 38  
ARG HH22 H  N N 39  
ARG HXT  H  N N 40  
ASN N    N  N N 41  
ASN CA   C  N S 42  
ASN C    C  N N 43  
ASN O    O  N N 44  
ASN CB   C  N N 45  
ASN CG   C  N N 46  
ASN OD1  O  N N 47  
ASN ND2  N  N N 48  
ASN OXT  O  N N 49  
ASN H    H  N N 50  
ASN H2   H  N N 51  
ASN HA   H  N N 52  
ASN HB2  H  N N 53  
ASN HB3  H  N N 54  
ASN HD21 H  N N 55  
ASN HD22 H  N N 56  
ASN HXT  H  N N 57  
ASP N    N  N N 58  
ASP CA   C  N S 59  
ASP C    C  N N 60  
ASP O    O  N N 61  
ASP CB   C  N N 62  
ASP CG   C  N N 63  
ASP OD1  O  N N 64  
ASP OD2  O  N N 65  
ASP OXT  O  N N 66  
ASP H    H  N N 67  
ASP H2   H  N N 68  
ASP HA   H  N N 69  
ASP HB2  H  N N 70  
ASP HB3  H  N N 71  
ASP HD2  H  N N 72  
ASP HXT  H  N N 73  
AUC AU   AU N N 74  
AUC C1   C  N N 75  
AUC N1   N  N N 76  
AUC C2   C  N N 77  
AUC N2   N  N N 78  
CYS N    N  N N 79  
CYS CA   C  N R 80  
CYS C    C  N N 81  
CYS O    O  N N 82  
CYS CB   C  N N 83  
CYS SG   S  N N 84  
CYS OXT  O  N N 85  
CYS H    H  N N 86  
CYS H2   H  N N 87  
CYS HA   H  N N 88  
CYS HB2  H  N N 89  
CYS HB3  H  N N 90  
CYS HG   H  N N 91  
CYS HXT  H  N N 92  
GLN N    N  N N 93  
GLN CA   C  N S 94  
GLN C    C  N N 95  
GLN O    O  N N 96  
GLN CB   C  N N 97  
GLN CG   C  N N 98  
GLN CD   C  N N 99  
GLN OE1  O  N N 100 
GLN NE2  N  N N 101 
GLN OXT  O  N N 102 
GLN H    H  N N 103 
GLN H2   H  N N 104 
GLN HA   H  N N 105 
GLN HB2  H  N N 106 
GLN HB3  H  N N 107 
GLN HG2  H  N N 108 
GLN HG3  H  N N 109 
GLN HE21 H  N N 110 
GLN HE22 H  N N 111 
GLN HXT  H  N N 112 
GLU N    N  N N 113 
GLU CA   C  N S 114 
GLU C    C  N N 115 
GLU O    O  N N 116 
GLU CB   C  N N 117 
GLU CG   C  N N 118 
GLU CD   C  N N 119 
GLU OE1  O  N N 120 
GLU OE2  O  N N 121 
GLU OXT  O  N N 122 
GLU H    H  N N 123 
GLU H2   H  N N 124 
GLU HA   H  N N 125 
GLU HB2  H  N N 126 
GLU HB3  H  N N 127 
GLU HG2  H  N N 128 
GLU HG3  H  N N 129 
GLU HE2  H  N N 130 
GLU HXT  H  N N 131 
GLY N    N  N N 132 
GLY CA   C  N N 133 
GLY C    C  N N 134 
GLY O    O  N N 135 
GLY OXT  O  N N 136 
GLY H    H  N N 137 
GLY H2   H  N N 138 
GLY HA2  H  N N 139 
GLY HA3  H  N N 140 
GLY HXT  H  N N 141 
GOL C1   C  N N 142 
GOL O1   O  N N 143 
GOL C2   C  N N 144 
GOL O2   O  N N 145 
GOL C3   C  N N 146 
GOL O3   O  N N 147 
GOL H11  H  N N 148 
GOL H12  H  N N 149 
GOL HO1  H  N N 150 
GOL H2   H  N N 151 
GOL HO2  H  N N 152 
GOL H31  H  N N 153 
GOL H32  H  N N 154 
GOL HO3  H  N N 155 
HIS N    N  N N 156 
HIS CA   C  N S 157 
HIS C    C  N N 158 
HIS O    O  N N 159 
HIS CB   C  N N 160 
HIS CG   C  Y N 161 
HIS ND1  N  Y N 162 
HIS CD2  C  Y N 163 
HIS CE1  C  Y N 164 
HIS NE2  N  Y N 165 
HIS OXT  O  N N 166 
HIS H    H  N N 167 
HIS H2   H  N N 168 
HIS HA   H  N N 169 
HIS HB2  H  N N 170 
HIS HB3  H  N N 171 
HIS HD1  H  N N 172 
HIS HD2  H  N N 173 
HIS HE1  H  N N 174 
HIS HE2  H  N N 175 
HIS HXT  H  N N 176 
HOH O    O  N N 177 
HOH H1   H  N N 178 
HOH H2   H  N N 179 
ILE N    N  N N 180 
ILE CA   C  N S 181 
ILE C    C  N N 182 
ILE O    O  N N 183 
ILE CB   C  N S 184 
ILE CG1  C  N N 185 
ILE CG2  C  N N 186 
ILE CD1  C  N N 187 
ILE OXT  O  N N 188 
ILE H    H  N N 189 
ILE H2   H  N N 190 
ILE HA   H  N N 191 
ILE HB   H  N N 192 
ILE HG12 H  N N 193 
ILE HG13 H  N N 194 
ILE HG21 H  N N 195 
ILE HG22 H  N N 196 
ILE HG23 H  N N 197 
ILE HD11 H  N N 198 
ILE HD12 H  N N 199 
ILE HD13 H  N N 200 
ILE HXT  H  N N 201 
LEU N    N  N N 202 
LEU CA   C  N S 203 
LEU C    C  N N 204 
LEU O    O  N N 205 
LEU CB   C  N N 206 
LEU CG   C  N N 207 
LEU CD1  C  N N 208 
LEU CD2  C  N N 209 
LEU OXT  O  N N 210 
LEU H    H  N N 211 
LEU H2   H  N N 212 
LEU HA   H  N N 213 
LEU HB2  H  N N 214 
LEU HB3  H  N N 215 
LEU HG   H  N N 216 
LEU HD11 H  N N 217 
LEU HD12 H  N N 218 
LEU HD13 H  N N 219 
LEU HD21 H  N N 220 
LEU HD22 H  N N 221 
LEU HD23 H  N N 222 
LEU HXT  H  N N 223 
LYS N    N  N N 224 
LYS CA   C  N S 225 
LYS C    C  N N 226 
LYS O    O  N N 227 
LYS CB   C  N N 228 
LYS CG   C  N N 229 
LYS CD   C  N N 230 
LYS CE   C  N N 231 
LYS NZ   N  N N 232 
LYS OXT  O  N N 233 
LYS H    H  N N 234 
LYS H2   H  N N 235 
LYS HA   H  N N 236 
LYS HB2  H  N N 237 
LYS HB3  H  N N 238 
LYS HG2  H  N N 239 
LYS HG3  H  N N 240 
LYS HD2  H  N N 241 
LYS HD3  H  N N 242 
LYS HE2  H  N N 243 
LYS HE3  H  N N 244 
LYS HZ1  H  N N 245 
LYS HZ2  H  N N 246 
LYS HZ3  H  N N 247 
LYS HXT  H  N N 248 
MET N    N  N N 249 
MET CA   C  N S 250 
MET C    C  N N 251 
MET O    O  N N 252 
MET CB   C  N N 253 
MET CG   C  N N 254 
MET SD   S  N N 255 
MET CE   C  N N 256 
MET OXT  O  N N 257 
MET H    H  N N 258 
MET H2   H  N N 259 
MET HA   H  N N 260 
MET HB2  H  N N 261 
MET HB3  H  N N 262 
MET HG2  H  N N 263 
MET HG3  H  N N 264 
MET HE1  H  N N 265 
MET HE2  H  N N 266 
MET HE3  H  N N 267 
MET HXT  H  N N 268 
PHE N    N  N N 269 
PHE CA   C  N S 270 
PHE C    C  N N 271 
PHE O    O  N N 272 
PHE CB   C  N N 273 
PHE CG   C  Y N 274 
PHE CD1  C  Y N 275 
PHE CD2  C  Y N 276 
PHE CE1  C  Y N 277 
PHE CE2  C  Y N 278 
PHE CZ   C  Y N 279 
PHE OXT  O  N N 280 
PHE H    H  N N 281 
PHE H2   H  N N 282 
PHE HA   H  N N 283 
PHE HB2  H  N N 284 
PHE HB3  H  N N 285 
PHE HD1  H  N N 286 
PHE HD2  H  N N 287 
PHE HE1  H  N N 288 
PHE HE2  H  N N 289 
PHE HZ   H  N N 290 
PHE HXT  H  N N 291 
PO4 P    P  N N 292 
PO4 O1   O  N N 293 
PO4 O2   O  N N 294 
PO4 O3   O  N N 295 
PO4 O4   O  N N 296 
PRO N    N  N N 297 
PRO CA   C  N S 298 
PRO C    C  N N 299 
PRO O    O  N N 300 
PRO CB   C  N N 301 
PRO CG   C  N N 302 
PRO CD   C  N N 303 
PRO OXT  O  N N 304 
PRO H    H  N N 305 
PRO HA   H  N N 306 
PRO HB2  H  N N 307 
PRO HB3  H  N N 308 
PRO HG2  H  N N 309 
PRO HG3  H  N N 310 
PRO HD2  H  N N 311 
PRO HD3  H  N N 312 
PRO HXT  H  N N 313 
SER N    N  N N 314 
SER CA   C  N S 315 
SER C    C  N N 316 
SER O    O  N N 317 
SER CB   C  N N 318 
SER OG   O  N N 319 
SER OXT  O  N N 320 
SER H    H  N N 321 
SER H2   H  N N 322 
SER HA   H  N N 323 
SER HB2  H  N N 324 
SER HB3  H  N N 325 
SER HG   H  N N 326 
SER HXT  H  N N 327 
THR N    N  N N 328 
THR CA   C  N S 329 
THR C    C  N N 330 
THR O    O  N N 331 
THR CB   C  N R 332 
THR OG1  O  N N 333 
THR CG2  C  N N 334 
THR OXT  O  N N 335 
THR H    H  N N 336 
THR H2   H  N N 337 
THR HA   H  N N 338 
THR HB   H  N N 339 
THR HG1  H  N N 340 
THR HG21 H  N N 341 
THR HG22 H  N N 342 
THR HG23 H  N N 343 
THR HXT  H  N N 344 
TRP N    N  N N 345 
TRP CA   C  N S 346 
TRP C    C  N N 347 
TRP O    O  N N 348 
TRP CB   C  N N 349 
TRP CG   C  Y N 350 
TRP CD1  C  Y N 351 
TRP CD2  C  Y N 352 
TRP NE1  N  Y N 353 
TRP CE2  C  Y N 354 
TRP CE3  C  Y N 355 
TRP CZ2  C  Y N 356 
TRP CZ3  C  Y N 357 
TRP CH2  C  Y N 358 
TRP OXT  O  N N 359 
TRP H    H  N N 360 
TRP H2   H  N N 361 
TRP HA   H  N N 362 
TRP HB2  H  N N 363 
TRP HB3  H  N N 364 
TRP HD1  H  N N 365 
TRP HE1  H  N N 366 
TRP HE3  H  N N 367 
TRP HZ2  H  N N 368 
TRP HZ3  H  N N 369 
TRP HH2  H  N N 370 
TRP HXT  H  N N 371 
TYR N    N  N N 372 
TYR CA   C  N S 373 
TYR C    C  N N 374 
TYR O    O  N N 375 
TYR CB   C  N N 376 
TYR CG   C  Y N 377 
TYR CD1  C  Y N 378 
TYR CD2  C  Y N 379 
TYR CE1  C  Y N 380 
TYR CE2  C  Y N 381 
TYR CZ   C  Y N 382 
TYR OH   O  N N 383 
TYR OXT  O  N N 384 
TYR H    H  N N 385 
TYR H2   H  N N 386 
TYR HA   H  N N 387 
TYR HB2  H  N N 388 
TYR HB3  H  N N 389 
TYR HD1  H  N N 390 
TYR HD2  H  N N 391 
TYR HE1  H  N N 392 
TYR HE2  H  N N 393 
TYR HH   H  N N 394 
TYR HXT  H  N N 395 
VAL N    N  N N 396 
VAL CA   C  N S 397 
VAL C    C  N N 398 
VAL O    O  N N 399 
VAL CB   C  N N 400 
VAL CG1  C  N N 401 
VAL CG2  C  N N 402 
VAL OXT  O  N N 403 
VAL H    H  N N 404 
VAL H2   H  N N 405 
VAL HA   H  N N 406 
VAL HB   H  N N 407 
VAL HG11 H  N N 408 
VAL HG12 H  N N 409 
VAL HG13 H  N N 410 
VAL HG21 H  N N 411 
VAL HG22 H  N N 412 
VAL HG23 H  N N 413 
VAL HXT  H  N N 414 
# 
loop_
_chem_comp_bond.comp_id 
_chem_comp_bond.atom_id_1 
_chem_comp_bond.atom_id_2 
_chem_comp_bond.value_order 
_chem_comp_bond.pdbx_aromatic_flag 
_chem_comp_bond.pdbx_stereo_config 
_chem_comp_bond.pdbx_ordinal 
ALA N   CA   sing N N 1   
ALA N   H    sing N N 2   
ALA N   H2   sing N N 3   
ALA CA  C    sing N N 4   
ALA CA  CB   sing N N 5   
ALA CA  HA   sing N N 6   
ALA C   O    doub N N 7   
ALA C   OXT  sing N N 8   
ALA CB  HB1  sing N N 9   
ALA CB  HB2  sing N N 10  
ALA CB  HB3  sing N N 11  
ALA OXT HXT  sing N N 12  
ARG N   CA   sing N N 13  
ARG N   H    sing N N 14  
ARG N   H2   sing N N 15  
ARG CA  C    sing N N 16  
ARG CA  CB   sing N N 17  
ARG CA  HA   sing N N 18  
ARG C   O    doub N N 19  
ARG C   OXT  sing N N 20  
ARG CB  CG   sing N N 21  
ARG CB  HB2  sing N N 22  
ARG CB  HB3  sing N N 23  
ARG CG  CD   sing N N 24  
ARG CG  HG2  sing N N 25  
ARG CG  HG3  sing N N 26  
ARG CD  NE   sing N N 27  
ARG CD  HD2  sing N N 28  
ARG CD  HD3  sing N N 29  
ARG NE  CZ   sing N N 30  
ARG NE  HE   sing N N 31  
ARG CZ  NH1  sing N N 32  
ARG CZ  NH2  doub N N 33  
ARG NH1 HH11 sing N N 34  
ARG NH1 HH12 sing N N 35  
ARG NH2 HH21 sing N N 36  
ARG NH2 HH22 sing N N 37  
ARG OXT HXT  sing N N 38  
ASN N   CA   sing N N 39  
ASN N   H    sing N N 40  
ASN N   H2   sing N N 41  
ASN CA  C    sing N N 42  
ASN CA  CB   sing N N 43  
ASN CA  HA   sing N N 44  
ASN C   O    doub N N 45  
ASN C   OXT  sing N N 46  
ASN CB  CG   sing N N 47  
ASN CB  HB2  sing N N 48  
ASN CB  HB3  sing N N 49  
ASN CG  OD1  doub N N 50  
ASN CG  ND2  sing N N 51  
ASN ND2 HD21 sing N N 52  
ASN ND2 HD22 sing N N 53  
ASN OXT HXT  sing N N 54  
ASP N   CA   sing N N 55  
ASP N   H    sing N N 56  
ASP N   H2   sing N N 57  
ASP CA  C    sing N N 58  
ASP CA  CB   sing N N 59  
ASP CA  HA   sing N N 60  
ASP C   O    doub N N 61  
ASP C   OXT  sing N N 62  
ASP CB  CG   sing N N 63  
ASP CB  HB2  sing N N 64  
ASP CB  HB3  sing N N 65  
ASP CG  OD1  doub N N 66  
ASP CG  OD2  sing N N 67  
ASP OD2 HD2  sing N N 68  
ASP OXT HXT  sing N N 69  
AUC AU  C1   sing N N 70  
AUC AU  C2   sing N N 71  
AUC C1  N1   trip N N 72  
AUC C2  N2   trip N N 73  
CYS N   CA   sing N N 74  
CYS N   H    sing N N 75  
CYS N   H2   sing N N 76  
CYS CA  C    sing N N 77  
CYS CA  CB   sing N N 78  
CYS CA  HA   sing N N 79  
CYS C   O    doub N N 80  
CYS C   OXT  sing N N 81  
CYS CB  SG   sing N N 82  
CYS CB  HB2  sing N N 83  
CYS CB  HB3  sing N N 84  
CYS SG  HG   sing N N 85  
CYS OXT HXT  sing N N 86  
GLN N   CA   sing N N 87  
GLN N   H    sing N N 88  
GLN N   H2   sing N N 89  
GLN CA  C    sing N N 90  
GLN CA  CB   sing N N 91  
GLN CA  HA   sing N N 92  
GLN C   O    doub N N 93  
GLN C   OXT  sing N N 94  
GLN CB  CG   sing N N 95  
GLN CB  HB2  sing N N 96  
GLN CB  HB3  sing N N 97  
GLN CG  CD   sing N N 98  
GLN CG  HG2  sing N N 99  
GLN CG  HG3  sing N N 100 
GLN CD  OE1  doub N N 101 
GLN CD  NE2  sing N N 102 
GLN NE2 HE21 sing N N 103 
GLN NE2 HE22 sing N N 104 
GLN OXT HXT  sing N N 105 
GLU N   CA   sing N N 106 
GLU N   H    sing N N 107 
GLU N   H2   sing N N 108 
GLU CA  C    sing N N 109 
GLU CA  CB   sing N N 110 
GLU CA  HA   sing N N 111 
GLU C   O    doub N N 112 
GLU C   OXT  sing N N 113 
GLU CB  CG   sing N N 114 
GLU CB  HB2  sing N N 115 
GLU CB  HB3  sing N N 116 
GLU CG  CD   sing N N 117 
GLU CG  HG2  sing N N 118 
GLU CG  HG3  sing N N 119 
GLU CD  OE1  doub N N 120 
GLU CD  OE2  sing N N 121 
GLU OE2 HE2  sing N N 122 
GLU OXT HXT  sing N N 123 
GLY N   CA   sing N N 124 
GLY N   H    sing N N 125 
GLY N   H2   sing N N 126 
GLY CA  C    sing N N 127 
GLY CA  HA2  sing N N 128 
GLY CA  HA3  sing N N 129 
GLY C   O    doub N N 130 
GLY C   OXT  sing N N 131 
GLY OXT HXT  sing N N 132 
GOL C1  O1   sing N N 133 
GOL C1  C2   sing N N 134 
GOL C1  H11  sing N N 135 
GOL C1  H12  sing N N 136 
GOL O1  HO1  sing N N 137 
GOL C2  O2   sing N N 138 
GOL C2  C3   sing N N 139 
GOL C2  H2   sing N N 140 
GOL O2  HO2  sing N N 141 
GOL C3  O3   sing N N 142 
GOL C3  H31  sing N N 143 
GOL C3  H32  sing N N 144 
GOL O3  HO3  sing N N 145 
HIS N   CA   sing N N 146 
HIS N   H    sing N N 147 
HIS N   H2   sing N N 148 
HIS CA  C    sing N N 149 
HIS CA  CB   sing N N 150 
HIS CA  HA   sing N N 151 
HIS C   O    doub N N 152 
HIS C   OXT  sing N N 153 
HIS CB  CG   sing N N 154 
HIS CB  HB2  sing N N 155 
HIS CB  HB3  sing N N 156 
HIS CG  ND1  sing Y N 157 
HIS CG  CD2  doub Y N 158 
HIS ND1 CE1  doub Y N 159 
HIS ND1 HD1  sing N N 160 
HIS CD2 NE2  sing Y N 161 
HIS CD2 HD2  sing N N 162 
HIS CE1 NE2  sing Y N 163 
HIS CE1 HE1  sing N N 164 
HIS NE2 HE2  sing N N 165 
HIS OXT HXT  sing N N 166 
HOH O   H1   sing N N 167 
HOH O   H2   sing N N 168 
ILE N   CA   sing N N 169 
ILE N   H    sing N N 170 
ILE N   H2   sing N N 171 
ILE CA  C    sing N N 172 
ILE CA  CB   sing N N 173 
ILE CA  HA   sing N N 174 
ILE C   O    doub N N 175 
ILE C   OXT  sing N N 176 
ILE CB  CG1  sing N N 177 
ILE CB  CG2  sing N N 178 
ILE CB  HB   sing N N 179 
ILE CG1 CD1  sing N N 180 
ILE CG1 HG12 sing N N 181 
ILE CG1 HG13 sing N N 182 
ILE CG2 HG21 sing N N 183 
ILE CG2 HG22 sing N N 184 
ILE CG2 HG23 sing N N 185 
ILE CD1 HD11 sing N N 186 
ILE CD1 HD12 sing N N 187 
ILE CD1 HD13 sing N N 188 
ILE OXT HXT  sing N N 189 
LEU N   CA   sing N N 190 
LEU N   H    sing N N 191 
LEU N   H2   sing N N 192 
LEU CA  C    sing N N 193 
LEU CA  CB   sing N N 194 
LEU CA  HA   sing N N 195 
LEU C   O    doub N N 196 
LEU C   OXT  sing N N 197 
LEU CB  CG   sing N N 198 
LEU CB  HB2  sing N N 199 
LEU CB  HB3  sing N N 200 
LEU CG  CD1  sing N N 201 
LEU CG  CD2  sing N N 202 
LEU CG  HG   sing N N 203 
LEU CD1 HD11 sing N N 204 
LEU CD1 HD12 sing N N 205 
LEU CD1 HD13 sing N N 206 
LEU CD2 HD21 sing N N 207 
LEU CD2 HD22 sing N N 208 
LEU CD2 HD23 sing N N 209 
LEU OXT HXT  sing N N 210 
LYS N   CA   sing N N 211 
LYS N   H    sing N N 212 
LYS N   H2   sing N N 213 
LYS CA  C    sing N N 214 
LYS CA  CB   sing N N 215 
LYS CA  HA   sing N N 216 
LYS C   O    doub N N 217 
LYS C   OXT  sing N N 218 
LYS CB  CG   sing N N 219 
LYS CB  HB2  sing N N 220 
LYS CB  HB3  sing N N 221 
LYS CG  CD   sing N N 222 
LYS CG  HG2  sing N N 223 
LYS CG  HG3  sing N N 224 
LYS CD  CE   sing N N 225 
LYS CD  HD2  sing N N 226 
LYS CD  HD3  sing N N 227 
LYS CE  NZ   sing N N 228 
LYS CE  HE2  sing N N 229 
LYS CE  HE3  sing N N 230 
LYS NZ  HZ1  sing N N 231 
LYS NZ  HZ2  sing N N 232 
LYS NZ  HZ3  sing N N 233 
LYS OXT HXT  sing N N 234 
MET N   CA   sing N N 235 
MET N   H    sing N N 236 
MET N   H2   sing N N 237 
MET CA  C    sing N N 238 
MET CA  CB   sing N N 239 
MET CA  HA   sing N N 240 
MET C   O    doub N N 241 
MET C   OXT  sing N N 242 
MET CB  CG   sing N N 243 
MET CB  HB2  sing N N 244 
MET CB  HB3  sing N N 245 
MET CG  SD   sing N N 246 
MET CG  HG2  sing N N 247 
MET CG  HG3  sing N N 248 
MET SD  CE   sing N N 249 
MET CE  HE1  sing N N 250 
MET CE  HE2  sing N N 251 
MET CE  HE3  sing N N 252 
MET OXT HXT  sing N N 253 
PHE N   CA   sing N N 254 
PHE N   H    sing N N 255 
PHE N   H2   sing N N 256 
PHE CA  C    sing N N 257 
PHE CA  CB   sing N N 258 
PHE CA  HA   sing N N 259 
PHE C   O    doub N N 260 
PHE C   OXT  sing N N 261 
PHE CB  CG   sing N N 262 
PHE CB  HB2  sing N N 263 
PHE CB  HB3  sing N N 264 
PHE CG  CD1  doub Y N 265 
PHE CG  CD2  sing Y N 266 
PHE CD1 CE1  sing Y N 267 
PHE CD1 HD1  sing N N 268 
PHE CD2 CE2  doub Y N 269 
PHE CD2 HD2  sing N N 270 
PHE CE1 CZ   doub Y N 271 
PHE CE1 HE1  sing N N 272 
PHE CE2 CZ   sing Y N 273 
PHE CE2 HE2  sing N N 274 
PHE CZ  HZ   sing N N 275 
PHE OXT HXT  sing N N 276 
PO4 P   O1   doub N N 277 
PO4 P   O2   sing N N 278 
PO4 P   O3   sing N N 279 
PO4 P   O4   sing N N 280 
PRO N   CA   sing N N 281 
PRO N   CD   sing N N 282 
PRO N   H    sing N N 283 
PRO CA  C    sing N N 284 
PRO CA  CB   sing N N 285 
PRO CA  HA   sing N N 286 
PRO C   O    doub N N 287 
PRO C   OXT  sing N N 288 
PRO CB  CG   sing N N 289 
PRO CB  HB2  sing N N 290 
PRO CB  HB3  sing N N 291 
PRO CG  CD   sing N N 292 
PRO CG  HG2  sing N N 293 
PRO CG  HG3  sing N N 294 
PRO CD  HD2  sing N N 295 
PRO CD  HD3  sing N N 296 
PRO OXT HXT  sing N N 297 
SER N   CA   sing N N 298 
SER N   H    sing N N 299 
SER N   H2   sing N N 300 
SER CA  C    sing N N 301 
SER CA  CB   sing N N 302 
SER CA  HA   sing N N 303 
SER C   O    doub N N 304 
SER C   OXT  sing N N 305 
SER CB  OG   sing N N 306 
SER CB  HB2  sing N N 307 
SER CB  HB3  sing N N 308 
SER OG  HG   sing N N 309 
SER OXT HXT  sing N N 310 
THR N   CA   sing N N 311 
THR N   H    sing N N 312 
THR N   H2   sing N N 313 
THR CA  C    sing N N 314 
THR CA  CB   sing N N 315 
THR CA  HA   sing N N 316 
THR C   O    doub N N 317 
THR C   OXT  sing N N 318 
THR CB  OG1  sing N N 319 
THR CB  CG2  sing N N 320 
THR CB  HB   sing N N 321 
THR OG1 HG1  sing N N 322 
THR CG2 HG21 sing N N 323 
THR CG2 HG22 sing N N 324 
THR CG2 HG23 sing N N 325 
THR OXT HXT  sing N N 326 
TRP N   CA   sing N N 327 
TRP N   H    sing N N 328 
TRP N   H2   sing N N 329 
TRP CA  C    sing N N 330 
TRP CA  CB   sing N N 331 
TRP CA  HA   sing N N 332 
TRP C   O    doub N N 333 
TRP C   OXT  sing N N 334 
TRP CB  CG   sing N N 335 
TRP CB  HB2  sing N N 336 
TRP CB  HB3  sing N N 337 
TRP CG  CD1  doub Y N 338 
TRP CG  CD2  sing Y N 339 
TRP CD1 NE1  sing Y N 340 
TRP CD1 HD1  sing N N 341 
TRP CD2 CE2  doub Y N 342 
TRP CD2 CE3  sing Y N 343 
TRP NE1 CE2  sing Y N 344 
TRP NE1 HE1  sing N N 345 
TRP CE2 CZ2  sing Y N 346 
TRP CE3 CZ3  doub Y N 347 
TRP CE3 HE3  sing N N 348 
TRP CZ2 CH2  doub Y N 349 
TRP CZ2 HZ2  sing N N 350 
TRP CZ3 CH2  sing Y N 351 
TRP CZ3 HZ3  sing N N 352 
TRP CH2 HH2  sing N N 353 
TRP OXT HXT  sing N N 354 
TYR N   CA   sing N N 355 
TYR N   H    sing N N 356 
TYR N   H2   sing N N 357 
TYR CA  C    sing N N 358 
TYR CA  CB   sing N N 359 
TYR CA  HA   sing N N 360 
TYR C   O    doub N N 361 
TYR C   OXT  sing N N 362 
TYR CB  CG   sing N N 363 
TYR CB  HB2  sing N N 364 
TYR CB  HB3  sing N N 365 
TYR CG  CD1  doub Y N 366 
TYR CG  CD2  sing Y N 367 
TYR CD1 CE1  sing Y N 368 
TYR CD1 HD1  sing N N 369 
TYR CD2 CE2  doub Y N 370 
TYR CD2 HD2  sing N N 371 
TYR CE1 CZ   doub Y N 372 
TYR CE1 HE1  sing N N 373 
TYR CE2 CZ   sing Y N 374 
TYR CE2 HE2  sing N N 375 
TYR CZ  OH   sing N N 376 
TYR OH  HH   sing N N 377 
TYR OXT HXT  sing N N 378 
VAL N   CA   sing N N 379 
VAL N   H    sing N N 380 
VAL N   H2   sing N N 381 
VAL CA  C    sing N N 382 
VAL CA  CB   sing N N 383 
VAL CA  HA   sing N N 384 
VAL C   O    doub N N 385 
VAL C   OXT  sing N N 386 
VAL CB  CG1  sing N N 387 
VAL CB  CG2  sing N N 388 
VAL CB  HB   sing N N 389 
VAL CG1 HG11 sing N N 390 
VAL CG1 HG12 sing N N 391 
VAL CG1 HG13 sing N N 392 
VAL CG2 HG21 sing N N 393 
VAL CG2 HG22 sing N N 394 
VAL CG2 HG23 sing N N 395 
VAL OXT HXT  sing N N 396 
# 
_atom_sites.entry_id                    4OVB 
_atom_sites.fract_transf_matrix[1][1]   -0.01075796 
_atom_sites.fract_transf_matrix[1][2]   -0.01210685 
_atom_sites.fract_transf_matrix[1][3]   0.00254043 
_atom_sites.fract_transf_matrix[2][1]   0.00665661 
_atom_sites.fract_transf_matrix[2][2]   -0.00282779 
_atom_sites.fract_transf_matrix[2][3]   0.01471246 
_atom_sites.fract_transf_matrix[3][1]   -0.00500990 
_atom_sites.fract_transf_matrix[3][2]   0.00513443 
_atom_sites.fract_transf_matrix[3][3]   0.00325357 
_atom_sites.fract_transf_vector[1]      -0.447822 
_atom_sites.fract_transf_vector[2]      0.064229 
_atom_sites.fract_transf_vector[3]      -0.060014 
# 
loop_
_atom_type.symbol 
AU 
C  
N  
O  
P  
S  
# 
loop_
_atom_site.group_PDB 
_atom_site.id 
_atom_site.type_symbol 
_atom_site.label_atom_id 
_atom_site.label_alt_id 
_atom_site.label_comp_id 
_atom_site.label_asym_id 
_atom_site.label_entity_id 
_atom_site.label_seq_id 
_atom_site.pdbx_PDB_ins_code 
_atom_site.Cartn_x 
_atom_site.Cartn_y 
_atom_site.Cartn_z 
_atom_site.occupancy 
_atom_site.B_iso_or_equiv 
_atom_site.pdbx_formal_charge 
_atom_site.auth_seq_id 
_atom_site.auth_comp_id 
_atom_site.auth_asym_id 
_atom_site.auth_atom_id 
_atom_site.pdbx_PDB_model_num 
ATOM   1    N  N   . MET A 1 1   ? 15.215  -18.657 13.143  1.00 50.05 ? 1   MET A N   1 
ATOM   2    C  CA  . MET A 1 1   ? 15.469  -19.633 12.083  1.00 44.58 ? 1   MET A CA  1 
ATOM   3    C  C   . MET A 1 1   ? 14.302  -19.732 11.102  1.00 47.03 ? 1   MET A C   1 
ATOM   4    O  O   . MET A 1 1   ? 13.297  -19.027 11.240  1.00 43.49 ? 1   MET A O   1 
ATOM   5    C  CB  . MET A 1 1   ? 15.792  -21.014 12.664  1.00 49.31 ? 1   MET A CB  1 
ATOM   6    N  N   . LEU A 1 2   ? 14.431  -20.631 10.131  1.00 45.45 ? 2   LEU A N   1 
ATOM   7    C  CA  . LEU A 1 2   ? 13.542  -20.653 8.970   1.00 44.59 ? 2   LEU A CA  1 
ATOM   8    C  C   . LEU A 1 2   ? 12.136  -21.207 9.229   1.00 44.53 ? 2   LEU A C   1 
ATOM   9    O  O   . LEU A 1 2   ? 11.155  -20.638 8.754   1.00 44.33 ? 2   LEU A O   1 
ATOM   10   C  CB  . LEU A 1 2   ? 14.203  -21.420 7.828   1.00 48.19 ? 2   LEU A CB  1 
ATOM   11   C  CG  . LEU A 1 2   ? 13.644  -21.171 6.431   1.00 48.49 ? 2   LEU A CG  1 
ATOM   12   C  CD1 . LEU A 1 2   ? 13.608  -19.676 6.137   1.00 50.03 ? 2   LEU A CD1 1 
ATOM   13   C  CD2 . LEU A 1 2   ? 14.485  -21.909 5.398   1.00 54.18 ? 2   LEU A CD2 1 
ATOM   14   N  N   . LEU A 1 3   ? 12.047  -22.322 9.950   1.00 42.56 ? 3   LEU A N   1 
ATOM   15   C  CA  . LEU A 1 3   ? 10.761  -22.927 10.283  1.00 39.53 ? 3   LEU A CA  1 
ATOM   16   C  C   . LEU A 1 3   ? 10.001  -21.955 11.158  1.00 40.27 ? 3   LEU A C   1 
ATOM   17   O  O   . LEU A 1 3   ? 8.787   -21.764 11.004  1.00 41.34 ? 3   LEU A O   1 
ATOM   18   C  CB  . LEU A 1 3   ? 10.977  -24.256 11.009  1.00 41.29 ? 3   LEU A CB  1 
ATOM   19   C  CG  . LEU A 1 3   ? 9.805   -24.961 11.702  1.00 37.18 ? 3   LEU A CG  1 
ATOM   20   C  CD1 . LEU A 1 3   ? 8.769   -25.457 10.703  1.00 32.77 ? 3   LEU A CD1 1 
ATOM   21   C  CD2 . LEU A 1 3   ? 10.321  -26.118 12.550  1.00 31.03 ? 3   LEU A CD2 1 
ATOM   22   N  N   . TRP A 1 4   ? 10.732  -21.322 12.066  1.00 38.55 ? 4   TRP A N   1 
ATOM   23   C  CA  A TRP A 1 4   ? 10.173  -20.297 12.949  0.61 38.53 ? 4   TRP A CA  1 
ATOM   24   C  CA  B TRP A 1 4   ? 10.160  -20.320 12.945  0.39 38.55 ? 4   TRP A CA  1 
ATOM   25   C  C   . TRP A 1 4   ? 9.454   -19.227 12.145  1.00 39.95 ? 4   TRP A C   1 
ATOM   26   O  O   . TRP A 1 4   ? 8.290   -18.897 12.410  1.00 38.77 ? 4   TRP A O   1 
ATOM   27   C  CB  A TRP A 1 4   ? 11.277  -19.637 13.791  0.61 38.97 ? 4   TRP A CB  1 
ATOM   28   C  CB  B TRP A 1 4   ? 11.267  -19.720 13.807  0.39 39.01 ? 4   TRP A CB  1 
ATOM   29   C  CG  A TRP A 1 4   ? 10.820  -18.389 14.504  0.61 40.60 ? 4   TRP A CG  1 
ATOM   30   C  CG  B TRP A 1 4   ? 10.772  -18.845 14.884  0.39 40.02 ? 4   TRP A CG  1 
ATOM   31   C  CD1 A TRP A 1 4   ? 10.720  -17.125 13.978  0.61 41.92 ? 4   TRP A CD1 1 
ATOM   32   C  CD1 B TRP A 1 4   ? 10.355  -19.225 16.124  0.39 39.51 ? 4   TRP A CD1 1 
ATOM   33   C  CD2 A TRP A 1 4   ? 10.392  -18.286 15.869  0.61 39.86 ? 4   TRP A CD2 1 
ATOM   34   C  CD2 B TRP A 1 4   ? 10.643  -17.423 14.834  0.39 41.05 ? 4   TRP A CD2 1 
ATOM   35   N  NE1 A TRP A 1 4   ? 10.247  -16.254 14.932  0.61 40.77 ? 4   TRP A NE1 1 
ATOM   36   N  NE1 B TRP A 1 4   ? 9.967   -18.124 16.849  0.39 39.70 ? 4   TRP A NE1 1 
ATOM   37   C  CE2 A TRP A 1 4   ? 10.041  -16.940 16.100  0.61 40.25 ? 4   TRP A CE2 1 
ATOM   38   C  CE2 B TRP A 1 4   ? 10.134  -17.004 16.076  0.39 40.19 ? 4   TRP A CE2 1 
ATOM   39   C  CE3 A TRP A 1 4   ? 10.277  -19.200 16.921  0.61 39.29 ? 4   TRP A CE3 1 
ATOM   40   C  CE3 B TRP A 1 4   ? 10.909  -16.460 13.857  0.39 41.80 ? 4   TRP A CE3 1 
ATOM   41   C  CZ2 A TRP A 1 4   ? 9.578   -16.491 17.346  0.61 42.09 ? 4   TRP A CZ2 1 
ATOM   42   C  CZ2 B TRP A 1 4   ? 9.887   -15.662 16.367  0.39 41.61 ? 4   TRP A CZ2 1 
ATOM   43   C  CZ3 A TRP A 1 4   ? 9.817   -18.753 18.149  0.61 37.82 ? 4   TRP A CZ3 1 
ATOM   44   C  CZ3 B TRP A 1 4   ? 10.663  -15.132 14.146  0.39 40.75 ? 4   TRP A CZ3 1 
ATOM   45   C  CH2 A TRP A 1 4   ? 9.473   -17.413 18.352  0.61 40.01 ? 4   TRP A CH2 1 
ATOM   46   C  CH2 B TRP A 1 4   ? 10.157  -14.745 15.387  0.39 41.55 ? 4   TRP A CH2 1 
ATOM   47   N  N   . ARG A 1 5   ? 10.156  -18.671 11.166  1.00 39.13 ? 5   ARG A N   1 
ATOM   48   C  CA  . ARG A 1 5   ? 9.624   -17.565 10.375  1.00 41.29 ? 5   ARG A CA  1 
ATOM   49   C  C   . ARG A 1 5   ? 8.478   -17.993 9.448   1.00 40.04 ? 5   ARG A C   1 
ATOM   50   O  O   . ARG A 1 5   ? 7.482   -17.274 9.314   1.00 36.75 ? 5   ARG A O   1 
ATOM   51   C  CB  . ARG A 1 5   ? 10.759  -16.866 9.612   1.00 45.82 ? 5   ARG A CB  1 
ATOM   52   C  CG  . ARG A 1 5   ? 11.628  -15.978 10.510  1.00 45.69 ? 5   ARG A CG  1 
ATOM   53   C  CD  . ARG A 1 5   ? 13.110  -16.050 10.159  1.00 48.86 ? 5   ARG A CD  1 
ATOM   54   N  NE  . ARG A 1 5   ? 13.421  -15.501 8.843   1.00 52.61 ? 5   ARG A NE  1 
ATOM   55   C  CZ  . ARG A 1 5   ? 14.406  -15.946 8.068   1.00 53.29 ? 5   ARG A CZ  1 
ATOM   56   N  NH1 . ARG A 1 5   ? 14.625  -15.391 6.881   1.00 57.36 ? 5   ARG A NH1 1 
ATOM   57   N  NH2 . ARG A 1 5   ? 15.176  -16.949 8.478   1.00 54.29 ? 5   ARG A NH2 1 
ATOM   58   N  N   A ARG A 1 6   ? 8.611   -19.162 8.826   0.43 38.05 ? 6   ARG A N   1 
ATOM   59   N  N   B ARG A 1 6   ? 8.624   -19.161 8.826   0.57 38.04 ? 6   ARG A N   1 
ATOM   60   C  CA  A ARG A 1 6   ? 7.548   -19.684 7.970   0.43 38.18 ? 6   ARG A CA  1 
ATOM   61   C  CA  B ARG A 1 6   ? 7.578   -19.715 7.971   0.57 38.18 ? 6   ARG A CA  1 
ATOM   62   C  C   A ARG A 1 6   ? 6.260   -19.933 8.740   0.43 35.79 ? 6   ARG A C   1 
ATOM   63   C  C   B ARG A 1 6   ? 6.275   -19.954 8.729   0.57 35.79 ? 6   ARG A C   1 
ATOM   64   O  O   A ARG A 1 6   ? 5.173   -19.617 8.255   0.43 34.54 ? 6   ARG A O   1 
ATOM   65   O  O   B ARG A 1 6   ? 5.194   -19.643 8.225   0.57 34.53 ? 6   ARG A O   1 
ATOM   66   C  CB  A ARG A 1 6   ? 7.988   -20.967 7.271   0.43 39.56 ? 6   ARG A CB  1 
ATOM   67   C  CB  B ARG A 1 6   ? 8.057   -21.012 7.313   0.57 39.55 ? 6   ARG A CB  1 
ATOM   68   C  CG  A ARG A 1 6   ? 9.002   -20.736 6.169   0.43 42.86 ? 6   ARG A CG  1 
ATOM   69   C  CG  B ARG A 1 6   ? 8.821   -20.787 6.011   0.57 42.93 ? 6   ARG A CG  1 
ATOM   70   C  CD  A ARG A 1 6   ? 9.096   -21.938 5.250   0.43 46.37 ? 6   ARG A CD  1 
ATOM   71   C  CD  B ARG A 1 6   ? 9.498   -22.057 5.492   0.57 46.53 ? 6   ARG A CD  1 
ATOM   72   N  NE  A ARG A 1 6   ? 10.429  -22.532 5.254   0.43 46.76 ? 6   ARG A NE  1 
ATOM   73   N  NE  B ARG A 1 6   ? 9.629   -22.027 4.035   0.57 47.79 ? 6   ARG A NE  1 
ATOM   74   C  CZ  A ARG A 1 6   ? 10.861  -23.382 4.332   0.43 45.83 ? 6   ARG A CZ  1 
ATOM   75   C  CZ  B ARG A 1 6   ? 8.965   -22.829 3.207   0.57 47.22 ? 6   ARG A CZ  1 
ATOM   76   N  NH1 A ARG A 1 6   ? 12.086  -23.879 4.407   0.43 49.76 ? 6   ARG A NH1 1 
ATOM   77   N  NH1 B ARG A 1 6   ? 9.138   -22.720 1.896   0.57 48.69 ? 6   ARG A NH1 1 
ATOM   78   N  NH2 A ARG A 1 6   ? 10.068  -23.733 3.332   0.43 46.13 ? 6   ARG A NH2 1 
ATOM   79   N  NH2 B ARG A 1 6   ? 8.132   -23.744 3.690   0.57 45.27 ? 6   ARG A NH2 1 
ATOM   80   N  N   . CYS A 1 7   ? 6.377   -20.508 9.934   1.00 33.33 ? 7   CYS A N   1 
ATOM   81   C  CA  . CYS A 1 7   ? 5.199   -20.781 10.748  1.00 33.42 ? 7   CYS A CA  1 
ATOM   82   C  C   . CYS A 1 7   ? 4.550   -19.476 11.174  1.00 32.33 ? 7   CYS A C   1 
ATOM   83   O  O   . CYS A 1 7   ? 3.326   -19.372 11.189  1.00 33.79 ? 7   CYS A O   1 
ATOM   84   C  CB  . CYS A 1 7   ? 5.545   -21.627 11.971  1.00 32.77 ? 7   CYS A CB  1 
ATOM   85   S  SG  . CYS A 1 7   ? 6.051   -23.334 11.568  1.00 32.71 ? 7   CYS A SG  1 
ATOM   86   N  N   . ARG A 1 8   ? 5.368   -18.474 11.492  1.00 32.53 ? 8   ARG A N   1 
ATOM   87   C  CA  . ARG A 1 8   ? 4.853   -17.174 11.916  1.00 35.47 ? 8   ARG A CA  1 
ATOM   88   C  C   . ARG A 1 8   ? 4.102   -16.539 10.765  1.00 36.38 ? 8   ARG A C   1 
ATOM   89   O  O   . ARG A 1 8   ? 2.985   -16.021 10.935  1.00 34.02 ? 8   ARG A O   1 
ATOM   90   C  CB  . ARG A 1 8   ? 5.995   -16.263 12.354  1.00 37.93 ? 8   ARG A CB  1 
ATOM   91   C  CG  . ARG A 1 8   ? 5.687   -15.433 13.591  1.00 43.22 ? 8   ARG A CG  1 
ATOM   92   C  CD  . ARG A 1 8   ? 6.929   -14.677 14.077  1.00 46.49 ? 8   ARG A CD  1 
ATOM   93   N  N   . ALA A 1 9   ? 4.709   -16.600 9.584   1.00 31.08 ? 9   ALA A N   1 
ATOM   94   C  CA  . ALA A 1 9   ? 4.097   -16.022 8.386   1.00 32.55 ? 9   ALA A CA  1 
ATOM   95   C  C   . ALA A 1 9   ? 2.799   -16.739 8.033   1.00 34.24 ? 9   ALA A C   1 
ATOM   96   O  O   . ALA A 1 9   ? 1.828   -16.107 7.641   1.00 32.76 ? 9   ALA A O   1 
ATOM   97   C  CB  . ALA A 1 9   ? 5.067   -16.051 7.215   1.00 34.43 ? 9   ALA A CB  1 
ATOM   98   N  N   . TRP A 1 10  ? 2.792   -18.063 8.162   1.00 32.39 ? 10  TRP A N   1 
ATOM   99   C  CA  . TRP A 1 10  ? 1.590   -18.850 7.919   1.00 32.57 ? 10  TRP A CA  1 
ATOM   100  C  C   . TRP A 1 10  ? 0.451   -18.407 8.834   1.00 33.49 ? 10  TRP A C   1 
ATOM   101  O  O   . TRP A 1 10  ? -0.675  -18.209 8.376   1.00 33.65 ? 10  TRP A O   1 
ATOM   102  C  CB  . TRP A 1 10  ? 1.901   -20.326 8.157   1.00 32.40 ? 10  TRP A CB  1 
ATOM   103  C  CG  . TRP A 1 10  ? 0.821   -21.311 7.730   1.00 30.83 ? 10  TRP A CG  1 
ATOM   104  C  CD1 . TRP A 1 10  ? 0.769   -22.010 6.556   1.00 34.12 ? 10  TRP A CD1 1 
ATOM   105  C  CD2 . TRP A 1 10  ? -0.318  -21.739 8.496   1.00 32.18 ? 10  TRP A CD2 1 
ATOM   106  N  NE1 . TRP A 1 10  ? -0.334  -22.831 6.537   1.00 31.07 ? 10  TRP A NE1 1 
ATOM   107  C  CE2 . TRP A 1 10  ? -1.018  -22.684 7.716   1.00 32.60 ? 10  TRP A CE2 1 
ATOM   108  C  CE3 . TRP A 1 10  ? -0.818  -21.407 9.764   1.00 29.47 ? 10  TRP A CE3 1 
ATOM   109  C  CZ2 . TRP A 1 10  ? -2.198  -23.299 8.161   1.00 31.58 ? 10  TRP A CZ2 1 
ATOM   110  C  CZ3 . TRP A 1 10  ? -1.986  -22.021 10.201  1.00 31.60 ? 10  TRP A CZ3 1 
ATOM   111  C  CH2 . TRP A 1 10  ? -2.663  -22.953 9.405   1.00 29.22 ? 10  TRP A CH2 1 
ATOM   112  N  N   . LEU A 1 11  ? 0.739   -18.250 10.124  1.00 29.03 ? 11  LEU A N   1 
ATOM   113  C  CA  . LEU A 1 11  ? -0.302  -17.913 11.086  1.00 30.40 ? 11  LEU A CA  1 
ATOM   114  C  C   . LEU A 1 11  ? -0.854  -16.505 10.844  1.00 33.16 ? 11  LEU A C   1 
ATOM   115  O  O   . LEU A 1 11  ? -2.058  -16.266 10.987  1.00 30.44 ? 11  LEU A O   1 
ATOM   116  C  CB  . LEU A 1 11  ? 0.223   -18.045 12.516  1.00 30.68 ? 11  LEU A CB  1 
ATOM   117  C  CG  . LEU A 1 11  ? 0.582   -19.459 12.979  1.00 30.62 ? 11  LEU A CG  1 
ATOM   118  C  CD1 . LEU A 1 11  ? 1.461   -19.427 14.222  1.00 25.22 ? 11  LEU A CD1 1 
ATOM   119  C  CD2 . LEU A 1 11  ? -0.681  -20.248 13.252  1.00 31.31 ? 11  LEU A CD2 1 
ATOM   120  N  N   . GLU A 1 12  ? 0.026   -15.576 10.481  1.00 30.27 ? 12  GLU A N   1 
ATOM   121  C  CA  . GLU A 1 12  ? -0.400  -14.213 10.167  1.00 34.25 ? 12  GLU A CA  1 
ATOM   122  C  C   . GLU A 1 12  ? -1.314  -14.194 8.934   1.00 34.56 ? 12  GLU A C   1 
ATOM   123  O  O   . GLU A 1 12  ? -2.341  -13.514 8.921   1.00 33.88 ? 12  GLU A O   1 
ATOM   124  C  CB  . GLU A 1 12  ? 0.819   -13.297 9.987   1.00 33.99 ? 12  GLU A CB  1 
ATOM   125  C  CG  . GLU A 1 12  ? 0.506   -11.802 9.804   1.00 33.53 ? 12  GLU A CG  1 
ATOM   126  C  CD  . GLU A 1 12  ? 0.194   -11.077 11.124  1.00 42.37 ? 12  GLU A CD  1 
ATOM   127  O  OE1 . GLU A 1 12  ? -0.240  -11.754 12.077  1.00 37.99 ? 12  GLU A OE1 1 
ATOM   128  O  OE2 . GLU A 1 12  ? 0.385   -9.836  11.212  1.00 37.48 ? 12  GLU A OE2 1 
ATOM   129  N  N   . ILE A 1 13  ? -0.957  -14.967 7.917   1.00 31.41 ? 13  ILE A N   1 
ATOM   130  C  CA  . ILE A 1 13  ? -1.773  -15.053 6.714   1.00 33.50 ? 13  ILE A CA  1 
ATOM   131  C  C   . ILE A 1 13  ? -3.156  -15.613 7.049   1.00 35.46 ? 13  ILE A C   1 
ATOM   132  O  O   . ILE A 1 13  ? -4.170  -15.100 6.567   1.00 33.97 ? 13  ILE A O   1 
ATOM   133  C  CB  . ILE A 1 13  ? -1.071  -15.878 5.607   1.00 31.44 ? 13  ILE A CB  1 
ATOM   134  C  CG1 . ILE A 1 13  ? 0.149   -15.115 5.079   1.00 29.12 ? 13  ILE A CG1 1 
ATOM   135  C  CG2 . ILE A 1 13  ? -2.030  -16.184 4.461   1.00 33.59 ? 13  ILE A CG2 1 
ATOM   136  C  CD1 . ILE A 1 13  ? 1.113   -15.945 4.251   1.00 35.27 ? 13  ILE A CD1 1 
ATOM   137  N  N   . ARG A 1 14  ? -3.196  -16.640 7.894   1.00 33.65 ? 14  ARG A N   1 
ATOM   138  C  CA  . ARG A 1 14  ? -4.460  -17.220 8.340   1.00 36.29 ? 14  ARG A CA  1 
ATOM   139  C  C   . ARG A 1 14  ? -5.303  -16.179 9.080   1.00 36.64 ? 14  ARG A C   1 
ATOM   140  O  O   . ARG A 1 14  ? -6.523  -16.127 8.912   1.00 39.69 ? 14  ARG A O   1 
ATOM   141  C  CB  . ARG A 1 14  ? -4.200  -18.435 9.243   1.00 38.68 ? 14  ARG A CB  1 
ATOM   142  C  CG  . ARG A 1 14  ? -5.457  -19.124 9.719   1.00 41.66 ? 14  ARG A CG  1 
ATOM   143  C  CD  . ARG A 1 14  ? -5.203  -20.087 10.879  1.00 46.99 ? 14  ARG A CD  1 
ATOM   144  N  NE  . ARG A 1 14  ? -6.458  -20.544 11.484  1.00 48.85 ? 14  ARG A NE  1 
ATOM   145  C  CZ  . ARG A 1 14  ? -7.124  -21.624 11.086  1.00 51.31 ? 14  ARG A CZ  1 
ATOM   146  N  NH2 . ARG A 1 14  ? -6.642  -22.361 10.089  1.00 50.88 ? 14  ARG A NH2 1 
ATOM   147  N  N   . ARG A 1 15  ? -4.651  -15.351 9.895   1.00 35.65 ? 15  ARG A N   1 
ATOM   148  C  CA  . ARG A 1 15  ? -5.328  -14.272 10.600  1.00 40.68 ? 15  ARG A CA  1 
ATOM   149  C  C   . ARG A 1 15  ? -5.925  -13.311 9.579   1.00 42.29 ? 15  ARG A C   1 
ATOM   150  O  O   . ARG A 1 15  ? -7.096  -12.926 9.678   1.00 41.00 ? 15  ARG A O   1 
ATOM   151  C  CB  . ARG A 1 15  ? -4.352  -13.512 11.507  1.00 39.67 ? 15  ARG A CB  1 
ATOM   152  C  CG  . ARG A 1 15  ? -4.929  -12.195 12.064  1.00 50.79 ? 15  ARG A CG  1 
ATOM   153  C  CD  . ARG A 1 15  ? -3.848  -11.224 12.577  1.00 53.03 ? 15  ARG A CD  1 
ATOM   154  N  NE  . ARG A 1 15  ? -3.353  -11.589 13.905  1.00 55.12 ? 15  ARG A NE  1 
ATOM   155  C  CZ  . ARG A 1 15  ? -2.284  -11.049 14.489  1.00 52.22 ? 15  ARG A CZ  1 
ATOM   156  N  NH1 . ARG A 1 15  ? -1.575  -10.115 13.867  1.00 49.65 ? 15  ARG A NH1 1 
ATOM   157  N  NH2 . ARG A 1 15  ? -1.917  -11.455 15.700  1.00 56.43 ? 15  ARG A NH2 1 
ATOM   158  N  N   . LEU A 1 16  ? -5.108  -12.930 8.602   1.00 35.10 ? 16  LEU A N   1 
ATOM   159  C  CA  . LEU A 1 16  ? -5.539  -12.009 7.565   1.00 35.27 ? 16  LEU A CA  1 
ATOM   160  C  C   . LEU A 1 16  ? -6.705  -12.599 6.777   1.00 35.45 ? 16  LEU A C   1 
ATOM   161  O  O   . LEU A 1 16  ? -7.661  -11.887 6.453   1.00 32.80 ? 16  LEU A O   1 
ATOM   162  C  CB  . LEU A 1 16  ? -4.362  -11.642 6.655   1.00 28.04 ? 16  LEU A CB  1 
ATOM   163  C  CG  . LEU A 1 16  ? -3.299  -10.821 7.387   1.00 32.68 ? 16  LEU A CG  1 
ATOM   164  C  CD1 . LEU A 1 16  ? -2.051  -10.691 6.554   1.00 26.52 ? 16  LEU A CD1 1 
ATOM   165  C  CD2 . LEU A 1 16  ? -3.828  -9.430  7.753   1.00 31.93 ? 16  LEU A CD2 1 
ATOM   166  N  N   . ASP A 1 17  ? -6.638  -13.898 6.490   1.00 33.93 ? 17  ASP A N   1 
ATOM   167  C  CA  . ASP A 1 17  ? -7.713  -14.574 5.770   1.00 35.99 ? 17  ASP A CA  1 
ATOM   168  C  C   . ASP A 1 17  ? -9.052  -14.411 6.484   1.00 39.45 ? 17  ASP A C   1 
ATOM   169  O  O   . ASP A 1 17  ? -10.064 -14.102 5.850   1.00 38.81 ? 17  ASP A O   1 
ATOM   170  C  CB  . ASP A 1 17  ? -7.408  -16.052 5.598   1.00 30.84 ? 17  ASP A CB  1 
ATOM   171  C  CG  . ASP A 1 17  ? -6.371  -16.312 4.532   1.00 37.52 ? 17  ASP A CG  1 
ATOM   172  O  OD1 . ASP A 1 17  ? -6.004  -15.366 3.799   1.00 34.52 ? 17  ASP A OD1 1 
ATOM   173  O  OD2 . ASP A 1 17  ? -5.927  -17.475 4.418   1.00 35.21 ? 17  ASP A OD2 1 
ATOM   174  N  N   . LYS A 1 18  ? -9.047  -14.611 7.802   1.00 40.96 ? 18  LYS A N   1 
ATOM   175  C  CA  . LYS A 1 18  ? -10.255 -14.461 8.610   1.00 41.77 ? 18  LYS A CA  1 
ATOM   176  C  C   . LYS A 1 18  ? -10.762 -13.023 8.606   1.00 43.37 ? 18  LYS A C   1 
ATOM   177  O  O   . LYS A 1 18  ? -11.934 -12.789 8.345   1.00 45.16 ? 18  LYS A O   1 
ATOM   178  C  CB  . LYS A 1 18  ? -9.999  -14.878 10.057  1.00 40.25 ? 18  LYS A CB  1 
ATOM   179  C  CG  . LYS A 1 18  ? -9.387  -16.224 10.230  1.00 42.96 ? 18  LYS A CG  1 
ATOM   180  C  CD  . LYS A 1 18  ? -10.299 -17.335 9.766   1.00 45.75 ? 18  LYS A CD  1 
ATOM   181  C  CE  . LYS A 1 18  ? -9.669  -18.683 10.115  1.00 52.91 ? 18  LYS A CE  1 
ATOM   182  N  NZ  . LYS A 1 18  ? -10.471 -19.835 9.621   1.00 54.31 ? 18  LYS A NZ  1 
ATOM   183  N  N   . GLU A 1 19  ? -9.880  -12.071 8.920   1.00 41.12 ? 19  GLU A N   1 
ATOM   184  C  CA  . GLU A 1 19  ? -10.240 -10.656 8.962   1.00 39.78 ? 19  GLU A CA  1 
ATOM   185  C  C   . GLU A 1 19  ? -10.883 -10.207 7.659   1.00 44.05 ? 19  GLU A C   1 
ATOM   186  O  O   . GLU A 1 19  ? -11.889 -9.488  7.666   1.00 43.53 ? 19  GLU A O   1 
ATOM   187  C  CB  . GLU A 1 19  ? -9.003  -9.794  9.226   1.00 41.74 ? 19  GLU A CB  1 
ATOM   188  C  CG  . GLU A 1 19  ? -8.615  -9.661  10.681  1.00 43.10 ? 19  GLU A CG  1 
ATOM   189  C  CD  . GLU A 1 19  ? -7.212  -9.119  10.861  1.00 52.40 ? 19  GLU A CD  1 
ATOM   190  O  OE1 . GLU A 1 19  ? -6.570  -8.754  9.851   1.00 51.28 ? 19  GLU A OE1 1 
ATOM   191  O  OE2 . GLU A 1 19  ? -6.735  -9.070  12.016  1.00 62.14 ? 19  GLU A OE2 1 
ATOM   192  N  N   . LEU A 1 20  ? -10.292 -10.621 6.543   1.00 37.15 ? 20  LEU A N   1 
ATOM   193  C  CA  . LEU A 1 20  ? -10.809 -10.262 5.226   1.00 38.47 ? 20  LEU A CA  1 
ATOM   194  C  C   . LEU A 1 20  ? -12.182 -10.894 5.002   1.00 44.61 ? 20  LEU A C   1 
ATOM   195  O  O   . LEU A 1 20  ? -13.060 -10.301 4.365   1.00 42.03 ? 20  LEU A O   1 
ATOM   196  C  CB  . LEU A 1 20  ? -9.819  -10.676 4.134   1.00 40.04 ? 20  LEU A CB  1 
ATOM   197  C  CG  . LEU A 1 20  ? -8.611  -9.747  4.012   1.00 34.59 ? 20  LEU A CG  1 
ATOM   198  C  CD1 . LEU A 1 20  ? -7.449  -10.439 3.350   1.00 34.10 ? 20  LEU A CD1 1 
ATOM   199  C  CD2 . LEU A 1 20  ? -8.978  -8.506  3.216   1.00 36.58 ? 20  LEU A CD2 1 
ATOM   200  N  N   . ALA A 1 21  ? -12.365 -12.092 5.550   1.00 45.12 ? 21  ALA A N   1 
ATOM   201  C  CA  . ALA A 1 21  ? -13.645 -12.790 5.470   1.00 47.43 ? 21  ALA A CA  1 
ATOM   202  C  C   . ALA A 1 21  ? -14.731 -12.064 6.260   1.00 46.87 ? 21  ALA A C   1 
ATOM   203  O  O   . ALA A 1 21  ? -15.848 -11.905 5.777   1.00 53.39 ? 21  ALA A O   1 
ATOM   204  C  CB  . ALA A 1 21  ? -13.497 -14.228 5.953   1.00 45.72 ? 21  ALA A CB  1 
ATOM   205  N  N   . GLN A 1 22  ? -14.396 -11.636 7.476   1.00 44.71 ? 22  GLN A N   1 
ATOM   206  C  CA  . GLN A 1 22  ? -15.318 -10.888 8.325   1.00 49.57 ? 22  GLN A CA  1 
ATOM   207  C  C   . GLN A 1 22  ? -15.733 -9.560  7.697   1.00 53.19 ? 22  GLN A C   1 
ATOM   208  O  O   . GLN A 1 22  ? -16.914 -9.218  7.676   1.00 58.61 ? 22  GLN A O   1 
ATOM   209  C  CB  . GLN A 1 22  ? -14.678 -10.597 9.690   1.00 52.15 ? 22  GLN A CB  1 
ATOM   210  C  CG  . GLN A 1 22  ? -14.717 -11.752 10.680  1.00 52.35 ? 22  GLN A CG  1 
ATOM   211  N  N   . SER A 1 23  ? -14.754 -8.804  7.209   1.00 48.53 ? 23  SER A N   1 
ATOM   212  C  CA  . SER A 1 23  ? -15.000 -7.457  6.705   1.00 45.83 ? 23  SER A CA  1 
ATOM   213  C  C   . SER A 1 23  ? -15.361 -7.433  5.223   1.00 49.04 ? 23  SER A C   1 
ATOM   214  O  O   . SER A 1 23  ? -15.469 -6.359  4.621   1.00 52.88 ? 23  SER A O   1 
ATOM   215  C  CB  . SER A 1 23  ? -13.784 -6.570  6.963   1.00 44.72 ? 23  SER A CB  1 
ATOM   216  O  OG  . SER A 1 23  ? -12.619 -7.099  6.353   1.00 49.54 ? 23  SER A OG  1 
ATOM   217  N  N   . SER A 1 24  ? -15.552 -8.613  4.641   1.00 48.53 ? 24  SER A N   1 
ATOM   218  C  CA  . SER A 1 24  ? -15.913 -8.731  3.229   1.00 48.90 ? 24  SER A CA  1 
ATOM   219  C  C   . SER A 1 24  ? -17.162 -7.900  2.910   1.00 54.64 ? 24  SER A C   1 
ATOM   220  O  O   . SER A 1 24  ? -18.182 -8.000  3.602   1.00 54.10 ? 24  SER A O   1 
ATOM   221  C  CB  . SER A 1 24  ? -16.139 -10.201 2.865   1.00 49.48 ? 24  SER A CB  1 
ATOM   222  O  OG  . SER A 1 24  ? -16.542 -10.331 1.516   1.00 52.62 ? 24  SER A OG  1 
ATOM   223  N  N   . GLY A 1 25  ? -17.066 -7.055  1.886   1.00 52.15 ? 25  GLY A N   1 
ATOM   224  C  CA  . GLY A 1 25  ? -18.202 -6.263  1.442   1.00 55.97 ? 25  GLY A CA  1 
ATOM   225  C  C   . GLY A 1 25  ? -18.694 -5.155  2.363   1.00 55.39 ? 25  GLY A C   1 
ATOM   226  O  O   . GLY A 1 25  ? -19.781 -4.620  2.142   1.00 60.49 ? 25  GLY A O   1 
ATOM   227  N  N   . LEU A 1 26  ? -17.914 -4.817  3.390   1.00 54.54 ? 26  LEU A N   1 
ATOM   228  C  CA  . LEU A 1 26  ? -18.228 -3.683  4.258   1.00 49.68 ? 26  LEU A CA  1 
ATOM   229  C  C   . LEU A 1 26  ? -17.518 -2.437  3.733   1.00 50.86 ? 26  LEU A C   1 
ATOM   230  O  O   . LEU A 1 26  ? -16.518 -2.551  3.023   1.00 51.51 ? 26  LEU A O   1 
ATOM   231  C  CB  . LEU A 1 26  ? -17.787 -3.954  5.700   1.00 53.63 ? 26  LEU A CB  1 
ATOM   232  C  CG  . LEU A 1 26  ? -18.348 -5.161  6.450   1.00 52.35 ? 26  LEU A CG  1 
ATOM   233  C  CD1 . LEU A 1 26  ? -18.095 -5.009  7.936   1.00 48.65 ? 26  LEU A CD1 1 
ATOM   234  C  CD2 . LEU A 1 26  ? -19.825 -5.353  6.162   1.00 55.61 ? 26  LEU A CD2 1 
ATOM   235  N  N   . PRO A 1 27  ? -18.025 -1.240  4.076   1.00 52.53 ? 27  PRO A N   1 
ATOM   236  C  CA  . PRO A 1 27  ? -17.388 -0.020  3.564   1.00 48.56 ? 27  PRO A CA  1 
ATOM   237  C  C   . PRO A 1 27  ? -16.103 0.303   4.325   1.00 45.97 ? 27  PRO A C   1 
ATOM   238  O  O   . PRO A 1 27  ? -16.047 0.178   5.553   1.00 49.87 ? 27  PRO A O   1 
ATOM   239  C  CB  . PRO A 1 27  ? -18.439 1.074   3.833   1.00 47.24 ? 27  PRO A CB  1 
ATOM   240  C  CG  . PRO A 1 27  ? -19.625 0.383   4.458   1.00 53.72 ? 27  PRO A CG  1 
ATOM   241  C  CD  . PRO A 1 27  ? -19.138 -0.928  4.983   1.00 49.49 ? 27  PRO A CD  1 
ATOM   242  N  N   . LEU A 1 28  ? -15.076 0.716   3.595   1.00 44.92 ? 28  LEU A N   1 
ATOM   243  C  CA  . LEU A 1 28  ? -13.796 1.046   4.202   1.00 43.66 ? 28  LEU A CA  1 
ATOM   244  C  C   . LEU A 1 28  ? -13.601 2.543   4.115   1.00 40.31 ? 28  LEU A C   1 
ATOM   245  O  O   . LEU A 1 28  ? -14.219 3.201   3.269   1.00 41.40 ? 28  LEU A O   1 
ATOM   246  C  CB  . LEU A 1 28  ? -12.663 0.336   3.463   1.00 39.13 ? 28  LEU A CB  1 
ATOM   247  C  CG  . LEU A 1 28  ? -12.655 -1.183  3.566   1.00 41.16 ? 28  LEU A CG  1 
ATOM   248  C  CD1 . LEU A 1 28  ? -11.834 -1.819  2.438   1.00 40.38 ? 28  LEU A CD1 1 
ATOM   249  C  CD2 . LEU A 1 28  ? -12.106 -1.588  4.930   1.00 43.53 ? 28  LEU A CD2 1 
ATOM   250  N  N   . GLU A 1 29  ? -12.762 3.090   4.990   1.00 39.42 ? 29  GLU A N   1 
ATOM   251  C  CA  . GLU A 1 29  ? -12.435 4.503   4.894   1.00 38.52 ? 29  GLU A CA  1 
ATOM   252  C  C   . GLU A 1 29  ? -11.483 4.732   3.733   1.00 34.80 ? 29  GLU A C   1 
ATOM   253  O  O   . GLU A 1 29  ? -10.376 4.182   3.708   1.00 30.85 ? 29  GLU A O   1 
ATOM   254  C  CB  . GLU A 1 29  ? -11.844 5.037   6.202   1.00 40.48 ? 29  GLU A CB  1 
ATOM   255  C  CG  . GLU A 1 29  ? -12.857 5.180   7.319   1.00 43.23 ? 29  GLU A CG  1 
ATOM   256  C  CD  . GLU A 1 29  ? -12.420 6.186   8.358   1.00 54.57 ? 29  GLU A CD  1 
ATOM   257  O  OE1 . GLU A 1 29  ? -12.361 7.394   8.025   1.00 55.34 ? 29  GLU A OE1 1 
ATOM   258  O  OE2 . GLU A 1 29  ? -12.136 5.775   9.506   1.00 56.73 ? 29  GLU A OE2 1 
ATOM   259  N  N   . LEU A 1 30  ? -11.929 5.543   2.776   1.00 32.23 ? 30  LEU A N   1 
ATOM   260  C  CA  . LEU A 1 30  ? -11.160 5.827   1.570   1.00 30.40 ? 30  LEU A CA  1 
ATOM   261  C  C   . LEU A 1 30  ? -10.269 7.051   1.728   1.00 33.05 ? 30  LEU A C   1 
ATOM   262  O  O   . LEU A 1 30  ? -10.610 7.987   2.466   1.00 31.54 ? 30  LEU A O   1 
ATOM   263  C  CB  . LEU A 1 30  ? -12.100 6.073   0.395   1.00 31.61 ? 30  LEU A CB  1 
ATOM   264  C  CG  . LEU A 1 30  ? -13.094 4.971   0.088   1.00 33.50 ? 30  LEU A CG  1 
ATOM   265  C  CD1 . LEU A 1 30  ? -13.936 5.340   -1.114  1.00 35.82 ? 30  LEU A CD1 1 
ATOM   266  C  CD2 . LEU A 1 30  ? -12.367 3.672   -0.153  1.00 29.60 ? 30  LEU A CD2 1 
ATOM   267  N  N   . PRO A 1 31  ? -9.126  7.055   1.018   1.00 27.82 ? 31  PRO A N   1 
ATOM   268  C  CA  . PRO A 1 31  ? -8.326  8.277   0.909   1.00 26.68 ? 31  PRO A CA  1 
ATOM   269  C  C   . PRO A 1 31  ? -9.218  9.344   0.298   1.00 29.17 ? 31  PRO A C   1 
ATOM   270  O  O   . PRO A 1 31  ? -10.136 9.002   -0.464  1.00 28.29 ? 31  PRO A O   1 
ATOM   271  C  CB  . PRO A 1 31  ? -7.239  7.912   -0.108  1.00 29.30 ? 31  PRO A CB  1 
ATOM   272  C  CG  . PRO A 1 31  ? -7.237  6.415   -0.204  1.00 27.21 ? 31  PRO A CG  1 
ATOM   273  C  CD  . PRO A 1 31  ? -8.620  5.963   0.163   1.00 28.83 ? 31  PRO A CD  1 
ATOM   274  N  N   . GLN A 1 32  ? -8.959  10.605  0.627   1.00 27.18 ? 32  GLN A N   1 
ATOM   275  C  CA  . GLN A 1 32  ? -9.777  11.698  0.127   1.00 28.13 ? 32  GLN A CA  1 
ATOM   276  C  C   . GLN A 1 32  ? -8.901  12.584  -0.746  1.00 26.20 ? 32  GLN A C   1 
ATOM   277  O  O   . GLN A 1 32  ? -7.906  13.143  -0.274  1.00 28.92 ? 32  GLN A O   1 
ATOM   278  C  CB  . GLN A 1 32  ? -10.343 12.502  1.306   1.00 27.45 ? 32  GLN A CB  1 
ATOM   279  C  CG  . GLN A 1 32  ? -11.205 11.658  2.255   1.00 25.94 ? 32  GLN A CG  1 
ATOM   280  C  CD  . GLN A 1 32  ? -11.678 12.439  3.461   1.00 28.07 ? 32  GLN A CD  1 
ATOM   281  O  OE1 . GLN A 1 32  ? -11.042 13.409  3.872   1.00 27.98 ? 32  GLN A OE1 1 
ATOM   282  N  NE2 . GLN A 1 32  ? -12.796 12.019  4.036   1.00 25.79 ? 32  GLN A NE2 1 
ATOM   283  N  N   . ILE A 1 33  ? -9.250  12.712  -2.022  1.00 26.39 ? 33  ILE A N   1 
ATOM   284  C  CA  . ILE A 1 33  ? -8.472  13.588  -2.876  1.00 29.26 ? 33  ILE A CA  1 
ATOM   285  C  C   . ILE A 1 33  ? -8.685  15.007  -2.350  1.00 30.66 ? 33  ILE A C   1 
ATOM   286  O  O   . ILE A 1 33  ? -9.817  15.406  -2.120  1.00 29.04 ? 33  ILE A O   1 
ATOM   287  C  CB  . ILE A 1 33  ? -8.887  13.467  -4.359  1.00 29.56 ? 33  ILE A CB  1 
ATOM   288  C  CG1 . ILE A 1 33  ? -8.532  12.087  -4.907  1.00 30.13 ? 33  ILE A CG1 1 
ATOM   289  C  CG2 . ILE A 1 33  ? -8.168  14.496  -5.192  1.00 32.73 ? 33  ILE A CG2 1 
ATOM   290  C  CD1 . ILE A 1 33  ? -9.085  11.822  -6.288  1.00 36.02 ? 33  ILE A CD1 1 
ATOM   291  N  N   . VAL A 1 34  ? -7.604  15.748  -2.120  1.00 32.21 ? 34  VAL A N   1 
ATOM   292  C  CA  . VAL A 1 34  ? -7.735  17.130  -1.631  1.00 34.97 ? 34  VAL A CA  1 
ATOM   293  C  C   . VAL A 1 34  ? -7.301  18.173  -2.656  1.00 37.00 ? 34  VAL A C   1 
ATOM   294  O  O   . VAL A 1 34  ? -6.440  17.899  -3.499  1.00 38.06 ? 34  VAL A O   1 
ATOM   295  C  CB  . VAL A 1 34  ? -6.919  17.384  -0.331  1.00 35.71 ? 34  VAL A CB  1 
ATOM   296  C  CG1 . VAL A 1 34  ? -7.364  16.477  0.796   1.00 34.19 ? 34  VAL A CG1 1 
ATOM   297  C  CG2 . VAL A 1 34  ? -5.463  17.208  -0.589  1.00 37.15 ? 34  VAL A CG2 1 
ATOM   298  N  N   . PRO A 1 35  ? -7.903  19.378  -2.590  1.00 39.15 ? 35  PRO A N   1 
ATOM   299  C  CA  . PRO A 1 35  ? -7.388  20.571  -3.289  1.00 39.73 ? 35  PRO A CA  1 
ATOM   300  C  C   . PRO A 1 35  ? -5.978  20.904  -2.797  1.00 44.28 ? 35  PRO A C   1 
ATOM   301  O  O   . PRO A 1 35  ? -5.719  20.759  -1.597  1.00 47.39 ? 35  PRO A O   1 
ATOM   302  C  CB  . PRO A 1 35  ? -8.328  21.689  -2.825  1.00 44.51 ? 35  PRO A CB  1 
ATOM   303  C  CG  . PRO A 1 35  ? -9.557  21.005  -2.318  1.00 33.78 ? 35  PRO A CG  1 
ATOM   304  C  CD  . PRO A 1 35  ? -9.144  19.651  -1.833  1.00 34.71 ? 35  PRO A CD  1 
ATOM   305  N  N   . ASN A 1 36  ? -5.087  21.354  -3.676  1.00 48.23 ? 36  ASN A N   1 
ATOM   306  C  CA  . ASN A 1 36  ? -3.700  21.573  -3.249  1.00 53.49 ? 36  ASN A CA  1 
ATOM   307  C  C   . ASN A 1 36  ? -2.985  22.783  -3.861  1.00 58.62 ? 36  ASN A C   1 
ATOM   308  O  O   . ASN A 1 36  ? -3.237  23.150  -5.023  1.00 57.34 ? 36  ASN A O   1 
ATOM   309  C  CB  . ASN A 1 36  ? -2.859  20.302  -3.474  1.00 53.20 ? 36  ASN A CB  1 
ATOM   310  C  CG  . ASN A 1 36  ? -2.759  19.926  -4.939  1.00 52.01 ? 36  ASN A CG  1 
ATOM   311  O  OD1 . ASN A 1 36  ? -1.807  20.302  -5.631  1.00 54.68 ? 36  ASN A OD1 1 
ATOM   312  N  ND2 . ASN A 1 36  ? -3.748  19.182  -5.426  1.00 48.85 ? 36  ASN A ND2 1 
ATOM   313  N  N   . ALA A 1 37  ? -2.078  23.371  -3.069  1.00 62.33 ? 37  ALA A N   1 
ATOM   314  C  CA  . ALA A 1 37  ? -1.224  24.494  -3.484  1.00 61.79 ? 37  ALA A CA  1 
ATOM   315  C  C   . ALA A 1 37  ? -0.043  24.044  -4.356  1.00 61.83 ? 37  ALA A C   1 
ATOM   316  O  O   . ALA A 1 37  ? 1.114   24.397  -4.107  1.00 61.79 ? 37  ALA A O   1 
ATOM   317  C  CB  . ALA A 1 37  ? -0.720  25.261  -2.263  1.00 60.44 ? 37  ALA A CB  1 
ATOM   318  N  N   . TRP A 1 38  ? -0.363  23.280  -5.393  1.00 62.42 ? 38  TRP A N   1 
ATOM   319  C  CA  . TRP A 1 38  ? 0.616   22.727  -6.310  1.00 59.76 ? 38  TRP A CA  1 
ATOM   320  C  C   . TRP A 1 38  ? -0.127  22.356  -7.592  1.00 59.25 ? 38  TRP A C   1 
ATOM   321  O  O   . TRP A 1 38  ? -1.197  22.903  -7.882  1.00 62.02 ? 38  TRP A O   1 
ATOM   322  C  CB  . TRP A 1 38  ? 1.269   21.488  -5.690  1.00 58.00 ? 38  TRP A CB  1 
ATOM   323  N  N   . ASN A 1 39  ? 0.433   21.434  -8.361  1.00 56.03 ? 39  ASN A N   1 
ATOM   324  C  CA  . ASN A 1 39  ? -0.285  20.872  -9.496  1.00 59.50 ? 39  ASN A CA  1 
ATOM   325  C  C   . ASN A 1 39  ? -0.202  19.345  -9.454  1.00 58.44 ? 39  ASN A C   1 
ATOM   326  O  O   . ASN A 1 39  ? 0.134   18.693  -10.450 1.00 57.03 ? 39  ASN A O   1 
ATOM   327  C  CB  . ASN A 1 39  ? 0.256   21.417  -10.817 1.00 60.69 ? 39  ASN A CB  1 
ATOM   328  N  N   . GLU A 1 40  ? -0.507  18.780  -8.288  1.00 53.29 ? 40  GLU A N   1 
ATOM   329  C  CA  . GLU A 1 40  ? -0.421  17.342  -8.103  1.00 47.30 ? 40  GLU A CA  1 
ATOM   330  C  C   . GLU A 1 40  ? -1.672  16.727  -7.475  1.00 44.34 ? 40  GLU A C   1 
ATOM   331  O  O   . GLU A 1 40  ? -2.506  17.417  -6.870  1.00 43.97 ? 40  GLU A O   1 
ATOM   332  C  CB  . GLU A 1 40  ? 0.833   16.972  -7.297  1.00 45.05 ? 40  GLU A CB  1 
ATOM   333  C  CG  . GLU A 1 40  ? 0.960   17.624  -5.911  1.00 50.14 ? 40  GLU A CG  1 
ATOM   334  C  CD  . GLU A 1 40  ? 2.367   17.457  -5.316  1.00 52.53 ? 40  GLU A CD  1 
ATOM   335  O  OE1 . GLU A 1 40  ? 3.352   17.809  -6.011  1.00 54.78 ? 40  GLU A OE1 1 
ATOM   336  O  OE2 . GLU A 1 40  ? 2.492   16.971  -4.166  1.00 42.11 ? 40  GLU A OE2 1 
ATOM   337  N  N   . VAL A 1 41  ? -1.802  15.418  -7.653  1.00 38.97 ? 41  VAL A N   1 
ATOM   338  C  CA  . VAL A 1 41  ? -2.807  14.648  -6.952  1.00 35.69 ? 41  VAL A CA  1 
ATOM   339  C  C   . VAL A 1 41  ? -2.313  14.413  -5.532  1.00 34.51 ? 41  VAL A C   1 
ATOM   340  O  O   . VAL A 1 41  ? -1.213  13.885  -5.323  1.00 34.23 ? 41  VAL A O   1 
ATOM   341  C  CB  . VAL A 1 41  ? -3.047  13.309  -7.636  1.00 34.43 ? 41  VAL A CB  1 
ATOM   342  C  CG1 . VAL A 1 41  ? -4.106  12.513  -6.873  1.00 34.93 ? 41  VAL A CG1 1 
ATOM   343  C  CG2 . VAL A 1 41  ? -3.481  13.537  -9.083  1.00 34.43 ? 41  VAL A CG2 1 
ATOM   344  N  N   . VAL A 1 42  ? -3.117  14.830  -4.559  1.00 32.30 ? 42  VAL A N   1 
ATOM   345  C  CA  . VAL A 1 42  ? -2.779  14.676  -3.147  1.00 27.88 ? 42  VAL A CA  1 
ATOM   346  C  C   . VAL A 1 42  ? -3.970  14.055  -2.447  1.00 30.64 ? 42  VAL A C   1 
ATOM   347  O  O   . VAL A 1 42  ? -5.124  14.407  -2.727  1.00 32.84 ? 42  VAL A O   1 
ATOM   348  C  CB  . VAL A 1 42  ? -2.449  16.033  -2.489  1.00 30.66 ? 42  VAL A CB  1 
ATOM   349  C  CG1 . VAL A 1 42  ? -2.026  15.840  -1.051  1.00 31.96 ? 42  VAL A CG1 1 
ATOM   350  C  CG2 . VAL A 1 42  ? -1.343  16.746  -3.256  1.00 35.31 ? 42  VAL A CG2 1 
ATOM   351  N  N   . TRP A 1 43  ? -3.702  13.119  -1.544  1.00 30.27 ? 43  TRP A N   1 
ATOM   352  C  CA  . TRP A 1 43  ? -4.774  12.492  -0.780  1.00 28.42 ? 43  TRP A CA  1 
ATOM   353  C  C   . TRP A 1 43  ? -4.567  12.746  0.694   1.00 28.49 ? 43  TRP A C   1 
ATOM   354  O  O   . TRP A 1 43  ? -3.433  12.706  1.185   1.00 25.40 ? 43  TRP A O   1 
ATOM   355  C  CB  . TRP A 1 43  ? -4.774  10.972  -0.962  1.00 27.77 ? 43  TRP A CB  1 
ATOM   356  C  CG  . TRP A 1 43  ? -5.176  10.456  -2.297  1.00 27.02 ? 43  TRP A CG  1 
ATOM   357  C  CD1 . TRP A 1 43  ? -6.439  10.139  -2.708  1.00 26.05 ? 43  TRP A CD1 1 
ATOM   358  C  CD2 . TRP A 1 43  ? -4.305  10.137  -3.386  1.00 26.62 ? 43  TRP A CD2 1 
ATOM   359  N  NE1 . TRP A 1 43  ? -6.409  9.661   -3.996  1.00 27.28 ? 43  TRP A NE1 1 
ATOM   360  C  CE2 . TRP A 1 43  ? -5.111  9.649   -4.433  1.00 27.89 ? 43  TRP A CE2 1 
ATOM   361  C  CE3 . TRP A 1 43  ? -2.924  10.218  -3.578  1.00 26.31 ? 43  TRP A CE3 1 
ATOM   362  C  CZ2 . TRP A 1 43  ? -4.572  9.246   -5.659  1.00 26.07 ? 43  TRP A CZ2 1 
ATOM   363  C  CZ3 . TRP A 1 43  ? -2.398  9.826   -4.792  1.00 28.55 ? 43  TRP A CZ3 1 
ATOM   364  C  CH2 . TRP A 1 43  ? -3.219  9.341   -5.814  1.00 27.35 ? 43  TRP A CH2 1 
ATOM   365  N  N   . ARG A 1 44  ? -5.670  13.005  1.393   1.00 31.89 ? 44  ARG A N   1 
ATOM   366  C  CA  . ARG A 1 44  ? -5.706  12.919  2.840   1.00 30.45 ? 44  ARG A CA  1 
ATOM   367  C  C   . ARG A 1 44  ? -6.034  11.475  3.204   1.00 27.22 ? 44  ARG A C   1 
ATOM   368  O  O   . ARG A 1 44  ? -7.017  10.912  2.711   1.00 29.52 ? 44  ARG A O   1 
ATOM   369  C  CB  . ARG A 1 44  ? -6.798  13.836  3.405   1.00 31.04 ? 44  ARG A CB  1 
ATOM   370  C  CG  . ARG A 1 44  ? -7.061  13.598  4.891   1.00 29.51 ? 44  ARG A CG  1 
ATOM   371  C  CD  . ARG A 1 44  ? -8.273  14.356  5.442   1.00 35.07 ? 44  ARG A CD  1 
ATOM   372  N  NE  . ARG A 1 44  ? -8.467  14.000  6.847   1.00 34.04 ? 44  ARG A NE  1 
ATOM   373  C  CZ  . ARG A 1 44  ? -9.430  13.202  7.307   1.00 34.69 ? 44  ARG A CZ  1 
ATOM   374  N  NH1 . ARG A 1 44  ? -10.330 12.689  6.479   1.00 33.11 ? 44  ARG A NH1 1 
ATOM   375  N  NH2 . ARG A 1 44  ? -9.497  12.920  8.605   1.00 33.40 ? 44  ARG A NH2 1 
ATOM   376  N  N   . LEU A 1 45  ? -5.212  10.861  4.049   1.00 29.67 ? 45  LEU A N   1 
ATOM   377  C  CA  . LEU A 1 45  ? -5.517  9.520   4.544   1.00 29.48 ? 45  LEU A CA  1 
ATOM   378  C  C   . LEU A 1 45  ? -5.827  9.561   6.028   1.00 30.04 ? 45  LEU A C   1 
ATOM   379  O  O   . LEU A 1 45  ? -4.993  10.010  6.825   1.00 29.26 ? 45  LEU A O   1 
ATOM   380  C  CB  . LEU A 1 45  ? -4.354  8.563   4.301   1.00 30.16 ? 45  LEU A CB  1 
ATOM   381  C  CG  . LEU A 1 45  ? -4.159  8.257   2.825   1.00 30.36 ? 45  LEU A CG  1 
ATOM   382  C  CD1 . LEU A 1 45  ? -3.023  9.075   2.297   1.00 34.14 ? 45  LEU A CD1 1 
ATOM   383  C  CD2 . LEU A 1 45  ? -3.891  6.810   2.633   1.00 36.56 ? 45  LEU A CD2 1 
ATOM   384  N  N   . PRO A 1 46  ? -7.024  9.098   6.409   1.00 30.51 ? 46  PRO A N   1 
ATOM   385  C  CA  . PRO A 1 46  ? -7.309  9.047   7.845   1.00 32.05 ? 46  PRO A CA  1 
ATOM   386  C  C   . PRO A 1 46  ? -6.465  7.950   8.468   1.00 36.85 ? 46  PRO A C   1 
ATOM   387  O  O   . PRO A 1 46  ? -6.338  6.864   7.870   1.00 30.62 ? 46  PRO A O   1 
ATOM   388  C  CB  . PRO A 1 46  ? -8.802  8.689   7.906   1.00 34.55 ? 46  PRO A CB  1 
ATOM   389  C  CG  . PRO A 1 46  ? -9.118  8.061   6.590   1.00 37.09 ? 46  PRO A CG  1 
ATOM   390  C  CD  . PRO A 1 46  ? -8.159  8.647   5.582   1.00 33.18 ? 46  PRO A CD  1 
ATOM   391  N  N   . VAL A 1 47  ? -5.852  8.251   9.613   1.00 35.05 ? 47  VAL A N   1 
ATOM   392  C  CA  . VAL A 1 47  ? -5.085  7.257   10.356  1.00 35.40 ? 47  VAL A CA  1 
ATOM   393  C  C   . VAL A 1 47  ? -5.719  7.146   11.721  1.00 35.70 ? 47  VAL A C   1 
ATOM   394  O  O   . VAL A 1 47  ? -5.768  8.130   12.457  1.00 35.50 ? 47  VAL A O   1 
ATOM   395  C  CB  . VAL A 1 47  ? -3.632  7.674   10.560  1.00 32.38 ? 47  VAL A CB  1 
ATOM   396  C  CG1 . VAL A 1 47  ? -2.854  6.531   11.208  1.00 33.42 ? 47  VAL A CG1 1 
ATOM   397  C  CG2 . VAL A 1 47  ? -2.990  8.073   9.246   1.00 31.40 ? 47  VAL A CG2 1 
ATOM   398  N  N   . PRO A 1 48  ? -6.200  5.948   12.073  1.00 36.75 ? 48  PRO A N   1 
ATOM   399  C  CA  . PRO A 1 48  ? -6.922  5.751   13.338  1.00 40.95 ? 48  PRO A CA  1 
ATOM   400  C  C   . PRO A 1 48  ? -6.109  6.210   14.551  1.00 40.38 ? 48  PRO A C   1 
ATOM   401  O  O   . PRO A 1 48  ? -4.939  5.824   14.680  1.00 37.93 ? 48  PRO A O   1 
ATOM   402  C  CB  . PRO A 1 48  ? -7.127  4.232   13.388  1.00 41.72 ? 48  PRO A CB  1 
ATOM   403  C  CG  . PRO A 1 48  ? -7.085  3.794   11.932  1.00 35.63 ? 48  PRO A CG  1 
ATOM   404  C  CD  . PRO A 1 48  ? -6.066  4.695   11.302  1.00 36.99 ? 48  PRO A CD  1 
ATOM   405  N  N   . ASN A 1 49  ? -6.725  7.032   15.407  1.00 41.31 ? 49  ASN A N   1 
ATOM   406  C  CA  . ASN A 1 49  ? -6.091  7.521   16.633  1.00 39.53 ? 49  ASN A CA  1 
ATOM   407  C  C   . ASN A 1 49  ? -4.749  8.198   16.391  1.00 38.94 ? 49  ASN A C   1 
ATOM   408  O  O   . ASN A 1 49  ? -3.800  8.030   17.162  1.00 40.43 ? 49  ASN A O   1 
ATOM   409  C  CB  . ASN A 1 49  ? -5.940  6.383   17.644  1.00 45.97 ? 49  ASN A CB  1 
ATOM   410  C  CG  . ASN A 1 49  ? -7.272  5.776   18.032  1.00 50.84 ? 49  ASN A CG  1 
ATOM   411  O  OD1 . ASN A 1 49  ? -8.273  6.479   18.152  1.00 57.66 ? 49  ASN A OD1 1 
ATOM   412  N  ND2 . ASN A 1 49  ? -7.290  4.464   18.222  1.00 55.18 ? 49  ASN A ND2 1 
ATOM   413  N  N   . HIS A 1 50  ? -4.676  8.977   15.319  1.00 35.75 ? 50  HIS A N   1 
ATOM   414  C  CA  . HIS A 1 50  ? -3.406  9.525   14.888  1.00 34.64 ? 50  HIS A CA  1 
ATOM   415  C  C   . HIS A 1 50  ? -3.761  10.688  13.989  1.00 33.96 ? 50  HIS A C   1 
ATOM   416  O  O   . HIS A 1 50  ? -4.865  10.718  13.437  1.00 34.34 ? 50  HIS A O   1 
ATOM   417  C  CB  . HIS A 1 50  ? -2.643  8.439   14.112  1.00 35.16 ? 50  HIS A CB  1 
ATOM   418  C  CG  . HIS A 1 50  ? -1.235  8.804   13.758  1.00 31.86 ? 50  HIS A CG  1 
ATOM   419  N  ND1 . HIS A 1 50  ? -0.919  9.631   12.700  1.00 33.51 ? 50  HIS A ND1 1 
ATOM   420  C  CD2 . HIS A 1 50  ? -0.051  8.423   14.304  1.00 33.19 ? 50  HIS A CD2 1 
ATOM   421  C  CE1 . HIS A 1 50  ? 0.397   9.761   12.620  1.00 34.26 ? 50  HIS A CE1 1 
ATOM   422  N  NE2 . HIS A 1 50  ? 0.946   9.037   13.582  1.00 31.67 ? 50  HIS A NE2 1 
ATOM   423  N  N   . PRO A 1 51  ? -2.856  11.667  13.857  1.00 32.53 ? 51  PRO A N   1 
ATOM   424  C  CA  . PRO A 1 51  ? -3.118  12.751  12.899  1.00 33.40 ? 51  PRO A CA  1 
ATOM   425  C  C   . PRO A 1 51  ? -3.186  12.212  11.470  1.00 34.16 ? 51  PRO A C   1 
ATOM   426  O  O   . PRO A 1 51  ? -2.612  11.149  11.198  1.00 36.65 ? 51  PRO A O   1 
ATOM   427  C  CB  . PRO A 1 51  ? -1.890  13.649  13.049  1.00 35.49 ? 51  PRO A CB  1 
ATOM   428  C  CG  . PRO A 1 51  ? -1.383  13.373  14.446  1.00 36.03 ? 51  PRO A CG  1 
ATOM   429  C  CD  . PRO A 1 51  ? -1.675  11.928  14.704  1.00 31.91 ? 51  PRO A CD  1 
ATOM   430  N  N   . ASP A 1 52  ? -3.875  12.922  10.579  1.00 33.77 ? 52  ASP A N   1 
ATOM   431  C  CA  . ASP A 1 52  ? -3.987  12.518  9.177   1.00 35.66 ? 52  ASP A CA  1 
ATOM   432  C  C   . ASP A 1 52  ? -2.627  12.383  8.519   1.00 31.90 ? 52  ASP A C   1 
ATOM   433  O  O   . ASP A 1 52  ? -1.708  13.136  8.849   1.00 31.97 ? 52  ASP A O   1 
ATOM   434  C  CB  . ASP A 1 52  ? -4.758  13.570  8.382   1.00 35.87 ? 52  ASP A CB  1 
ATOM   435  C  CG  . ASP A 1 52  ? -6.132  13.855  8.953   1.00 34.83 ? 52  ASP A CG  1 
ATOM   436  O  OD1 . ASP A 1 52  ? -6.673  13.025  9.717   1.00 33.99 ? 52  ASP A OD1 1 
ATOM   437  O  OD2 . ASP A 1 52  ? -6.678  14.913  8.606   1.00 36.11 ? 52  ASP A OD2 1 
ATOM   438  N  N   . ALA A 1 53  ? -2.513  11.452  7.567   1.00 32.19 ? 53  ALA A N   1 
ATOM   439  C  CA  . ALA A 1 53  ? -1.347  11.385  6.685   1.00 32.72 ? 53  ALA A CA  1 
ATOM   440  C  C   . ALA A 1 53  ? -1.711  11.981  5.334   1.00 30.04 ? 53  ALA A C   1 
ATOM   441  O  O   . ALA A 1 53  ? -2.885  11.986  4.955   1.00 30.52 ? 53  ALA A O   1 
ATOM   442  C  CB  . ALA A 1 53  ? -0.866  9.944   6.516   1.00 29.44 ? 53  ALA A CB  1 
ATOM   443  N  N   . PHE A 1 54  ? -0.715  12.476  4.604   1.00 28.76 ? 54  PHE A N   1 
ATOM   444  C  CA  . PHE A 1 54  ? -0.958  12.995  3.261   1.00 29.67 ? 54  PHE A CA  1 
ATOM   445  C  C   . PHE A 1 54  ? 0.042   12.379  2.281   1.00 30.90 ? 54  PHE A C   1 
ATOM   446  O  O   . PHE A 1 54  ? 1.230   12.276  2.581   1.00 27.99 ? 54  PHE A O   1 
ATOM   447  C  CB  . PHE A 1 54  ? -0.870  14.525  3.238   1.00 32.63 ? 54  PHE A CB  1 
ATOM   448  C  CG  . PHE A 1 54  ? -2.000  15.216  3.980   1.00 32.40 ? 54  PHE A CG  1 
ATOM   449  C  CD1 . PHE A 1 54  ? -1.899  15.483  5.334   1.00 31.76 ? 54  PHE A CD1 1 
ATOM   450  C  CD2 . PHE A 1 54  ? -3.159  15.587  3.316   1.00 31.37 ? 54  PHE A CD2 1 
ATOM   451  C  CE1 . PHE A 1 54  ? -2.936  16.116  6.021   1.00 34.39 ? 54  PHE A CE1 1 
ATOM   452  C  CE2 . PHE A 1 54  ? -4.203  16.220  3.991   1.00 36.59 ? 54  PHE A CE2 1 
ATOM   453  C  CZ  . PHE A 1 54  ? -4.091  16.477  5.349   1.00 34.17 ? 54  PHE A CZ  1 
ATOM   454  N  N   . MET A 1 55  ? -0.442  11.960  1.113   1.00 31.66 ? 55  MET A N   1 
ATOM   455  C  CA  . MET A 1 55  ? 0.427   11.343  0.115   1.00 28.70 ? 55  MET A CA  1 
ATOM   456  C  C   . MET A 1 55  ? 0.168   11.966  -1.238  1.00 30.57 ? 55  MET A C   1 
ATOM   457  O  O   . MET A 1 55  ? -0.877  12.597  -1.454  1.00 26.85 ? 55  MET A O   1 
ATOM   458  C  CB  . MET A 1 55  ? 0.204   9.830   0.034   1.00 25.27 ? 55  MET A CB  1 
ATOM   459  C  CG  . MET A 1 55  ? 0.374   9.091   1.349   1.00 25.45 ? 55  MET A CG  1 
ATOM   460  S  SD  . MET A 1 55  ? 0.415   7.283   1.147   1.00 26.37 ? 55  MET A SD  1 
ATOM   461  C  CE  . MET A 1 55  ? 2.073   7.126   0.500   1.00 25.59 ? 55  MET A CE  1 
ATOM   462  N  N   . THR A 1 56  ? 1.098   11.763  -2.163  1.00 26.54 ? 56  THR A N   1 
ATOM   463  C  CA  . THR A 1 56  ? 0.997   12.416  -3.458  1.00 26.10 ? 56  THR A CA  1 
ATOM   464  C  C   . THR A 1 56  ? 1.507   11.529  -4.581  1.00 30.62 ? 56  THR A C   1 
ATOM   465  O  O   . THR A 1 56  ? 2.398   10.701  -4.383  1.00 28.88 ? 56  THR A O   1 
ATOM   466  C  CB  . THR A 1 56  ? 1.780   13.750  -3.462  1.00 28.34 ? 56  THR A CB  1 
ATOM   467  O  OG1 . THR A 1 56  ? 1.587   14.419  -4.715  1.00 30.18 ? 56  THR A OG1 1 
ATOM   468  C  CG2 . THR A 1 56  ? 3.270   13.505  -3.244  1.00 29.14 ? 56  THR A CG2 1 
ATOM   469  N  N   . ALA A 1 57  ? 0.923   11.704  -5.760  1.00 29.93 ? 57  ALA A N   1 
ATOM   470  C  CA  . ALA A 1 57  ? 1.362   11.018  -6.957  1.00 30.94 ? 57  ALA A CA  1 
ATOM   471  C  C   . ALA A 1 57  ? 2.323   11.909  -7.740  1.00 33.05 ? 57  ALA A C   1 
ATOM   472  O  O   . ALA A 1 57  ? 2.467   11.761  -8.951  1.00 34.55 ? 57  ALA A O   1 
ATOM   473  C  CB  . ALA A 1 57  ? 0.157   10.664  -7.812  1.00 31.82 ? 57  ALA A CB  1 
ATOM   474  N  N   . SER A 1 58  ? 2.982   12.834  -7.049  1.00 34.07 ? 58  SER A N   1 
ATOM   475  C  CA  . SER A 1 58  ? 3.879   13.774  -7.710  1.00 35.87 ? 58  SER A CA  1 
ATOM   476  C  C   . SER A 1 58  ? 5.029   13.072  -8.422  1.00 37.91 ? 58  SER A C   1 
ATOM   477  O  O   . SER A 1 58  ? 5.471   13.530  -9.474  1.00 40.32 ? 58  SER A O   1 
ATOM   478  C  CB  . SER A 1 58  ? 4.435   14.782  -6.708  1.00 36.93 ? 58  SER A CB  1 
ATOM   479  O  OG  . SER A 1 58  ? 5.269   14.146  -5.754  1.00 37.32 ? 58  SER A OG  1 
ATOM   480  N  N   . ASN A 1 59  ? 5.514   11.964  -7.873  1.00 36.12 ? 59  ASN A N   1 
ATOM   481  C  CA  . ASN A 1 59  ? 6.655   11.289  -8.504  1.00 39.40 ? 59  ASN A CA  1 
ATOM   482  C  C   . ASN A 1 59  ? 6.246   10.210  -9.512  1.00 39.77 ? 59  ASN A C   1 
ATOM   483  O  O   . ASN A 1 59  ? 7.075   9.425   -9.968  1.00 36.98 ? 59  ASN A O   1 
ATOM   484  C  CB  . ASN A 1 59  ? 7.658   10.748  -7.465  1.00 39.98 ? 59  ASN A CB  1 
ATOM   485  C  CG  . ASN A 1 59  ? 8.253   11.856  -6.560  1.00 46.92 ? 59  ASN A CG  1 
ATOM   486  O  OD1 . ASN A 1 59  ? 8.943   11.562  -5.577  1.00 49.40 ? 59  ASN A OD1 1 
ATOM   487  N  ND2 . ASN A 1 59  ? 7.976   13.115  -6.881  1.00 46.22 ? 59  ASN A ND2 1 
ATOM   488  N  N   . ALA A 1 60  ? 4.969   10.194  -9.882  1.00 37.48 ? 60  ALA A N   1 
ATOM   489  C  CA  . ALA A 1 60  ? 4.468   9.235   -10.876 1.00 36.26 ? 60  ALA A CA  1 
ATOM   490  C  C   . ALA A 1 60  ? 4.728   9.691   -12.309 1.00 34.37 ? 60  ALA A C   1 
ATOM   491  O  O   . ALA A 1 60  ? 4.831   10.891  -12.582 1.00 37.55 ? 60  ALA A O   1 
ATOM   492  C  CB  . ALA A 1 60  ? 2.971   8.992   -10.679 1.00 32.11 ? 60  ALA A CB  1 
ATOM   493  N  N   . ALA A 1 61  ? 4.820   8.733   -13.226 1.00 31.40 ? 61  ALA A N   1 
ATOM   494  C  CA  . ALA A 1 61  ? 4.849   9.041   -14.650 1.00 31.75 ? 61  ALA A CA  1 
ATOM   495  C  C   . ALA A 1 61  ? 3.409   9.102   -15.127 1.00 33.27 ? 61  ALA A C   1 
ATOM   496  O  O   . ALA A 1 61  ? 2.542   8.476   -14.522 1.00 35.56 ? 61  ALA A O   1 
ATOM   497  C  CB  . ALA A 1 61  ? 5.615   7.967   -15.408 1.00 34.62 ? 61  ALA A CB  1 
ATOM   498  N  N   . GLN A 1 62  ? 3.143   9.846   -16.198 1.00 32.39 ? 62  GLN A N   1 
ATOM   499  C  CA  . GLN A 1 62  ? 1.790   9.941   -16.749 1.00 31.86 ? 62  GLN A CA  1 
ATOM   500  C  C   . GLN A 1 62  ? 1.265   8.559   -17.150 1.00 34.94 ? 62  GLN A C   1 
ATOM   501  O  O   . GLN A 1 62  ? 0.045   8.333   -17.205 1.00 33.99 ? 62  GLN A O   1 
ATOM   502  C  CB  . GLN A 1 62  ? 1.791   10.855  -17.978 1.00 32.18 ? 62  GLN A CB  1 
ATOM   503  C  CG  . GLN A 1 62  ? 2.033   12.325  -17.678 1.00 34.67 ? 62  GLN A CG  1 
ATOM   504  C  CD  . GLN A 1 62  ? 0.818   13.000  -17.084 1.00 36.42 ? 62  GLN A CD  1 
ATOM   505  O  OE1 . GLN A 1 62  ? 0.649   13.047  -15.862 1.00 34.98 ? 62  GLN A OE1 1 
ATOM   506  N  NE2 . GLN A 1 62  ? -0.038  13.525  -17.944 1.00 39.99 ? 62  GLN A NE2 1 
ATOM   507  N  N   . SER A 1 63  ? 2.199   7.646   -17.423 1.00 30.69 ? 63  SER A N   1 
ATOM   508  C  CA  . SER A 1 63  ? 1.876   6.309   -17.898 1.00 30.96 ? 63  SER A CA  1 
ATOM   509  C  C   . SER A 1 63  ? 1.591   5.314   -16.762 1.00 31.21 ? 63  SER A C   1 
ATOM   510  O  O   . SER A 1 63  ? 1.019   4.240   -16.996 1.00 32.44 ? 63  SER A O   1 
ATOM   511  C  CB  . SER A 1 63  ? 3.028   5.796   -18.754 1.00 28.19 ? 63  SER A CB  1 
ATOM   512  O  OG  . SER A 1 63  ? 4.203   5.673   -17.960 1.00 30.28 ? 63  SER A OG  1 
ATOM   513  N  N   . ASP A 1 64  ? 1.988   5.658   -15.535 1.00 33.43 ? 64  ASP A N   1 
ATOM   514  C  CA  . ASP A 1 64  ? 1.677   4.821   -14.380 1.00 30.53 ? 64  ASP A CA  1 
ATOM   515  C  C   . ASP A 1 64  ? 0.171   4.792   -14.149 1.00 30.24 ? 64  ASP A C   1 
ATOM   516  O  O   . ASP A 1 64  ? -0.568  5.610   -14.706 1.00 30.25 ? 64  ASP A O   1 
ATOM   517  C  CB  . ASP A 1 64  ? 2.332   5.364   -13.114 1.00 30.17 ? 64  ASP A CB  1 
ATOM   518  C  CG  . ASP A 1 64  ? 3.831   5.213   -13.104 1.00 34.55 ? 64  ASP A CG  1 
ATOM   519  O  OD1 . ASP A 1 64  ? 4.365   4.271   -13.739 1.00 35.08 ? 64  ASP A OD1 1 
ATOM   520  O  OD2 . ASP A 1 64  ? 4.476   6.049   -12.424 1.00 34.91 ? 64  ASP A OD2 1 
ATOM   521  N  N   . PHE A 1 65  ? -0.270  3.853   -13.317 1.00 27.29 ? 65  PHE A N   1 
ATOM   522  C  CA  . PHE A 1 65  ? -1.670  3.717   -12.961 1.00 27.56 ? 65  PHE A CA  1 
ATOM   523  C  C   . PHE A 1 65  ? -1.738  3.720   -11.449 1.00 28.17 ? 65  PHE A C   1 
ATOM   524  O  O   . PHE A 1 65  ? -0.795  3.276   -10.782 1.00 27.95 ? 65  PHE A O   1 
ATOM   525  C  CB  . PHE A 1 65  ? -2.228  2.389   -13.489 1.00 26.20 ? 65  PHE A CB  1 
ATOM   526  C  CG  . PHE A 1 65  ? -2.724  2.455   -14.906 1.00 29.70 ? 65  PHE A CG  1 
ATOM   527  C  CD1 . PHE A 1 65  ? -1.839  2.591   -15.967 1.00 30.33 ? 65  PHE A CD1 1 
ATOM   528  C  CD2 . PHE A 1 65  ? -4.078  2.382   -15.180 1.00 30.31 ? 65  PHE A CD2 1 
ATOM   529  C  CE1 . PHE A 1 65  ? -2.310  2.659   -17.275 1.00 29.97 ? 65  PHE A CE1 1 
ATOM   530  C  CE2 . PHE A 1 65  ? -4.544  2.445   -16.485 1.00 28.26 ? 65  PHE A CE2 1 
ATOM   531  C  CZ  . PHE A 1 65  ? -3.664  2.588   -17.527 1.00 30.36 ? 65  PHE A CZ  1 
ATOM   532  N  N   . ILE A 1 66  ? -2.851  4.212   -10.916 1.00 29.07 ? 66  ILE A N   1 
ATOM   533  C  CA  . ILE A 1 66  ? -3.105  4.221   -9.486  1.00 24.95 ? 66  ILE A CA  1 
ATOM   534  C  C   . ILE A 1 66  ? -4.020  3.056   -9.161  1.00 24.02 ? 66  ILE A C   1 
ATOM   535  O  O   . ILE A 1 66  ? -5.017  2.848   -9.854  1.00 25.23 ? 66  ILE A O   1 
ATOM   536  C  CB  . ILE A 1 66  ? -3.865  5.483   -9.094  1.00 28.19 ? 66  ILE A CB  1 
ATOM   537  C  CG1 . ILE A 1 66  ? -3.021  6.732   -9.336  1.00 29.44 ? 66  ILE A CG1 1 
ATOM   538  C  CG2 . ILE A 1 66  ? -4.333  5.407   -7.629  1.00 27.75 ? 66  ILE A CG2 1 
ATOM   539  C  CD1 . ILE A 1 66  ? -1.981  6.953   -8.292  1.00 33.09 ? 66  ILE A CD1 1 
ATOM   540  N  N   . VAL A 1 67  ? -3.694  2.309   -8.107  1.00 22.68 ? 67  VAL A N   1 
ATOM   541  C  CA  . VAL A 1 67  ? -4.603  1.301   -7.566  1.00 22.37 ? 67  VAL A CA  1 
ATOM   542  C  C   . VAL A 1 67  ? -4.837  1.598   -6.091  1.00 22.68 ? 67  VAL A C   1 
ATOM   543  O  O   . VAL A 1 67  ? -3.883  1.765   -5.334  1.00 23.59 ? 67  VAL A O   1 
ATOM   544  C  CB  . VAL A 1 67  ? -4.043  -0.122  -7.706  1.00 24.51 ? 67  VAL A CB  1 
ATOM   545  C  CG1 . VAL A 1 67  ? -5.043  -1.137  -7.177  1.00 22.31 ? 67  VAL A CG1 1 
ATOM   546  C  CG2 . VAL A 1 67  ? -3.698  -0.426  -9.162  1.00 26.11 ? 67  VAL A CG2 1 
ATOM   547  N  N   . TYR A 1 68  ? -6.103  1.715   -5.693  1.00 25.90 ? 68  TYR A N   1 
ATOM   548  C  CA  . TYR A 1 68  ? -6.435  1.887   -4.290  1.00 25.75 ? 68  TYR A CA  1 
ATOM   549  C  C   . TYR A 1 68  ? -6.547  0.495   -3.706  1.00 24.75 ? 68  TYR A C   1 
ATOM   550  O  O   . TYR A 1 68  ? -7.400  -0.285  -4.138  1.00 25.62 ? 68  TYR A O   1 
ATOM   551  C  CB  . TYR A 1 68  ? -7.761  2.639   -4.119  1.00 26.24 ? 68  TYR A CB  1 
ATOM   552  C  CG  . TYR A 1 68  ? -7.742  4.032   -4.707  1.00 27.43 ? 68  TYR A CG  1 
ATOM   553  C  CD1 . TYR A 1 68  ? -6.898  5.002   -4.198  1.00 27.94 ? 68  TYR A CD1 1 
ATOM   554  C  CD2 . TYR A 1 68  ? -8.561  4.373   -5.775  1.00 27.72 ? 68  TYR A CD2 1 
ATOM   555  C  CE1 . TYR A 1 68  ? -6.868  6.272   -4.735  1.00 27.05 ? 68  TYR A CE1 1 
ATOM   556  C  CE2 . TYR A 1 68  ? -8.531  5.636   -6.322  1.00 28.75 ? 68  TYR A CE2 1 
ATOM   557  C  CZ  . TYR A 1 68  ? -7.683  6.580   -5.788  1.00 29.74 ? 68  TYR A CZ  1 
ATOM   558  O  OH  . TYR A 1 68  ? -7.638  7.837   -6.320  1.00 29.93 ? 68  TYR A OH  1 
ATOM   559  N  N   . VAL A 1 69  ? -5.677  0.169   -2.751  1.00 23.18 ? 69  VAL A N   1 
ATOM   560  C  CA  . VAL A 1 69  ? -5.643  -1.184  -2.214  1.00 25.16 ? 69  VAL A CA  1 
ATOM   561  C  C   . VAL A 1 69  ? -6.207  -1.298  -0.794  1.00 26.43 ? 69  VAL A C   1 
ATOM   562  O  O   . VAL A 1 69  ? -6.077  -0.393  0.022   1.00 23.26 ? 69  VAL A O   1 
ATOM   563  C  CB  . VAL A 1 69  ? -4.220  -1.794  -2.276  1.00 25.53 ? 69  VAL A CB  1 
ATOM   564  C  CG1 . VAL A 1 69  ? -3.654  -1.642  -3.672  1.00 23.78 ? 69  VAL A CG1 1 
ATOM   565  C  CG2 . VAL A 1 69  ? -3.286  -1.119  -1.251  1.00 22.48 ? 69  VAL A CG2 1 
ATOM   566  N  N   . ASN A 1 70  ? -6.875  -2.417  -0.548  1.00 25.93 ? 70  ASN A N   1 
ATOM   567  C  CA  . ASN A 1 70  ? -7.261  -2.839  0.781   1.00 26.14 ? 70  ASN A CA  1 
ATOM   568  C  C   . ASN A 1 70  ? -5.977  -3.181  1.511   1.00 27.94 ? 70  ASN A C   1 
ATOM   569  O  O   . ASN A 1 70  ? -5.247  -4.104  1.105   1.00 26.85 ? 70  ASN A O   1 
ATOM   570  C  CB  . ASN A 1 70  ? -8.139  -4.082  0.638   1.00 27.31 ? 70  ASN A CB  1 
ATOM   571  C  CG  . ASN A 1 70  ? -8.620  -4.618  1.959   1.00 30.61 ? 70  ASN A CG  1 
ATOM   572  O  OD1 . ASN A 1 70  ? -7.852  -4.754  2.916   1.00 31.05 ? 70  ASN A OD1 1 
ATOM   573  N  ND2 . ASN A 1 70  ? -9.903  -4.950  2.017   1.00 31.18 ? 70  ASN A ND2 1 
ATOM   574  N  N   . GLY A 1 71  ? -5.692  -2.438  2.575   1.00 25.18 ? 71  GLY A N   1 
ATOM   575  C  CA  . GLY A 1 71  ? -4.449  -2.593  3.316   1.00 25.55 ? 71  GLY A CA  1 
ATOM   576  C  C   . GLY A 1 71  ? -4.192  -4.027  3.755   1.00 27.18 ? 71  GLY A C   1 
ATOM   577  O  O   . GLY A 1 71  ? -3.088  -4.545  3.555   1.00 26.24 ? 71  GLY A O   1 
ATOM   578  N  N   . LEU A 1 72  ? -5.201  -4.674  4.342   1.00 26.42 ? 72  LEU A N   1 
ATOM   579  C  CA  . LEU A 1 72  ? -5.063  -6.063  4.778   1.00 27.70 ? 72  LEU A CA  1 
ATOM   580  C  C   . LEU A 1 72  ? -4.763  -6.985  3.611   1.00 27.60 ? 72  LEU A C   1 
ATOM   581  O  O   . LEU A 1 72  ? -3.967  -7.922  3.724   1.00 27.71 ? 72  LEU A O   1 
ATOM   582  C  CB  . LEU A 1 72  ? -6.338  -6.533  5.456   1.00 26.30 ? 72  LEU A CB  1 
ATOM   583  C  CG  . LEU A 1 72  ? -6.698  -5.820  6.754   1.00 33.92 ? 72  LEU A CG  1 
ATOM   584  C  CD1 . LEU A 1 72  ? -7.946  -6.437  7.362   1.00 36.15 ? 72  LEU A CD1 1 
ATOM   585  C  CD2 . LEU A 1 72  ? -5.536  -5.850  7.743   1.00 33.54 ? 72  LEU A CD2 1 
ATOM   586  N  N   . ALA A 1 73  ? -5.419  -6.738  2.484   1.00 27.96 ? 73  ALA A N   1 
ATOM   587  C  CA  . ALA A 1 73  ? -5.199  -7.570  1.306   1.00 25.48 ? 73  ALA A CA  1 
ATOM   588  C  C   . ALA A 1 73  ? -3.790  -7.350  0.766   1.00 26.91 ? 73  ALA A C   1 
ATOM   589  O  O   . ALA A 1 73  ? -3.100  -8.305  0.391   1.00 28.26 ? 73  ALA A O   1 
ATOM   590  C  CB  . ALA A 1 73  ? -6.228  -7.280  0.257   1.00 26.95 ? 73  ALA A CB  1 
ATOM   591  N  N   . PHE A 1 74  ? -3.365  -6.090  0.724   1.00 24.66 ? 74  PHE A N   1 
ATOM   592  C  CA  . PHE A 1 74  ? -2.016  -5.741  0.282   1.00 24.23 ? 74  PHE A CA  1 
ATOM   593  C  C   . PHE A 1 74  ? -0.982  -6.430  1.155   1.00 23.69 ? 74  PHE A C   1 
ATOM   594  O  O   . PHE A 1 74  ? -0.009  -7.006  0.658   1.00 27.76 ? 74  PHE A O   1 
ATOM   595  C  CB  . PHE A 1 74  ? -1.834  -4.216  0.352   1.00 22.81 ? 74  PHE A CB  1 
ATOM   596  C  CG  . PHE A 1 74  ? -0.521  -3.738  -0.188  1.00 24.18 ? 74  PHE A CG  1 
ATOM   597  C  CD1 . PHE A 1 74  ? -0.347  -3.520  -1.549  1.00 22.24 ? 74  PHE A CD1 1 
ATOM   598  C  CD2 . PHE A 1 74  ? 0.547   -3.498  0.665   1.00 26.03 ? 74  PHE A CD2 1 
ATOM   599  C  CE1 . PHE A 1 74  ? 0.875   -3.080  -2.052  1.00 21.33 ? 74  PHE A CE1 1 
ATOM   600  C  CE2 . PHE A 1 74  ? 1.764   -3.045  0.169   1.00 23.65 ? 74  PHE A CE2 1 
ATOM   601  C  CZ  . PHE A 1 74  ? 1.920   -2.837  -1.194  1.00 23.76 ? 74  PHE A CZ  1 
ATOM   602  N  N   . TYR A 1 75  ? -1.211  -6.367  2.463   1.00 24.73 ? 75  TYR A N   1 
ATOM   603  C  CA  . TYR A 1 75  ? -0.324  -6.940  3.462   1.00 25.14 ? 75  TYR A CA  1 
ATOM   604  C  C   . TYR A 1 75  ? -0.194  -8.449  3.227   1.00 26.44 ? 75  TYR A C   1 
ATOM   605  O  O   . TYR A 1 75  ? 0.911   -8.986  3.236   1.00 28.24 ? 75  TYR A O   1 
ATOM   606  C  CB  . TYR A 1 75  ? -0.906  -6.645  4.848   1.00 22.98 ? 75  TYR A CB  1 
ATOM   607  C  CG  . TYR A 1 75  ? -0.146  -7.187  6.049   1.00 27.48 ? 75  TYR A CG  1 
ATOM   608  C  CD1 . TYR A 1 75  ? 1.222   -7.420  6.003   1.00 29.29 ? 75  TYR A CD1 1 
ATOM   609  C  CD2 . TYR A 1 75  ? -0.814  -7.464  7.235   1.00 31.54 ? 75  TYR A CD2 1 
ATOM   610  C  CE1 . TYR A 1 75  ? 1.900   -7.917  7.106   1.00 30.88 ? 75  TYR A CE1 1 
ATOM   611  C  CE2 . TYR A 1 75  ? -0.149  -7.958  8.338   1.00 33.07 ? 75  TYR A CE2 1 
ATOM   612  C  CZ  . TYR A 1 75  ? 1.206   -8.186  8.268   1.00 34.00 ? 75  TYR A CZ  1 
ATOM   613  O  OH  . TYR A 1 75  ? 1.858   -8.679  9.374   1.00 33.38 ? 75  TYR A OH  1 
ATOM   614  N  N   A ARG A 1 76  ? -1.327  -9.118  3.017   0.49 27.13 ? 76  ARG A N   1 
ATOM   615  N  N   B ARG A 1 76  ? -1.323  -9.122  3.016   0.51 27.13 ? 76  ARG A N   1 
ATOM   616  C  CA  A ARG A 1 76  ? -1.343  -10.561 2.781   0.49 27.76 ? 76  ARG A CA  1 
ATOM   617  C  CA  B ARG A 1 76  ? -1.328  -10.564 2.787   0.51 27.75 ? 76  ARG A CA  1 
ATOM   618  C  C   A ARG A 1 76  ? -0.543  -10.953 1.538   0.49 28.60 ? 76  ARG A C   1 
ATOM   619  C  C   B ARG A 1 76  ? -0.543  -10.959 1.534   0.51 28.61 ? 76  ARG A C   1 
ATOM   620  O  O   A ARG A 1 76  ? 0.210   -11.922 1.560   0.49 29.36 ? 76  ARG A O   1 
ATOM   621  O  O   B ARG A 1 76  ? 0.201   -11.936 1.545   0.51 29.36 ? 76  ARG A O   1 
ATOM   622  C  CB  A ARG A 1 76  ? -2.783  -11.078 2.658   0.49 27.68 ? 76  ARG A CB  1 
ATOM   623  C  CB  B ARG A 1 76  ? -2.766  -11.092 2.703   0.51 27.64 ? 76  ARG A CB  1 
ATOM   624  C  CG  A ARG A 1 76  ? -2.875  -12.568 2.315   0.49 30.59 ? 76  ARG A CG  1 
ATOM   625  C  CG  B ARG A 1 76  ? -2.871  -12.556 2.267   0.51 30.58 ? 76  ARG A CG  1 
ATOM   626  C  CD  A ARG A 1 76  ? -4.297  -13.019 1.980   0.49 31.36 ? 76  ARG A CD  1 
ATOM   627  C  CD  B ARG A 1 76  ? -4.308  -13.081 2.306   0.51 31.36 ? 76  ARG A CD  1 
ATOM   628  N  NE  A ARG A 1 76  ? -4.374  -14.472 1.822   0.49 35.25 ? 76  ARG A NE  1 
ATOM   629  N  NE  B ARG A 1 76  ? -5.168  -12.439 1.315   0.51 32.52 ? 76  ARG A NE  1 
ATOM   630  C  CZ  A ARG A 1 76  ? -4.114  -15.119 0.687   0.49 36.28 ? 76  ARG A CZ  1 
ATOM   631  C  CZ  B ARG A 1 76  ? -6.459  -12.721 1.135   0.51 35.26 ? 76  ARG A CZ  1 
ATOM   632  N  NH1 A ARG A 1 76  ? -3.767  -14.449 -0.402  0.49 36.11 ? 76  ARG A NH1 1 
ATOM   633  N  NH1 B ARG A 1 76  ? -7.157  -12.074 0.206   0.51 34.97 ? 76  ARG A NH1 1 
ATOM   634  N  NH2 A ARG A 1 76  ? -4.203  -16.438 0.639   0.49 37.58 ? 76  ARG A NH2 1 
ATOM   635  N  NH2 B ARG A 1 76  ? -7.058  -13.641 1.882   0.51 32.97 ? 76  ARG A NH2 1 
ATOM   636  N  N   . ALA A 1 77  ? -0.709  -10.201 0.456   1.00 28.06 ? 77  ALA A N   1 
ATOM   637  C  CA  . ALA A 1 77  ? -0.011  -10.503 -0.783  1.00 27.13 ? 77  ALA A CA  1 
ATOM   638  C  C   . ALA A 1 77  ? 1.477   -10.270 -0.605  1.00 28.74 ? 77  ALA A C   1 
ATOM   639  O  O   . ALA A 1 77  ? 2.292   -10.984 -1.186  1.00 30.48 ? 77  ALA A O   1 
ATOM   640  C  CB  . ALA A 1 77  ? -0.557  -9.674  -1.918  1.00 25.13 ? 77  ALA A CB  1 
ATOM   641  N  N   . TRP A 1 78  ? 1.840   -9.279  0.205   1.00 25.74 ? 78  TRP A N   1 
ATOM   642  C  CA  . TRP A 1 78  ? 3.250   -9.020  0.510   1.00 27.51 ? 78  TRP A CA  1 
ATOM   643  C  C   . TRP A 1 78  ? 3.876   -10.218 1.253   1.00 30.47 ? 78  TRP A C   1 
ATOM   644  O  O   . TRP A 1 78  ? 4.946   -10.702 0.878   1.00 30.97 ? 78  TRP A O   1 
ATOM   645  C  CB  . TRP A 1 78  ? 3.380   -7.712  1.304   1.00 29.63 ? 78  TRP A CB  1 
ATOM   646  C  CG  . TRP A 1 78  ? 4.770   -7.161  1.408   1.00 27.04 ? 78  TRP A CG  1 
ATOM   647  C  CD1 . TRP A 1 78  ? 5.926   -7.733  0.936   1.00 31.25 ? 78  TRP A CD1 1 
ATOM   648  C  CD2 . TRP A 1 78  ? 5.162   -5.919  2.027   1.00 28.51 ? 78  TRP A CD2 1 
ATOM   649  N  NE1 . TRP A 1 78  ? 7.004   -6.924  1.228   1.00 29.71 ? 78  TRP A NE1 1 
ATOM   650  C  CE2 . TRP A 1 78  ? 6.566   -5.815  1.899   1.00 31.54 ? 78  TRP A CE2 1 
ATOM   651  C  CE3 . TRP A 1 78  ? 4.465   -4.901  2.690   1.00 28.22 ? 78  TRP A CE3 1 
ATOM   652  C  CZ2 . TRP A 1 78  ? 7.277   -4.717  2.396   1.00 33.47 ? 78  TRP A CZ2 1 
ATOM   653  C  CZ3 . TRP A 1 78  ? 5.169   -3.819  3.174   1.00 27.86 ? 78  TRP A CZ3 1 
ATOM   654  C  CH2 . TRP A 1 78  ? 6.561   -3.732  3.027   1.00 31.13 ? 78  TRP A CH2 1 
ATOM   655  N  N   . LEU A 1 79  ? 3.186   -10.718 2.275   1.00 28.77 ? 79  LEU A N   1 
ATOM   656  C  CA  . LEU A 1 79  ? 3.630   -11.914 2.991   1.00 29.46 ? 79  LEU A CA  1 
ATOM   657  C  C   . LEU A 1 79  ? 3.815   -13.107 2.057   1.00 35.01 ? 79  LEU A C   1 
ATOM   658  O  O   . LEU A 1 79  ? 4.598   -14.006 2.358   1.00 33.80 ? 79  LEU A O   1 
ATOM   659  C  CB  . LEU A 1 79  ? 2.643   -12.271 4.103   1.00 27.08 ? 79  LEU A CB  1 
ATOM   660  C  CG  . LEU A 1 79  ? 2.578   -11.226 5.219   1.00 30.06 ? 79  LEU A CG  1 
ATOM   661  C  CD1 . LEU A 1 79  ? 1.447   -11.529 6.182   1.00 25.77 ? 79  LEU A CD1 1 
ATOM   662  C  CD2 . LEU A 1 79  ? 3.921   -11.154 5.953   1.00 34.29 ? 79  LEU A CD2 1 
ATOM   663  N  N   . ALA A 1 80  ? 3.108   -13.109 0.926   1.00 33.40 ? 80  ALA A N   1 
ATOM   664  C  CA  . ALA A 1 80  ? 3.212   -14.206 -0.040  1.00 34.47 ? 80  ALA A CA  1 
ATOM   665  C  C   . ALA A 1 80  ? 4.569   -14.238 -0.737  1.00 36.13 ? 80  ALA A C   1 
ATOM   666  O  O   . ALA A 1 80  ? 4.918   -15.231 -1.376  1.00 36.33 ? 80  ALA A O   1 
ATOM   667  C  CB  . ALA A 1 80  ? 2.089   -14.139 -1.057  1.00 34.22 ? 80  ALA A CB  1 
ATOM   668  N  N   . LEU A 1 81  ? 5.336   -13.157 -0.620  1.00 31.57 ? 81  LEU A N   1 
ATOM   669  C  CA  . LEU A 1 81  ? 6.696   -13.156 -1.131  1.00 32.71 ? 81  LEU A CA  1 
ATOM   670  C  C   . LEU A 1 81  ? 7.542   -14.219 -0.433  1.00 39.03 ? 81  LEU A C   1 
ATOM   671  O  O   . LEU A 1 81  ? 8.583   -14.617 -0.948  1.00 34.14 ? 81  LEU A O   1 
ATOM   672  C  CB  . LEU A 1 81  ? 7.367   -11.797 -0.938  1.00 31.26 ? 81  LEU A CB  1 
ATOM   673  C  CG  . LEU A 1 81  ? 7.216   -10.711 -1.995  1.00 31.35 ? 81  LEU A CG  1 
ATOM   674  C  CD1 . LEU A 1 81  ? 8.244   -9.616  -1.769  1.00 33.03 ? 81  LEU A CD1 1 
ATOM   675  C  CD2 . LEU A 1 81  ? 7.350   -11.276 -3.389  1.00 26.95 ? 81  LEU A CD2 1 
ATOM   676  N  N   . GLY A 1 82  ? 7.100   -14.673 0.736   1.00 37.91 ? 82  GLY A N   1 
ATOM   677  C  CA  . GLY A 1 82  ? 7.883   -15.610 1.517   1.00 39.23 ? 82  GLY A CA  1 
ATOM   678  C  C   . GLY A 1 82  ? 8.773   -14.871 2.496   1.00 44.57 ? 82  GLY A C   1 
ATOM   679  O  O   . GLY A 1 82  ? 8.675   -13.644 2.618   1.00 43.96 ? 82  GLY A O   1 
ATOM   680  N  N   . VAL A 1 83  ? 9.653   -15.602 3.179   1.00 43.93 ? 83  VAL A N   1 
ATOM   681  C  CA  . VAL A 1 83  ? 10.425  -15.025 4.278   1.00 47.06 ? 83  VAL A CA  1 
ATOM   682  C  C   . VAL A 1 83  ? 11.925  -14.846 3.991   1.00 45.58 ? 83  VAL A C   1 
ATOM   683  O  O   . VAL A 1 83  ? 12.654  -14.311 4.826   1.00 50.29 ? 83  VAL A O   1 
ATOM   684  C  CB  . VAL A 1 83  ? 10.267  -15.866 5.551   1.00 47.09 ? 83  VAL A CB  1 
ATOM   685  C  CG1 . VAL A 1 83  ? 8.803   -15.971 5.935   1.00 47.19 ? 83  VAL A CG1 1 
ATOM   686  C  CG2 . VAL A 1 83  ? 10.857  -17.249 5.337   1.00 46.40 ? 83  VAL A CG2 1 
ATOM   687  N  N   . GLU A 1 84  ? 12.378  -15.285 2.822   1.00 47.32 ? 84  GLU A N   1 
ATOM   688  C  CA  . GLU A 1 84  ? 13.809  -15.249 2.497   1.00 50.82 ? 84  GLU A CA  1 
ATOM   689  C  C   . GLU A 1 84  ? 14.181  -14.126 1.520   1.00 53.14 ? 84  GLU A C   1 
ATOM   690  O  O   . GLU A 1 84  ? 15.341  -13.698 1.456   1.00 52.48 ? 84  GLU A O   1 
ATOM   691  C  CB  . GLU A 1 84  ? 14.261  -16.597 1.936   1.00 50.66 ? 84  GLU A CB  1 
ATOM   692  N  N   . ASP A 1 85  ? 13.189  -13.669 0.760   1.00 49.99 ? 85  ASP A N   1 
ATOM   693  C  CA  . ASP A 1 85  ? 13.330  -12.554 -0.175  1.00 45.01 ? 85  ASP A CA  1 
ATOM   694  C  C   . ASP A 1 85  ? 13.866  -11.324 0.571   1.00 40.01 ? 85  ASP A C   1 
ATOM   695  O  O   . ASP A 1 85  ? 13.535  -11.120 1.734   1.00 42.79 ? 85  ASP A O   1 
ATOM   696  C  CB  . ASP A 1 85  ? 11.942  -12.266 -0.773  1.00 41.22 ? 85  ASP A CB  1 
ATOM   697  C  CG  . ASP A 1 85  ? 12.001  -11.474 -2.064  1.00 40.21 ? 85  ASP A CG  1 
ATOM   698  O  OD1 . ASP A 1 85  ? 12.660  -10.405 -2.080  1.00 39.28 ? 85  ASP A OD1 1 
ATOM   699  O  OD2 . ASP A 1 85  ? 11.370  -11.914 -3.060  1.00 36.44 ? 85  ASP A OD2 1 
ATOM   700  N  N   . SER A 1 86  ? 14.700  -10.513 -0.073  1.00 35.36 ? 86  SER A N   1 
ATOM   701  C  CA  . SER A 1 86  ? 15.187  -9.294  0.572   1.00 38.79 ? 86  SER A CA  1 
ATOM   702  C  C   . SER A 1 86  ? 14.055  -8.274  0.769   1.00 37.00 ? 86  SER A C   1 
ATOM   703  O  O   . SER A 1 86  ? 14.173  -7.343  1.582   1.00 34.39 ? 86  SER A O   1 
ATOM   704  C  CB  . SER A 1 86  ? 16.315  -8.665  -0.237  1.00 40.80 ? 86  SER A CB  1 
ATOM   705  O  OG  . SER A 1 86  ? 15.825  -8.057  -1.423  1.00 44.46 ? 86  SER A OG  1 
ATOM   706  N  N   . GLN A 1 87  ? 12.963  -8.449  0.029   1.00 35.54 ? 87  GLN A N   1 
ATOM   707  C  CA  . GLN A 1 87  ? 11.789  -7.587  0.199   1.00 35.09 ? 87  GLN A CA  1 
ATOM   708  C  C   . GLN A 1 87  ? 10.748  -8.224  1.119   1.00 35.32 ? 87  GLN A C   1 
ATOM   709  O  O   . GLN A 1 87  ? 9.599   -7.780  1.184   1.00 31.29 ? 87  GLN A O   1 
ATOM   710  C  CB  . GLN A 1 87  ? 11.164  -7.272  -1.158  1.00 31.53 ? 87  GLN A CB  1 
ATOM   711  C  CG  . GLN A 1 87  ? 12.061  -6.474  -2.090  1.00 32.38 ? 87  GLN A CG  1 
ATOM   712  C  CD  . GLN A 1 87  ? 11.302  -5.934  -3.276  1.00 29.46 ? 87  GLN A CD  1 
ATOM   713  O  OE1 . GLN A 1 87  ? 10.165  -6.344  -3.539  1.00 28.08 ? 87  GLN A OE1 1 
ATOM   714  N  NE2 . GLN A 1 87  ? 11.911  -4.997  -3.994  1.00 28.04 ? 87  GLN A NE2 1 
ATOM   715  N  N   . ALA A 1 88  ? 11.151  -9.272  1.828   1.00 33.44 ? 88  ALA A N   1 
ATOM   716  C  CA  . ALA A 1 88  ? 10.239  -9.983  2.716   1.00 33.33 ? 88  ALA A CA  1 
ATOM   717  C  C   . ALA A 1 88  ? 9.565   -9.029  3.704   1.00 36.53 ? 88  ALA A C   1 
ATOM   718  O  O   . ALA A 1 88  ? 10.193  -8.119  4.240   1.00 34.60 ? 88  ALA A O   1 
ATOM   719  C  CB  . ALA A 1 88  ? 10.960  -11.083 3.458   1.00 34.04 ? 88  ALA A CB  1 
ATOM   720  N  N   . CYS A 1 89  ? 8.280   -9.251  3.935   1.00 32.16 ? 89  CYS A N   1 
ATOM   721  C  CA  . CYS A 1 89  ? 7.506   -8.359  4.771   1.00 33.55 ? 89  CYS A CA  1 
ATOM   722  C  C   . CYS A 1 89  ? 7.663   -8.756  6.222   1.00 33.91 ? 89  CYS A C   1 
ATOM   723  O  O   . CYS A 1 89  ? 7.398   -9.900  6.582   1.00 35.87 ? 89  CYS A O   1 
ATOM   724  C  CB  . CYS A 1 89  ? 6.035   -8.448  4.389   1.00 31.84 ? 89  CYS A CB  1 
ATOM   725  S  SG  . CYS A 1 89  ? 5.015   -7.214  5.205   1.00 35.91 ? 89  CYS A SG  1 
ATOM   726  N  N   . PRO A 1 90  ? 8.101   -7.815  7.065   1.00 36.75 ? 90  PRO A N   1 
ATOM   727  C  CA  . PRO A 1 90  ? 8.080   -8.074  8.509   1.00 38.30 ? 90  PRO A CA  1 
ATOM   728  C  C   . PRO A 1 90  ? 6.636   -8.235  8.979   1.00 36.86 ? 90  PRO A C   1 
ATOM   729  O  O   . PRO A 1 90  ? 5.744   -7.633  8.360   1.00 38.47 ? 90  PRO A O   1 
ATOM   730  C  CB  . PRO A 1 90  ? 8.665   -6.787  9.106   1.00 33.39 ? 90  PRO A CB  1 
ATOM   731  C  CG  . PRO A 1 90  ? 9.365   -6.099  7.984   1.00 35.88 ? 90  PRO A CG  1 
ATOM   732  C  CD  . PRO A 1 90  ? 8.653   -6.492  6.732   1.00 34.48 ? 90  PRO A CD  1 
ATOM   733  N  N   . LEU A 1 91  ? 6.393   -9.015  10.035  1.00 35.69 ? 91  LEU A N   1 
ATOM   734  C  CA  . LEU A 1 91  ? 5.067   -8.999  10.652  1.00 40.66 ? 91  LEU A CA  1 
ATOM   735  C  C   . LEU A 1 91  ? 4.758   -7.564  11.071  1.00 36.94 ? 91  LEU A C   1 
ATOM   736  O  O   . LEU A 1 91  ? 5.674   -6.785  11.349  1.00 35.80 ? 91  LEU A O   1 
ATOM   737  C  CB  . LEU A 1 91  ? 4.988   -9.918  11.871  1.00 41.43 ? 91  LEU A CB  1 
ATOM   738  C  CG  . LEU A 1 91  ? 5.041   -11.434 11.686  1.00 44.13 ? 91  LEU A CG  1 
ATOM   739  C  CD1 . LEU A 1 91  ? 4.636   -12.123 12.978  1.00 42.94 ? 91  LEU A CD1 1 
ATOM   740  C  CD2 . LEU A 1 91  ? 4.136   -11.873 10.562  1.00 40.72 ? 91  LEU A CD2 1 
ATOM   741  N  N   . LYS A 1 92  ? 3.480   -7.209  11.092  1.00 38.25 ? 92  LYS A N   1 
ATOM   742  C  CA  . LYS A 1 92  ? 3.083   -5.853  11.431  1.00 36.26 ? 92  LYS A CA  1 
ATOM   743  C  C   . LYS A 1 92  ? 3.714   -5.418  12.765  1.00 40.13 ? 92  LYS A C   1 
ATOM   744  O  O   . LYS A 1 92  ? 4.276   -4.322  12.872  1.00 41.07 ? 92  LYS A O   1 
ATOM   745  C  CB  . LYS A 1 92  ? 1.552   -5.747  11.468  1.00 36.31 ? 92  LYS A CB  1 
ATOM   746  C  CG  . LYS A 1 92  ? 1.018   -4.327  11.330  1.00 37.43 ? 92  LYS A CG  1 
ATOM   747  C  CD  . LYS A 1 92  ? -0.512  -4.231  11.582  1.00 41.29 ? 92  LYS A CD  1 
ATOM   748  C  CE  . LYS A 1 92  ? -1.335  -5.005  10.544  1.00 44.02 ? 92  LYS A CE  1 
ATOM   749  N  NZ  . LYS A 1 92  ? -2.830  -4.746  10.610  1.00 45.60 ? 92  LYS A NZ  1 
ATOM   750  N  N   . GLN A 1 93  ? 3.660   -6.298  13.763  1.00 41.66 ? 93  GLN A N   1 
ATOM   751  C  CA  . GLN A 1 93  ? 4.224   -6.013  15.084  1.00 43.69 ? 93  GLN A CA  1 
ATOM   752  C  C   . GLN A 1 93  ? 5.705   -5.600  15.080  1.00 41.87 ? 93  GLN A C   1 
ATOM   753  O  O   . GLN A 1 93  ? 6.154   -4.898  15.983  1.00 43.49 ? 93  GLN A O   1 
ATOM   754  C  CB  . GLN A 1 93  ? 4.014   -7.214  16.015  1.00 43.34 ? 93  GLN A CB  1 
ATOM   755  C  CG  . GLN A 1 93  ? 4.425   -8.561  15.411  1.00 53.17 ? 93  GLN A CG  1 
ATOM   756  C  CD  . GLN A 1 93  ? 4.068   -9.744  16.310  1.00 59.94 ? 93  GLN A CD  1 
ATOM   757  O  OE1 . GLN A 1 93  ? 4.918   -10.261 17.040  1.00 60.65 ? 93  GLN A OE1 1 
ATOM   758  N  NE2 . GLN A 1 93  ? 2.803   -10.177 16.254  1.00 55.09 ? 93  GLN A NE2 1 
ATOM   759  N  N   . ASP A 1 94  ? 6.453   -6.016  14.062  1.00 39.72 ? 94  ASP A N   1 
ATOM   760  C  CA  . ASP A 1 94  ? 7.893   -5.755  14.007  1.00 41.86 ? 94  ASP A CA  1 
ATOM   761  C  C   . ASP A 1 94  ? 8.251   -4.651  13.016  1.00 39.19 ? 94  ASP A C   1 
ATOM   762  O  O   . ASP A 1 94  ? 9.418   -4.255  12.912  1.00 36.41 ? 94  ASP A O   1 
ATOM   763  C  CB  . ASP A 1 94  ? 8.671   -7.029  13.621  1.00 42.67 ? 94  ASP A CB  1 
ATOM   764  C  CG  . ASP A 1 94  ? 8.437   -8.188  14.580  1.00 45.29 ? 94  ASP A CG  1 
ATOM   765  O  OD1 . ASP A 1 94  ? 8.187   -7.953  15.777  1.00 45.66 ? 94  ASP A OD1 1 
ATOM   766  O  OD2 . ASP A 1 94  ? 8.519   -9.349  14.130  1.00 51.40 ? 94  ASP A OD2 1 
ATOM   767  N  N   . MET A 1 95  ? 7.259   -4.168  12.271  1.00 39.18 ? 95  MET A N   1 
ATOM   768  C  CA  . MET A 1 95  ? 7.511   -3.129  11.269  1.00 38.94 ? 95  MET A CA  1 
ATOM   769  C  C   . MET A 1 95  ? 8.192   -1.868  11.837  1.00 38.74 ? 95  MET A C   1 
ATOM   770  O  O   . MET A 1 95  ? 9.133   -1.360  11.221  1.00 39.86 ? 95  MET A O   1 
ATOM   771  C  CB  . MET A 1 95  ? 6.239   -2.778  10.466  1.00 38.44 ? 95  MET A CB  1 
ATOM   772  C  CG  . MET A 1 95  ? 5.781   -3.866  9.483   1.00 36.66 ? 95  MET A CG  1 
ATOM   773  S  SD  . MET A 1 95  ? 4.212   -3.496  8.659   1.00 35.01 ? 95  MET A SD  1 
ATOM   774  C  CE  . MET A 1 95  ? 3.909   -5.002  7.747   1.00 30.44 ? 95  MET A CE  1 
ATOM   775  N  N   . PRO A 1 96  ? 7.748   -1.376  13.021  1.00 40.11 ? 96  PRO A N   1 
ATOM   776  C  CA  . PRO A 1 96  ? 8.437   -0.200  13.584  1.00 38.16 ? 96  PRO A CA  1 
ATOM   777  C  C   . PRO A 1 96  ? 9.920   -0.443  13.905  1.00 41.31 ? 96  PRO A C   1 
ATOM   778  O  O   . PRO A 1 96  ? 10.649  0.527   14.079  1.00 43.10 ? 96  PRO A O   1 
ATOM   779  C  CB  . PRO A 1 96  ? 7.646   0.078   14.866  1.00 38.48 ? 96  PRO A CB  1 
ATOM   780  C  CG  . PRO A 1 96  ? 6.270   -0.433  14.567  1.00 37.94 ? 96  PRO A CG  1 
ATOM   781  C  CD  . PRO A 1 96  ? 6.520   -1.689  13.780  1.00 37.47 ? 96  PRO A CD  1 
ATOM   782  N  N   . LYS A 1 97  ? 10.357  -1.703  13.951  1.00 41.38 ? 97  LYS A N   1 
ATOM   783  C  CA  . LYS A 1 97  ? 11.776  -2.024  14.163  1.00 43.19 ? 97  LYS A CA  1 
ATOM   784  C  C   . LYS A 1 97  ? 12.638  -1.816  12.914  1.00 44.58 ? 97  LYS A C   1 
ATOM   785  O  O   . LYS A 1 97  ? 13.869  -1.906  12.985  1.00 45.25 ? 97  LYS A O   1 
ATOM   786  C  CB  . LYS A 1 97  ? 11.962  -3.477  14.639  1.00 44.29 ? 97  LYS A CB  1 
ATOM   787  C  CG  . LYS A 1 97  ? 11.190  -3.881  15.902  1.00 47.04 ? 97  LYS A CG  1 
ATOM   788  C  CD  . LYS A 1 97  ? 11.855  -5.097  16.568  1.00 50.59 ? 97  LYS A CD  1 
ATOM   789  C  CE  . LYS A 1 97  ? 10.887  -6.247  16.837  1.00 51.16 ? 97  LYS A CE  1 
ATOM   790  N  NZ  . LYS A 1 97  ? 9.990   -5.992  18.002  1.00 55.44 ? 97  LYS A NZ  1 
ATOM   791  N  N   . ASP A 1 98  ? 12.000  -1.558  11.775  1.00 40.99 ? 98  ASP A N   1 
ATOM   792  C  CA  . ASP A 1 98  ? 12.727  -1.443  10.516  1.00 42.91 ? 98  ASP A CA  1 
ATOM   793  C  C   . ASP A 1 98  ? 13.644  -0.225  10.576  1.00 44.17 ? 98  ASP A C   1 
ATOM   794  O  O   . ASP A 1 98  ? 13.285  0.799   11.158  1.00 45.50 ? 98  ASP A O   1 
ATOM   795  C  CB  . ASP A 1 98  ? 11.756  -1.338  9.333   1.00 41.42 ? 98  ASP A CB  1 
ATOM   796  C  CG  . ASP A 1 98  ? 12.442  -1.508  7.985   1.00 44.56 ? 98  ASP A CG  1 
ATOM   797  O  OD1 . ASP A 1 98  ? 12.882  -0.495  7.397   1.00 46.32 ? 98  ASP A OD1 1 
ATOM   798  O  OD2 . ASP A 1 98  ? 12.525  -2.655  7.503   1.00 43.88 ? 98  ASP A OD2 1 
ATOM   799  N  N   . ARG A 1 99  ? 14.826  -0.354  9.983   1.00 43.46 ? 99  ARG A N   1 
ATOM   800  C  CA  . ARG A 1 99  ? 15.866  0.673   10.057  1.00 41.81 ? 99  ARG A CA  1 
ATOM   801  C  C   . ARG A 1 99  ? 15.422  2.048   9.560   1.00 42.40 ? 99  ARG A C   1 
ATOM   802  O  O   . ARG A 1 99  ? 15.711  3.062   10.198  1.00 41.27 ? 99  ARG A O   1 
ATOM   803  C  CB  . ARG A 1 99  ? 17.109  0.203   9.293   1.00 43.58 ? 99  ARG A CB  1 
ATOM   804  C  CG  . ARG A 1 99  ? 18.016  1.321   8.813   1.00 44.61 ? 99  ARG A CG  1 
ATOM   805  N  N   . LYS A 1 100 ? 14.723  2.079   8.429   1.00 41.93 ? 100 LYS A N   1 
ATOM   806  C  CA  . LYS A 1 100 ? 14.277  3.339   7.843   1.00 42.52 ? 100 LYS A CA  1 
ATOM   807  C  C   . LYS A 1 100 ? 12.950  3.822   8.418   1.00 39.14 ? 100 LYS A C   1 
ATOM   808  O  O   . LYS A 1 100 ? 12.470  4.901   8.049   1.00 43.66 ? 100 LYS A O   1 
ATOM   809  C  CB  . LYS A 1 100 ? 14.133  3.199   6.330   1.00 43.16 ? 100 LYS A CB  1 
ATOM   810  C  CG  . LYS A 1 100 ? 15.363  2.672   5.629   1.00 45.10 ? 100 LYS A CG  1 
ATOM   811  C  CD  . LYS A 1 100 ? 15.068  2.378   4.160   1.00 47.81 ? 100 LYS A CD  1 
ATOM   812  C  CE  . LYS A 1 100 ? 14.596  3.627   3.424   1.00 47.06 ? 100 LYS A CE  1 
ATOM   813  N  NZ  . LYS A 1 100 ? 14.260  3.332   1.996   1.00 48.01 ? 100 LYS A NZ  1 
ATOM   814  N  N   . TYR A 1 101 ? 12.345  3.035   9.303   1.00 38.62 ? 101 TYR A N   1 
ATOM   815  C  CA  . TYR A 1 101 ? 11.014  3.365   9.819   1.00 37.81 ? 101 TYR A CA  1 
ATOM   816  C  C   . TYR A 1 101 ? 10.934  4.720   10.545  1.00 41.46 ? 101 TYR A C   1 
ATOM   817  O  O   . TYR A 1 101 ? 9.938   5.437   10.393  1.00 37.67 ? 101 TYR A O   1 
ATOM   818  C  CB  . TYR A 1 101 ? 10.491  2.239   10.719  1.00 41.03 ? 101 TYR A CB  1 
ATOM   819  C  CG  . TYR A 1 101 ? 9.008   2.315   11.050  1.00 40.18 ? 101 TYR A CG  1 
ATOM   820  C  CD1 . TYR A 1 101 ? 8.526   3.224   11.979  1.00 39.61 ? 101 TYR A CD1 1 
ATOM   821  C  CD2 . TYR A 1 101 ? 8.094   1.458   10.444  1.00 37.36 ? 101 TYR A CD2 1 
ATOM   822  C  CE1 . TYR A 1 101 ? 7.175   3.286   12.292  1.00 37.22 ? 101 TYR A CE1 1 
ATOM   823  C  CE2 . TYR A 1 101 ? 6.741   1.514   10.753  1.00 33.77 ? 101 TYR A CE2 1 
ATOM   824  C  CZ  . TYR A 1 101 ? 6.294   2.428   11.676  1.00 36.36 ? 101 TYR A CZ  1 
ATOM   825  O  OH  . TYR A 1 101 ? 4.955   2.496   11.993  1.00 39.72 ? 101 TYR A OH  1 
ATOM   826  N  N   . PRO A 1 102 ? 11.958  5.068   11.358  1.00 41.94 ? 102 PRO A N   1 
ATOM   827  C  CA  . PRO A 1 102 ? 11.895  6.394   11.988  1.00 39.03 ? 102 PRO A CA  1 
ATOM   828  C  C   . PRO A 1 102 ? 11.956  7.510   10.956  1.00 39.63 ? 102 PRO A C   1 
ATOM   829  O  O   . PRO A 1 102 ? 11.304  8.539   11.128  1.00 38.87 ? 102 PRO A O   1 
ATOM   830  C  CB  . PRO A 1 102 ? 13.153  6.427   12.858  1.00 39.88 ? 102 PRO A CB  1 
ATOM   831  C  CG  . PRO A 1 102 ? 13.422  5.002   13.176  1.00 44.45 ? 102 PRO A CG  1 
ATOM   832  C  CD  . PRO A 1 102 ? 13.043  4.245   11.934  1.00 39.72 ? 102 PRO A CD  1 
ATOM   833  N  N   . SER A 1 103 ? 12.724  7.309   9.890   1.00 39.80 ? 103 SER A N   1 
ATOM   834  C  CA  . SER A 1 103 ? 12.822  8.336   8.857   1.00 38.44 ? 103 SER A CA  1 
ATOM   835  C  C   . SER A 1 103 ? 11.500  8.488   8.116   1.00 38.96 ? 103 SER A C   1 
ATOM   836  O  O   . SER A 1 103 ? 11.156  9.571   7.642   1.00 38.27 ? 103 SER A O   1 
ATOM   837  C  CB  . SER A 1 103 ? 13.929  7.996   7.863   1.00 38.61 ? 103 SER A CB  1 
ATOM   838  O  OG  . SER A 1 103 ? 13.970  8.987   6.854   1.00 40.21 ? 103 SER A OG  1 
ATOM   839  N  N   . SER A 1 104 ? 10.765  7.385   8.014   1.00 37.81 ? 104 SER A N   1 
ATOM   840  C  CA  . SER A 1 104 ? 9.484   7.384   7.330   1.00 37.43 ? 104 SER A CA  1 
ATOM   841  C  C   . SER A 1 104 ? 8.435   8.057   8.211   1.00 35.59 ? 104 SER A C   1 
ATOM   842  O  O   . SER A 1 104 ? 7.627   8.850   7.737   1.00 35.44 ? 104 SER A O   1 
ATOM   843  C  CB  . SER A 1 104 ? 9.075   5.949   7.005   1.00 36.34 ? 104 SER A CB  1 
ATOM   844  O  OG  . SER A 1 104 ? 7.916   5.922   6.210   1.00 34.65 ? 104 SER A OG  1 
ATOM   845  N  N   . ALA A 1 105 ? 8.470   7.743   9.505   1.00 35.65 ? 105 ALA A N   1 
ATOM   846  C  CA  . ALA A 1 105 ? 7.546   8.327   10.463  1.00 37.18 ? 105 ALA A CA  1 
ATOM   847  C  C   . ALA A 1 105 ? 7.733   9.840   10.505  1.00 37.97 ? 105 ALA A C   1 
ATOM   848  O  O   . ALA A 1 105 ? 6.765   10.594  10.661  1.00 38.92 ? 105 ALA A O   1 
ATOM   849  C  CB  . ALA A 1 105 ? 7.763   7.724   11.828  1.00 35.60 ? 105 ALA A CB  1 
ATOM   850  N  N   . ALA A 1 106 ? 8.984   10.268  10.364  1.00 36.64 ? 106 ALA A N   1 
ATOM   851  C  CA  . ALA A 1 106 ? 9.336   11.685  10.312  1.00 38.78 ? 106 ALA A CA  1 
ATOM   852  C  C   . ALA A 1 106 ? 8.698   12.350  9.107   1.00 39.52 ? 106 ALA A C   1 
ATOM   853  O  O   . ALA A 1 106 ? 8.121   13.438  9.217   1.00 38.54 ? 106 ALA A O   1 
ATOM   854  C  CB  . ALA A 1 106 ? 10.842  11.851  10.259  1.00 39.21 ? 106 ALA A CB  1 
ATOM   855  N  N   . HIS A 1 107 ? 8.812   11.702  7.950   1.00 36.15 ? 107 HIS A N   1 
ATOM   856  C  CA  . HIS A 1 107 ? 8.222   12.243  6.733   1.00 35.94 ? 107 HIS A CA  1 
ATOM   857  C  C   . HIS A 1 107 ? 6.708   12.337  6.801   1.00 34.42 ? 107 HIS A C   1 
ATOM   858  O  O   . HIS A 1 107 ? 6.119   13.296  6.292   1.00 36.33 ? 107 HIS A O   1 
ATOM   859  C  CB  . HIS A 1 107 ? 8.637   11.412  5.522   1.00 36.38 ? 107 HIS A CB  1 
ATOM   860  C  CG  . HIS A 1 107 ? 9.977   11.776  4.982   1.00 38.65 ? 107 HIS A CG  1 
ATOM   861  N  ND1 . HIS A 1 107 ? 11.140  11.143  5.377   1.00 43.11 ? 107 HIS A ND1 1 
ATOM   862  C  CD2 . HIS A 1 107 ? 10.353  12.718  4.082   1.00 38.88 ? 107 HIS A CD2 1 
ATOM   863  C  CE1 . HIS A 1 107 ? 12.168  11.672  4.741   1.00 39.53 ? 107 HIS A CE1 1 
ATOM   864  N  NE2 . HIS A 1 107 ? 11.717  12.633  3.950   1.00 42.09 ? 107 HIS A NE2 1 
ATOM   865  N  N   . PHE A 1 108 ? 6.076   11.333  7.407   1.00 35.18 ? 108 PHE A N   1 
ATOM   866  C  CA  . PHE A 1 108 ? 4.618   11.300  7.510   1.00 32.68 ? 108 PHE A CA  1 
ATOM   867  C  C   . PHE A 1 108 ? 4.109   12.334  8.518   1.00 37.67 ? 108 PHE A C   1 
ATOM   868  O  O   . PHE A 1 108 ? 2.924   12.691  8.513   1.00 35.82 ? 108 PHE A O   1 
ATOM   869  C  CB  . PHE A 1 108 ? 4.137   9.899   7.906   1.00 29.47 ? 108 PHE A CB  1 
ATOM   870  C  CG  . PHE A 1 108 ? 3.794   9.007   6.727   1.00 31.18 ? 108 PHE A CG  1 
ATOM   871  C  CD1 . PHE A 1 108 ? 2.653   9.236   5.976   1.00 30.91 ? 108 PHE A CD1 1 
ATOM   872  C  CD2 . PHE A 1 108 ? 4.614   7.938   6.375   1.00 35.65 ? 108 PHE A CD2 1 
ATOM   873  C  CE1 . PHE A 1 108 ? 2.327   8.423   4.892   1.00 28.60 ? 108 PHE A CE1 1 
ATOM   874  C  CE2 . PHE A 1 108 ? 4.293   7.118   5.291   1.00 29.53 ? 108 PHE A CE2 1 
ATOM   875  C  CZ  . PHE A 1 108 ? 3.149   7.361   4.552   1.00 28.17 ? 108 PHE A CZ  1 
ATOM   876  N  N   . ALA A 1 109 ? 5.001   12.815  9.381   1.00 37.49 ? 109 ALA A N   1 
ATOM   877  C  CA  . ALA A 1 109 ? 4.616   13.783  10.417  1.00 37.73 ? 109 ALA A CA  1 
ATOM   878  C  C   . ALA A 1 109 ? 4.409   15.193  9.881   1.00 36.25 ? 109 ALA A C   1 
ATOM   879  O  O   . ALA A 1 109 ? 3.650   15.972  10.476  1.00 37.08 ? 109 ALA A O   1 
ATOM   880  C  CB  . ALA A 1 109 ? 5.639   13.799  11.557  1.00 34.36 ? 109 ALA A CB  1 
ATOM   881  N  N   . VAL A 1 110 ? 5.096   15.534  8.788   1.00 36.28 ? 110 VAL A N   1 
ATOM   882  C  CA  . VAL A 1 110 ? 5.022   16.895  8.246   1.00 38.00 ? 110 VAL A CA  1 
ATOM   883  C  C   . VAL A 1 110 ? 3.594   17.298  7.874   1.00 41.91 ? 110 VAL A C   1 
ATOM   884  O  O   . VAL A 1 110 ? 3.068   18.295  8.386   1.00 37.16 ? 110 VAL A O   1 
ATOM   885  C  CB  . VAL A 1 110 ? 5.961   17.109  7.060   1.00 35.12 ? 110 VAL A CB  1 
ATOM   886  C  CG1 . VAL A 1 110 ? 5.914   18.561  6.611   1.00 35.15 ? 110 VAL A CG1 1 
ATOM   887  C  CG2 . VAL A 1 110 ? 7.371   16.746  7.453   1.00 40.36 ? 110 VAL A CG2 1 
ATOM   888  N  N   . GLY A 1 111 ? 2.966   16.518  6.996   1.00 40.80 ? 111 GLY A N   1 
ATOM   889  C  CA  . GLY A 1 111 ? 1.562   16.721  6.689   1.00 36.30 ? 111 GLY A CA  1 
ATOM   890  C  C   . GLY A 1 111 ? 1.360   17.238  5.287   1.00 37.62 ? 111 GLY A C   1 
ATOM   891  O  O   . GLY A 1 111 ? 2.182   16.983  4.398   1.00 41.44 ? 111 GLY A O   1 
ATOM   892  N  N   . ILE A 1 112 ? 0.263   17.962  5.094   1.00 37.62 ? 112 ILE A N   1 
ATOM   893  C  CA  . ILE A 1 112 ? -0.107  18.523  3.799   1.00 35.70 ? 112 ILE A CA  1 
ATOM   894  C  C   . ILE A 1 112 ? 1.036   19.321  3.141   1.00 38.46 ? 112 ILE A C   1 
ATOM   895  O  O   . ILE A 1 112 ? 1.179   19.316  1.908   1.00 35.23 ? 112 ILE A O   1 
ATOM   896  C  CB  . ILE A 1 112 ? -1.395  19.382  3.941   1.00 37.62 ? 112 ILE A CB  1 
ATOM   897  C  CG1 . ILE A 1 112 ? -1.922  19.821  2.575   1.00 38.47 ? 112 ILE A CG1 1 
ATOM   898  C  CG2 . ILE A 1 112 ? -1.160  20.581  4.874   1.00 33.93 ? 112 ILE A CG2 1 
ATOM   899  C  CD1 . ILE A 1 112 ? -2.873  18.826  1.929   1.00 38.54 ? 112 ILE A CD1 1 
ATOM   900  N  N   . ASP A 1 113 ? 1.863   19.984  3.952   1.00 37.42 ? 113 ASP A N   1 
ATOM   901  C  CA  . ASP A 1 113 ? 3.009   20.723  3.421   1.00 37.72 ? 113 ASP A CA  1 
ATOM   902  C  C   . ASP A 1 113 ? 4.007   19.857  2.630   1.00 38.18 ? 113 ASP A C   1 
ATOM   903  O  O   . ASP A 1 113 ? 4.599   20.316  1.647   1.00 39.85 ? 113 ASP A O   1 
ATOM   904  C  CB  . ASP A 1 113 ? 3.750   21.443  4.544   1.00 39.69 ? 113 ASP A CB  1 
ATOM   905  C  CG  . ASP A 1 113 ? 2.981   22.635  5.083   1.00 43.45 ? 113 ASP A CG  1 
ATOM   906  O  OD1 . ASP A 1 113 ? 2.100   23.165  4.363   1.00 38.32 ? 113 ASP A OD1 1 
ATOM   907  O  OD2 . ASP A 1 113 ? 3.273   23.038  6.233   1.00 42.15 ? 113 ASP A OD2 1 
ATOM   908  N  N   . SER A 1 114 ? 4.221   18.620  3.064   1.00 37.92 ? 114 SER A N   1 
ATOM   909  C  CA  . SER A 1 114 ? 5.121   17.722  2.321   1.00 36.58 ? 114 SER A CA  1 
ATOM   910  C  C   . SER A 1 114 ? 4.573   16.298  2.307   1.00 34.83 ? 114 SER A C   1 
ATOM   911  O  O   . SER A 1 114 ? 5.011   15.455  3.090   1.00 33.31 ? 114 SER A O   1 
ATOM   912  C  CB  . SER A 1 114 ? 6.530   17.742  2.913   1.00 40.82 ? 114 SER A CB  1 
ATOM   913  O  OG  . SER A 1 114 ? 7.490   17.275  1.976   1.00 38.65 ? 114 SER A OG  1 
ATOM   914  N  N   . PRO A 1 115 ? 3.587   16.040  1.430   1.00 35.12 ? 115 PRO A N   1 
ATOM   915  C  CA  . PRO A 1 115 ? 2.923   14.730  1.357   1.00 34.16 ? 115 PRO A CA  1 
ATOM   916  C  C   . PRO A 1 115 ? 3.914   13.677  0.910   1.00 29.69 ? 115 PRO A C   1 
ATOM   917  O  O   . PRO A 1 115 ? 4.806   14.019  0.142   1.00 32.38 ? 115 PRO A O   1 
ATOM   918  C  CB  . PRO A 1 115 ? 1.866   14.926  0.263   1.00 32.88 ? 115 PRO A CB  1 
ATOM   919  C  CG  . PRO A 1 115 ? 1.650   16.441  0.185   1.00 33.83 ? 115 PRO A CG  1 
ATOM   920  C  CD  . PRO A 1 115 ? 3.011   17.017  0.485   1.00 32.27 ? 115 PRO A CD  1 
ATOM   921  N  N   . VAL A 1 116 ? 3.754   12.438  1.376   1.00 33.11 ? 116 VAL A N   1 
ATOM   922  C  CA  . VAL A 1 116 ? 4.667   11.338  1.047   1.00 31.04 ? 116 VAL A CA  1 
ATOM   923  C  C   . VAL A 1 116 ? 4.337   10.713  -0.321  1.00 29.33 ? 116 VAL A C   1 
ATOM   924  O  O   . VAL A 1 116 ? 3.206   10.313  -0.548  1.00 30.34 ? 116 VAL A O   1 
ATOM   925  C  CB  . VAL A 1 116 ? 4.581   10.255  2.137   1.00 31.12 ? 116 VAL A CB  1 
ATOM   926  C  CG1 . VAL A 1 116 ? 5.434   9.034   1.775   1.00 31.40 ? 116 VAL A CG1 1 
ATOM   927  C  CG2 . VAL A 1 116 ? 5.007   10.831  3.478   1.00 31.17 ? 116 VAL A CG2 1 
ATOM   928  N  N   . PRO A 1 117 ? 5.311   10.650  -1.247  1.00 29.33 ? 117 PRO A N   1 
ATOM   929  C  CA  . PRO A 1 117 ? 5.040   10.026  -2.554  1.00 29.71 ? 117 PRO A CA  1 
ATOM   930  C  C   . PRO A 1 117 ? 4.614   8.565   -2.417  1.00 25.77 ? 117 PRO A C   1 
ATOM   931  O  O   . PRO A 1 117 ? 5.031   7.895   -1.466  1.00 26.85 ? 117 PRO A O   1 
ATOM   932  C  CB  . PRO A 1 117 ? 6.402   10.090  -3.262  1.00 30.76 ? 117 PRO A CB  1 
ATOM   933  C  CG  . PRO A 1 117 ? 7.088   11.270  -2.639  1.00 35.26 ? 117 PRO A CG  1 
ATOM   934  C  CD  . PRO A 1 117 ? 6.652   11.267  -1.194  1.00 30.48 ? 117 PRO A CD  1 
ATOM   935  N  N   . LEU A 1 118 ? 3.813   8.078   -3.359  1.00 24.22 ? 118 LEU A N   1 
ATOM   936  C  CA  . LEU A 1 118 ? 3.325   6.703   -3.317  1.00 23.80 ? 118 LEU A CA  1 
ATOM   937  C  C   . LEU A 1 118 ? 4.449   5.692   -3.517  1.00 27.07 ? 118 LEU A C   1 
ATOM   938  O  O   . LEU A 1 118 ? 5.494   6.009   -4.091  1.00 28.10 ? 118 LEU A O   1 
ATOM   939  C  CB  . LEU A 1 118 ? 2.280   6.487   -4.406  1.00 25.00 ? 118 LEU A CB  1 
ATOM   940  C  CG  . LEU A 1 118 ? 1.054   7.404   -4.336  1.00 23.15 ? 118 LEU A CG  1 
ATOM   941  C  CD1 . LEU A 1 118 ? 0.017   7.033   -5.384  1.00 21.88 ? 118 LEU A CD1 1 
ATOM   942  C  CD2 . LEU A 1 118 ? 0.444   7.331   -2.967  1.00 24.74 ? 118 LEU A CD2 1 
ATOM   943  N  N   . ALA A 1 119 ? 4.219   4.467   -3.055  1.00 24.83 ? 119 ALA A N   1 
ATOM   944  C  CA  . ALA A 1 119 ? 5.101   3.354   -3.365  1.00 25.93 ? 119 ALA A CA  1 
ATOM   945  C  C   . ALA A 1 119 ? 4.844   2.880   -4.789  1.00 26.83 ? 119 ALA A C   1 
ATOM   946  O  O   . ALA A 1 119 ? 3.735   3.037   -5.312  1.00 25.46 ? 119 ALA A O   1 
ATOM   947  C  CB  . ALA A 1 119 ? 4.879   2.215   -2.382  1.00 22.49 ? 119 ALA A CB  1 
ATOM   948  N  N   . ASP A 1 120 ? 5.865   2.295   -5.406  1.00 24.91 ? 120 ASP A N   1 
ATOM   949  C  CA  . ASP A 1 120 ? 5.737   1.703   -6.732  1.00 26.08 ? 120 ASP A CA  1 
ATOM   950  C  C   . ASP A 1 120 ? 5.832   0.194   -6.600  1.00 27.17 ? 120 ASP A C   1 
ATOM   951  O  O   . ASP A 1 120 ? 6.882   -0.347  -6.215  1.00 25.68 ? 120 ASP A O   1 
ATOM   952  C  CB  . ASP A 1 120 ? 6.836   2.221   -7.660  1.00 24.10 ? 120 ASP A CB  1 
ATOM   953  C  CG  . ASP A 1 120 ? 6.727   3.716   -7.897  1.00 30.44 ? 120 ASP A CG  1 
ATOM   954  O  OD1 . ASP A 1 120 ? 6.034   4.120   -8.858  1.00 28.01 ? 120 ASP A OD1 1 
ATOM   955  O  OD2 . ASP A 1 120 ? 7.326   4.491   -7.116  1.00 27.35 ? 120 ASP A OD2 1 
ATOM   956  N  N   . VAL A 1 121 ? 4.732   -0.492  -6.893  1.00 22.84 ? 121 VAL A N   1 
ATOM   957  C  CA  . VAL A 1 121 ? 4.678   -1.925  -6.637  1.00 28.48 ? 121 VAL A CA  1 
ATOM   958  C  C   . VAL A 1 121 ? 4.307   -2.691  -7.898  1.00 27.08 ? 121 VAL A C   1 
ATOM   959  O  O   . VAL A 1 121 ? 3.885   -2.090  -8.899  1.00 26.61 ? 121 VAL A O   1 
ATOM   960  C  CB  . VAL A 1 121 ? 3.640   -2.269  -5.559  1.00 25.14 ? 121 VAL A CB  1 
ATOM   961  C  CG1 . VAL A 1 121 ? 3.895   -1.472  -4.289  1.00 25.76 ? 121 VAL A CG1 1 
ATOM   962  C  CG2 . VAL A 1 121 ? 2.264   -2.010  -6.095  1.00 23.52 ? 121 VAL A CG2 1 
ATOM   963  N  N   . SER A 1 122 ? 4.433   -4.017  -7.833  1.00 23.94 ? 122 SER A N   1 
ATOM   964  C  CA  . SER A 1 122 ? 4.088   -4.861  -8.965  1.00 22.87 ? 122 SER A CA  1 
ATOM   965  C  C   . SER A 1 122 ? 3.483   -6.180  -8.518  1.00 25.58 ? 122 SER A C   1 
ATOM   966  O  O   . SER A 1 122 ? 3.830   -6.711  -7.463  1.00 25.40 ? 122 SER A O   1 
ATOM   967  C  CB  . SER A 1 122 ? 5.339   -5.157  -9.793  1.00 30.68 ? 122 SER A CB  1 
ATOM   968  O  OG  . SER A 1 122 ? 6.016   -3.959  -10.108 1.00 33.28 ? 122 SER A OG  1 
ATOM   969  N  N   . PRO A 1 123 ? 2.588   -6.734  -9.340  1.00 22.47 ? 123 PRO A N   1 
ATOM   970  C  CA  . PRO A 1 123 ? 2.134   -8.098  -9.103  1.00 22.05 ? 123 PRO A CA  1 
ATOM   971  C  C   . PRO A 1 123 ? 3.247   -9.041  -9.549  1.00 24.34 ? 123 PRO A C   1 
ATOM   972  O  O   . PRO A 1 123 ? 3.917   -8.731  -10.536 1.00 25.83 ? 123 PRO A O   1 
ATOM   973  C  CB  . PRO A 1 123 ? 0.943   -8.230  -10.049 1.00 23.97 ? 123 PRO A CB  1 
ATOM   974  C  CG  . PRO A 1 123 ? 1.227   -7.289  -11.155 1.00 24.09 ? 123 PRO A CG  1 
ATOM   975  C  CD  . PRO A 1 123 ? 1.973   -6.130  -10.535 1.00 25.88 ? 123 PRO A CD  1 
ATOM   976  N  N   . THR A 1 124 ? 3.458   -10.144 -8.838  1.00 28.02 ? 124 THR A N   1 
ATOM   977  C  CA  . THR A 1 124 ? 4.425   -11.144 -9.286  1.00 24.15 ? 124 THR A CA  1 
ATOM   978  C  C   . THR A 1 124 ? 3.962   -12.546 -8.907  1.00 31.32 ? 124 THR A C   1 
ATOM   979  O  O   . THR A 1 124 ? 2.881   -12.727 -8.329  1.00 31.85 ? 124 THR A O   1 
ATOM   980  C  CB  . THR A 1 124 ? 5.857   -10.855 -8.750  1.00 25.61 ? 124 THR A CB  1 
ATOM   981  O  OG1 . THR A 1 124 ? 6.802   -11.720 -9.399  1.00 29.77 ? 124 THR A OG1 1 
ATOM   982  C  CG2 . THR A 1 124 ? 5.942   -11.059 -7.244  1.00 25.08 ? 124 THR A CG2 1 
ATOM   983  N  N   . MET A 1 125 ? 4.777   -13.540 -9.247  1.00 30.02 ? 125 MET A N   1 
ATOM   984  C  CA  . MET A 1 125 ? 4.451   -14.926 -8.949  1.00 32.43 ? 125 MET A CA  1 
ATOM   985  C  C   . MET A 1 125 ? 5.608   -15.534 -8.166  1.00 33.78 ? 125 MET A C   1 
ATOM   986  O  O   . MET A 1 125 ? 6.766   -15.390 -8.554  1.00 34.74 ? 125 MET A O   1 
ATOM   987  C  CB  . MET A 1 125 ? 4.194   -15.694 -10.245 1.00 32.32 ? 125 MET A CB  1 
ATOM   988  C  CG  . MET A 1 125 ? 3.550   -17.039 -10.043 1.00 40.52 ? 125 MET A CG  1 
ATOM   989  S  SD  . MET A 1 125 ? 4.820   -18.284 -9.911  1.00 51.45 ? 125 MET A SD  1 
ATOM   990  C  CE  . MET A 1 125 ? 5.357   -18.319 -11.624 1.00 44.02 ? 125 MET A CE  1 
ATOM   991  N  N   . ILE A 1 126 ? 5.291   -16.181 -7.048  1.00 36.38 ? 126 ILE A N   1 
ATOM   992  C  CA  . ILE A 1 126 ? 6.306   -16.742 -6.161  1.00 38.14 ? 126 ILE A CA  1 
ATOM   993  C  C   . ILE A 1 126 ? 5.857   -18.139 -5.790  1.00 43.51 ? 126 ILE A C   1 
ATOM   994  O  O   . ILE A 1 126 ? 4.786   -18.299 -5.202  1.00 44.22 ? 126 ILE A O   1 
ATOM   995  C  CB  . ILE A 1 126 ? 6.434   -15.921 -4.857  1.00 36.49 ? 126 ILE A CB  1 
ATOM   996  C  CG1 . ILE A 1 126 ? 7.014   -14.534 -5.138  1.00 33.61 ? 126 ILE A CG1 1 
ATOM   997  C  CG2 . ILE A 1 126 ? 7.293   -16.651 -3.850  1.00 37.47 ? 126 ILE A CG2 1 
ATOM   998  C  CD1 . ILE A 1 126 ? 8.424   -14.559 -5.644  1.00 33.45 ? 126 ILE A CD1 1 
ATOM   999  N  N   . LEU A 1 127 ? 6.660   -19.145 -6.148  1.00 47.78 ? 127 LEU A N   1 
ATOM   1000 C  CA  . LEU A 1 127 ? 6.324   -20.551 -5.886  1.00 49.59 ? 127 LEU A CA  1 
ATOM   1001 C  C   . LEU A 1 127 ? 4.900   -20.888 -6.316  1.00 50.76 ? 127 LEU A C   1 
ATOM   1002 O  O   . LEU A 1 127 ? 4.146   -21.517 -5.568  1.00 51.95 ? 127 LEU A O   1 
ATOM   1003 C  CB  . LEU A 1 127 ? 6.515   -20.897 -4.401  1.00 49.40 ? 127 LEU A CB  1 
ATOM   1004 C  CG  . LEU A 1 127 ? 7.932   -20.737 -3.840  1.00 53.15 ? 127 LEU A CG  1 
ATOM   1005 C  CD1 . LEU A 1 127 ? 7.996   -21.228 -2.399  1.00 55.63 ? 127 LEU A CD1 1 
ATOM   1006 C  CD2 . LEU A 1 127 ? 8.967   -21.454 -4.714  1.00 53.11 ? 127 LEU A CD2 1 
ATOM   1007 N  N   . GLY A 1 128 ? 4.526   -20.432 -7.507  1.00 49.98 ? 128 GLY A N   1 
ATOM   1008 C  CA  . GLY A 1 128 ? 3.210   -20.710 -8.040  1.00 47.16 ? 128 GLY A CA  1 
ATOM   1009 C  C   . GLY A 1 128 ? 2.047   -19.930 -7.451  1.00 50.85 ? 128 GLY A C   1 
ATOM   1010 O  O   . GLY A 1 128 ? 0.897   -20.278 -7.731  1.00 52.89 ? 128 GLY A O   1 
ATOM   1011 N  N   . HIS A 1 129 ? 2.306   -18.899 -6.641  1.00 49.07 ? 129 HIS A N   1 
ATOM   1012 C  CA  . HIS A 1 129 ? 1.195   -18.068 -6.142  1.00 44.87 ? 129 HIS A CA  1 
ATOM   1013 C  C   . HIS A 1 129 ? 1.371   -16.563 -6.360  1.00 41.81 ? 129 HIS A C   1 
ATOM   1014 O  O   . HIS A 1 129 ? 2.484   -16.076 -6.595  1.00 37.18 ? 129 HIS A O   1 
ATOM   1015 C  CB  . HIS A 1 129 ? 0.850   -18.376 -4.672  1.00 47.52 ? 129 HIS A CB  1 
ATOM   1016 C  CG  . HIS A 1 129 ? 2.002   -18.237 -3.722  1.00 47.30 ? 129 HIS A CG  1 
ATOM   1017 N  ND1 . HIS A 1 129 ? 2.796   -19.304 -3.355  1.00 47.18 ? 129 HIS A ND1 1 
ATOM   1018 C  CD2 . HIS A 1 129 ? 2.479   -17.165 -3.043  1.00 44.44 ? 129 HIS A CD2 1 
ATOM   1019 C  CE1 . HIS A 1 129 ? 3.721   -18.894 -2.505  1.00 43.61 ? 129 HIS A CE1 1 
ATOM   1020 N  NE2 . HIS A 1 129 ? 3.554   -17.600 -2.302  1.00 48.47 ? 129 HIS A NE2 1 
ATOM   1021 N  N   . PHE A 1 130 ? 0.261   -15.835 -6.301  1.00 40.82 ? 130 PHE A N   1 
ATOM   1022 C  CA  . PHE A 1 130 ? 0.288   -14.391 -6.485  1.00 33.68 ? 130 PHE A CA  1 
ATOM   1023 C  C   . PHE A 1 130 ? 0.983   -13.737 -5.308  1.00 29.31 ? 130 PHE A C   1 
ATOM   1024 O  O   . PHE A 1 130 ? 0.846   -14.193 -4.176  1.00 35.95 ? 130 PHE A O   1 
ATOM   1025 C  CB  . PHE A 1 130 ? -1.128  -13.832 -6.620  1.00 32.16 ? 130 PHE A CB  1 
ATOM   1026 C  CG  . PHE A 1 130 ? -1.171  -12.349 -6.857  1.00 31.36 ? 130 PHE A CG  1 
ATOM   1027 C  CD1 . PHE A 1 130 ? -1.076  -11.831 -8.146  1.00 30.84 ? 130 PHE A CD1 1 
ATOM   1028 C  CD2 . PHE A 1 130 ? -1.301  -11.463 -5.792  1.00 28.06 ? 130 PHE A CD2 1 
ATOM   1029 C  CE1 . PHE A 1 130 ? -1.117  -10.454 -8.362  1.00 31.81 ? 130 PHE A CE1 1 
ATOM   1030 C  CE2 . PHE A 1 130 ? -1.338  -10.082 -6.005  1.00 27.54 ? 130 PHE A CE2 1 
ATOM   1031 C  CZ  . PHE A 1 130 ? -1.249  -9.579  -7.287  1.00 27.11 ? 130 PHE A CZ  1 
ATOM   1032 N  N   . ALA A 1 131 ? 1.723   -12.665 -5.577  1.00 30.64 ? 131 ALA A N   1 
ATOM   1033 C  CA  . ALA A 1 131 ? 2.342   -11.871 -4.520  1.00 28.99 ? 131 ALA A CA  1 
ATOM   1034 C  C   . ALA A 1 131 ? 2.556   -10.472 -5.042  1.00 25.28 ? 131 ALA A C   1 
ATOM   1035 O  O   . ALA A 1 131 ? 2.416   -10.233 -6.241  1.00 22.99 ? 131 ALA A O   1 
ATOM   1036 C  CB  . ALA A 1 131 ? 3.681   -12.472 -4.100  1.00 25.90 ? 131 ALA A CB  1 
ATOM   1037 N  N   . VAL A 1 132 ? 2.889   -9.554  -4.137  1.00 26.58 ? 132 VAL A N   1 
ATOM   1038 C  CA  A VAL A 1 132 ? 3.286   -8.216  -4.551  0.48 25.62 ? 132 VAL A CA  1 
ATOM   1039 C  CA  B VAL A 1 132 ? 3.258   -8.185  -4.487  0.52 25.62 ? 132 VAL A CA  1 
ATOM   1040 C  C   . VAL A 1 132 ? 4.734   -7.976  -4.166  1.00 27.15 ? 132 VAL A C   1 
ATOM   1041 O  O   . VAL A 1 132 ? 5.203   -8.417  -3.112  1.00 29.56 ? 132 VAL A O   1 
ATOM   1042 C  CB  A VAL A 1 132 ? 2.390   -7.092  -3.972  0.48 25.22 ? 132 VAL A CB  1 
ATOM   1043 C  CB  B VAL A 1 132 ? 2.420   -7.162  -3.682  0.52 25.14 ? 132 VAL A CB  1 
ATOM   1044 C  CG1 A VAL A 1 132 ? 0.959   -7.254  -4.443  0.48 26.16 ? 132 VAL A CG1 1 
ATOM   1045 C  CG1 B VAL A 1 132 ? 3.027   -5.779  -3.756  0.52 25.24 ? 132 VAL A CG1 1 
ATOM   1046 C  CG2 A VAL A 1 132 ? 2.450   -7.072  -2.470  0.48 24.37 ? 132 VAL A CG2 1 
ATOM   1047 C  CG2 B VAL A 1 132 ? 0.992   -7.135  -4.188  0.52 26.21 ? 132 VAL A CG2 1 
ATOM   1048 N  N   . CYS A 1 133 ? 5.458   -7.318  -5.064  1.00 25.58 ? 133 CYS A N   1 
ATOM   1049 C  CA  . CYS A 1 133 ? 6.825   -6.933  -4.801  1.00 26.47 ? 133 CYS A CA  1 
ATOM   1050 C  C   . CYS A 1 133 ? 6.964   -5.448  -5.110  1.00 25.71 ? 133 CYS A C   1 
ATOM   1051 O  O   . CYS A 1 133 ? 6.003   -4.806  -5.542  1.00 25.55 ? 133 CYS A O   1 
ATOM   1052 C  CB  . CYS A 1 133 ? 7.792   -7.761  -5.645  1.00 23.48 ? 133 CYS A CB  1 
ATOM   1053 S  SG  . CYS A 1 133 ? 7.533   -7.586  -7.427  1.00 25.46 ? 133 CYS A SG  1 
ATOM   1054 N  N   . PHE A 1 134 ? 8.159   -4.909  -4.893  1.00 28.19 ? 134 PHE A N   1 
ATOM   1055 C  CA  . PHE A 1 134 ? 8.356   -3.464  -4.909  1.00 25.85 ? 134 PHE A CA  1 
ATOM   1056 C  C   . PHE A 1 134 ? 9.479   -3.001  -5.811  1.00 25.69 ? 134 PHE A C   1 
ATOM   1057 O  O   . PHE A 1 134 ? 10.511  -3.669  -5.957  1.00 27.05 ? 134 PHE A O   1 
ATOM   1058 C  CB  . PHE A 1 134 ? 8.695   -2.978  -3.499  1.00 25.70 ? 134 PHE A CB  1 
ATOM   1059 C  CG  . PHE A 1 134 ? 7.575   -3.113  -2.516  1.00 29.44 ? 134 PHE A CG  1 
ATOM   1060 C  CD1 . PHE A 1 134 ? 7.270   -4.341  -1.963  1.00 27.17 ? 134 PHE A CD1 1 
ATOM   1061 C  CD2 . PHE A 1 134 ? 6.851   -2.003  -2.114  1.00 26.75 ? 134 PHE A CD2 1 
ATOM   1062 C  CE1 . PHE A 1 134 ? 6.239   -4.475  -1.055  1.00 27.62 ? 134 PHE A CE1 1 
ATOM   1063 C  CE2 . PHE A 1 134 ? 5.825   -2.131  -1.193  1.00 28.05 ? 134 PHE A CE2 1 
ATOM   1064 C  CZ  . PHE A 1 134 ? 5.528   -3.377  -0.659  1.00 26.12 ? 134 PHE A CZ  1 
ATOM   1065 N  N   . THR A 1 135 ? 9.268   -1.840  -6.413  1.00 26.05 ? 135 THR A N   1 
ATOM   1066 C  CA  . THR A 1 135 ? 10.349  -1.096  -7.034  1.00 29.60 ? 135 THR A CA  1 
ATOM   1067 C  C   . THR A 1 135 ? 10.863  -0.112  -5.988  1.00 30.54 ? 135 THR A C   1 
ATOM   1068 O  O   . THR A 1 135 ? 12.073  0.052   -5.811  1.00 28.19 ? 135 THR A O   1 
ATOM   1069 C  CB  . THR A 1 135 ? 9.856   -0.359  -8.276  1.00 30.53 ? 135 THR A CB  1 
ATOM   1070 O  OG1 . THR A 1 135 ? 9.599   -1.324  -9.300  1.00 29.94 ? 135 THR A OG1 1 
ATOM   1071 C  CG2 . THR A 1 135 ? 10.897  0.627   -8.779  1.00 31.58 ? 135 THR A CG2 1 
ATOM   1072 N  N   . ASP A 1 136 ? 9.931   0.532   -5.284  1.00 28.73 ? 136 ASP A N   1 
ATOM   1073 C  CA  . ASP A 1 136 ? 10.284  1.348   -4.122  1.00 29.84 ? 136 ASP A CA  1 
ATOM   1074 C  C   . ASP A 1 136 ? 9.075   1.511   -3.207  1.00 30.02 ? 136 ASP A C   1 
ATOM   1075 O  O   . ASP A 1 136 ? 7.953   1.172   -3.607  1.00 28.93 ? 136 ASP A O   1 
ATOM   1076 C  CB  . ASP A 1 136 ? 10.805  2.721   -4.569  1.00 29.29 ? 136 ASP A CB  1 
ATOM   1077 C  CG  . ASP A 1 136 ? 9.874   3.400   -5.544  1.00 31.85 ? 136 ASP A CG  1 
ATOM   1078 O  OD1 . ASP A 1 136 ? 8.743   3.710   -5.139  1.00 29.77 ? 136 ASP A OD1 1 
ATOM   1079 O  OD2 . ASP A 1 136 ? 10.262  3.620   -6.712  1.00 32.97 ? 136 ASP A OD2 1 
ATOM   1080 N  N   . GLY A 1 137 ? 9.299   2.023   -1.989  1.00 31.08 ? 137 GLY A N   1 
ATOM   1081 C  CA  . GLY A 1 137 ? 8.208   2.335   -1.071  1.00 28.51 ? 137 GLY A CA  1 
ATOM   1082 C  C   . GLY A 1 137 ? 7.864   1.286   -0.014  1.00 27.90 ? 137 GLY A C   1 
ATOM   1083 O  O   . GLY A 1 137 ? 6.769   1.311   0.546   1.00 29.62 ? 137 GLY A O   1 
ATOM   1084 N  N   . MET A 1 138 ? 8.775   0.356   0.263   1.00 29.18 ? 138 MET A N   1 
ATOM   1085 C  CA  . MET A 1 138 ? 8.519   -0.671  1.277   1.00 27.03 ? 138 MET A CA  1 
ATOM   1086 C  C   . MET A 1 138 ? 8.357   -0.101  2.685   1.00 29.21 ? 138 MET A C   1 
ATOM   1087 O  O   . MET A 1 138 ? 7.490   -0.534  3.439   1.00 28.12 ? 138 MET A O   1 
ATOM   1088 C  CB  . MET A 1 138 ? 9.645   -1.711  1.297   1.00 28.57 ? 138 MET A CB  1 
ATOM   1089 C  CG  . MET A 1 138 ? 9.618   -2.673  0.139   1.00 26.76 ? 138 MET A CG  1 
ATOM   1090 S  SD  . MET A 1 138 ? 10.803  -4.019  0.382   1.00 33.67 ? 138 MET A SD  1 
ATOM   1091 C  CE  . MET A 1 138 ? 12.354  -3.135  0.182   1.00 32.67 ? 138 MET A CE  1 
ATOM   1092 N  N   . THR A 1 139 ? 9.201   0.853   3.053   1.00 29.54 ? 139 THR A N   1 
ATOM   1093 C  CA  . THR A 1 139 ? 9.150   1.369   4.419   1.00 31.91 ? 139 THR A CA  1 
ATOM   1094 C  C   . THR A 1 139 ? 7.872   2.171   4.652   1.00 28.91 ? 139 THR A C   1 
ATOM   1095 O  O   . THR A 1 139 ? 7.201   1.990   5.664   1.00 29.99 ? 139 THR A O   1 
ATOM   1096 C  CB  . THR A 1 139 ? 10.382  2.221   4.765   1.00 33.14 ? 139 THR A CB  1 
ATOM   1097 O  OG1 . THR A 1 139 ? 11.571  1.549   4.327   1.00 37.24 ? 139 THR A OG1 1 
ATOM   1098 C  CG2 . THR A 1 139 ? 10.473  2.453   6.265   1.00 32.18 ? 139 THR A CG2 1 
ATOM   1099 N  N   . ARG A 1 140 ? 7.532   3.050   3.718   1.00 30.36 ? 140 ARG A N   1 
ATOM   1100 C  CA  . ARG A 1 140 ? 6.335   3.871   3.883   1.00 30.37 ? 140 ARG A CA  1 
ATOM   1101 C  C   . ARG A 1 140 ? 5.088   2.998   3.884   1.00 28.02 ? 140 ARG A C   1 
ATOM   1102 O  O   . ARG A 1 140 ? 4.105   3.306   4.560   1.00 30.95 ? 140 ARG A O   1 
ATOM   1103 C  CB  . ARG A 1 140 ? 6.264   4.973   2.819   1.00 28.81 ? 140 ARG A CB  1 
ATOM   1104 C  CG  . ARG A 1 140 ? 6.113   4.482   1.380   1.00 29.26 ? 140 ARG A CG  1 
ATOM   1105 C  CD  . ARG A 1 140 ? 6.541   5.578   0.406   1.00 26.58 ? 140 ARG A CD  1 
ATOM   1106 N  NE  . ARG A 1 140 ? 7.995   5.722   0.378   1.00 30.46 ? 140 ARG A NE  1 
ATOM   1107 C  CZ  . ARG A 1 140 ? 8.646   6.760   -0.141  1.00 32.31 ? 140 ARG A CZ  1 
ATOM   1108 N  NH1 . ARG A 1 140 ? 7.981   7.776   -0.679  1.00 30.36 ? 140 ARG A NH1 1 
ATOM   1109 N  NH2 . ARG A 1 140 ? 9.969   6.784   -0.113  1.00 33.63 ? 140 ARG A NH2 1 
ATOM   1110 N  N   . SER A 1 141 ? 5.136   1.895   3.145   1.00 28.60 ? 141 SER A N   1 
ATOM   1111 C  CA  . SER A 1 141 ? 4.062   0.907   3.185   1.00 26.90 ? 141 SER A CA  1 
ATOM   1112 C  C   . SER A 1 141 ? 3.923   0.276   4.563   1.00 29.21 ? 141 SER A C   1 
ATOM   1113 O  O   . SER A 1 141 ? 2.793   0.071   5.048   1.00 24.64 ? 141 SER A O   1 
ATOM   1114 C  CB  . SER A 1 141 ? 4.301   -0.179  2.138   1.00 26.45 ? 141 SER A CB  1 
ATOM   1115 O  OG  . SER A 1 141 ? 4.313   0.372   0.836   1.00 23.78 ? 141 SER A OG  1 
ATOM   1116 N  N   . MET A 1 142 ? 5.062   -0.041  5.189   1.00 28.46 ? 142 MET A N   1 
ATOM   1117 C  CA  . MET A 1 142 ? 5.053   -0.544  6.567   1.00 30.20 ? 142 MET A CA  1 
ATOM   1118 C  C   . MET A 1 142 ? 4.412   0.453   7.533   1.00 29.98 ? 142 MET A C   1 
ATOM   1119 O  O   . MET A 1 142 ? 3.594   0.077   8.378   1.00 31.18 ? 142 MET A O   1 
ATOM   1120 C  CB  . MET A 1 142 ? 6.472   -0.865  7.050   1.00 27.79 ? 142 MET A CB  1 
ATOM   1121 C  CG  . MET A 1 142 ? 7.182   -1.977  6.287   1.00 30.16 ? 142 MET A CG  1 
ATOM   1122 S  SD  . MET A 1 142 ? 8.839   -2.213  6.984   1.00 33.79 ? 142 MET A SD  1 
ATOM   1123 C  CE  . MET A 1 142 ? 9.609   -3.231  5.707   1.00 34.24 ? 142 MET A CE  1 
ATOM   1124 N  N   . TRP A 1 143 ? 4.796   1.721   7.414   1.00 27.38 ? 143 TRP A N   1 
ATOM   1125 C  CA  . TRP A 1 143 ? 4.214   2.772   8.258   1.00 31.24 ? 143 TRP A CA  1 
ATOM   1126 C  C   . TRP A 1 143 ? 2.705   2.750   8.114   1.00 30.31 ? 143 TRP A C   1 
ATOM   1127 O  O   . TRP A 1 143 ? 1.980   2.606   9.104   1.00 27.50 ? 143 TRP A O   1 
ATOM   1128 C  CB  . TRP A 1 143 ? 4.749   4.143   7.849   1.00 29.80 ? 143 TRP A CB  1 
ATOM   1129 C  CG  . TRP A 1 143 ? 4.388   5.254   8.798   1.00 32.70 ? 143 TRP A CG  1 
ATOM   1130 C  CD1 . TRP A 1 143 ? 5.150   5.729   9.826   1.00 37.22 ? 143 TRP A CD1 1 
ATOM   1131 C  CD2 . TRP A 1 143 ? 3.180   6.034   8.801   1.00 32.27 ? 143 TRP A CD2 1 
ATOM   1132 N  NE1 . TRP A 1 143 ? 4.487   6.750   10.475  1.00 34.14 ? 143 TRP A NE1 1 
ATOM   1133 C  CE2 . TRP A 1 143 ? 3.280   6.959   9.861   1.00 34.80 ? 143 TRP A CE2 1 
ATOM   1134 C  CE3 . TRP A 1 143 ? 2.024   6.041   8.011   1.00 32.51 ? 143 TRP A CE3 1 
ATOM   1135 C  CZ2 . TRP A 1 143 ? 2.269   7.883   10.150  1.00 34.25 ? 143 TRP A CZ2 1 
ATOM   1136 C  CZ3 . TRP A 1 143 ? 1.025   6.967   8.299   1.00 33.59 ? 143 TRP A CZ3 1 
ATOM   1137 C  CH2 . TRP A 1 143 ? 1.156   7.869   9.358   1.00 33.63 ? 143 TRP A CH2 1 
ATOM   1138 N  N   . LEU A 1 144 ? 2.239   2.850   6.871   1.00 27.87 ? 144 LEU A N   1 
ATOM   1139 C  CA  . LEU A 1 144 ? 0.806   2.764   6.594   1.00 28.70 ? 144 LEU A CA  1 
ATOM   1140 C  C   . LEU A 1 144 ? 0.153   1.531   7.217   1.00 29.95 ? 144 LEU A C   1 
ATOM   1141 O  O   . LEU A 1 144 ? -0.878  1.650   7.885   1.00 29.09 ? 144 LEU A O   1 
ATOM   1142 C  CB  . LEU A 1 144 ? 0.535   2.799   5.089   1.00 22.51 ? 144 LEU A CB  1 
ATOM   1143 C  CG  . LEU A 1 144 ? 0.903   4.096   4.380   1.00 27.91 ? 144 LEU A CG  1 
ATOM   1144 C  CD1 . LEU A 1 144 ? 0.917   3.860   2.880   1.00 24.19 ? 144 LEU A CD1 1 
ATOM   1145 C  CD2 . LEU A 1 144 ? -0.076  5.200   4.736   1.00 23.34 ? 144 LEU A CD2 1 
ATOM   1146 N  N   . LEU A 1 145 ? 0.739   0.354   7.006   1.00 25.28 ? 145 LEU A N   1 
ATOM   1147 C  CA  . LEU A 1 145 ? 0.132   -0.878  7.509   1.00 28.60 ? 145 LEU A CA  1 
ATOM   1148 C  C   . LEU A 1 145 ? 0.148   -0.955  9.041   1.00 28.82 ? 145 LEU A C   1 
ATOM   1149 O  O   . LEU A 1 145 ? -0.859  -1.298  9.660   1.00 25.87 ? 145 LEU A O   1 
ATOM   1150 C  CB  . LEU A 1 145 ? 0.815   -2.113  6.902   1.00 26.51 ? 145 LEU A CB  1 
ATOM   1151 C  CG  . LEU A 1 145 ? 0.648   -2.291  5.393   1.00 24.50 ? 145 LEU A CG  1 
ATOM   1152 C  CD1 . LEU A 1 145 ? 1.517   -3.426  4.842   1.00 26.07 ? 145 LEU A CD1 1 
ATOM   1153 C  CD2 . LEU A 1 145 ? -0.818  -2.533  5.062   1.00 24.84 ? 145 LEU A CD2 1 
ATOM   1154 N  N   . ALA A 1 146 ? 1.297   -0.654  9.642   1.00 28.24 ? 146 ALA A N   1 
ATOM   1155 C  CA  . ALA A 1 146 ? 1.419   -0.670  11.097  1.00 31.76 ? 146 ALA A CA  1 
ATOM   1156 C  C   . ALA A 1 146 ? 0.455   0.337   11.744  1.00 32.97 ? 146 ALA A C   1 
ATOM   1157 O  O   . ALA A 1 146 ? -0.001  0.149   12.874  1.00 32.98 ? 146 ALA A O   1 
ATOM   1158 C  CB  . ALA A 1 146 ? 2.854   -0.384  11.510  1.00 33.31 ? 146 ALA A CB  1 
ATOM   1159 N  N   . HIS A 1 147 ? 0.147   1.408   11.025  1.00 30.83 ? 147 HIS A N   1 
ATOM   1160 C  CA  . HIS A 1 147 ? -0.786  2.405   11.549  1.00 33.05 ? 147 HIS A CA  1 
ATOM   1161 C  C   . HIS A 1 147 ? -2.216  2.087   11.153  1.00 34.51 ? 147 HIS A C   1 
ATOM   1162 O  O   . HIS A 1 147 ? -3.118  2.902   11.371  1.00 33.84 ? 147 HIS A O   1 
ATOM   1163 C  CB  . HIS A 1 147 ? -0.400  3.806   11.081  1.00 32.20 ? 147 HIS A CB  1 
ATOM   1164 C  CG  . HIS A 1 147 ? 0.742   4.396   11.842  1.00 33.83 ? 147 HIS A CG  1 
ATOM   1165 N  ND1 . HIS A 1 147 ? 2.057   4.249   11.450  1.00 33.10 ? 147 HIS A ND1 1 
ATOM   1166 C  CD2 . HIS A 1 147 ? 0.770   5.131   12.981  1.00 34.55 ? 147 HIS A CD2 1 
ATOM   1167 C  CE1 . HIS A 1 147 ? 2.841   4.870   12.312  1.00 34.69 ? 147 HIS A CE1 1 
ATOM   1168 N  NE2 . HIS A 1 147 ? 2.088   5.409   13.253  1.00 34.69 ? 147 HIS A NE2 1 
ATOM   1169 N  N   . GLU A 1 148 ? -2.415  0.911   10.556  1.00 31.91 ? 148 GLU A N   1 
ATOM   1170 C  CA  . GLU A 1 148 ? -3.759  0.436   10.218  1.00 32.89 ? 148 GLU A CA  1 
ATOM   1171 C  C   . GLU A 1 148 ? -4.522  1.339   9.239   1.00 32.28 ? 148 GLU A C   1 
ATOM   1172 O  O   . GLU A 1 148 ? -5.748  1.452   9.324   1.00 37.01 ? 148 GLU A O   1 
ATOM   1173 C  CB  . GLU A 1 148 ? -4.596  0.278   11.485  1.00 36.19 ? 148 GLU A CB  1 
ATOM   1174 C  CG  . GLU A 1 148 ? -3.900  -0.462  12.616  1.00 41.59 ? 148 GLU A CG  1 
ATOM   1175 C  CD  . GLU A 1 148 ? -4.105  -1.942  12.524  1.00 47.23 ? 148 GLU A CD  1 
ATOM   1176 O  OE1 . GLU A 1 148 ? -4.739  -2.393  11.539  1.00 51.45 ? 148 GLU A OE1 1 
ATOM   1177 O  OE2 . GLU A 1 148 ? -3.633  -2.659  13.431  1.00 56.95 ? 148 GLU A OE2 1 
ATOM   1178 N  N   . VAL A 1 149 ? -3.817  2.000   8.325   1.00 29.42 ? 149 VAL A N   1 
ATOM   1179 C  CA  . VAL A 1 149 ? -4.507  2.724   7.262   1.00 28.27 ? 149 VAL A CA  1 
ATOM   1180 C  C   . VAL A 1 149 ? -5.290  1.721   6.424   1.00 28.56 ? 149 VAL A C   1 
ATOM   1181 O  O   . VAL A 1 149 ? -4.705  0.799   5.837   1.00 28.55 ? 149 VAL A O   1 
ATOM   1182 C  CB  . VAL A 1 149 ? -3.535  3.502   6.381   1.00 26.29 ? 149 VAL A CB  1 
ATOM   1183 C  CG1 . VAL A 1 149 ? -4.305  4.209   5.278   1.00 27.50 ? 149 VAL A CG1 1 
ATOM   1184 C  CG2 . VAL A 1 149 ? -2.779  4.513   7.226   1.00 30.87 ? 149 VAL A CG2 1 
ATOM   1185 N  N   . ALA A 1 150 ? -6.609  1.888   6.371   1.00 26.71 ? 150 ALA A N   1 
ATOM   1186 C  CA  . ALA A 1 150 ? -7.486  0.869   5.779   1.00 26.35 ? 150 ALA A CA  1 
ATOM   1187 C  C   . ALA A 1 150 ? -7.311  0.727   4.275   1.00 26.03 ? 150 ALA A C   1 
ATOM   1188 O  O   . ALA A 1 150 ? -7.300  -0.390  3.735   1.00 26.77 ? 150 ALA A O   1 
ATOM   1189 C  CB  . ALA A 1 150 ? -8.942  1.152   6.112   1.00 31.21 ? 150 ALA A CB  1 
ATOM   1190 N  N   . VAL A 1 151 ? -7.202  1.864   3.599   1.00 24.70 ? 151 VAL A N   1 
ATOM   1191 C  CA  . VAL A 1 151 ? -7.103  1.892   2.151   1.00 25.35 ? 151 VAL A CA  1 
ATOM   1192 C  C   . VAL A 1 151 ? -6.100  2.967   1.759   1.00 27.97 ? 151 VAL A C   1 
ATOM   1193 O  O   . VAL A 1 151 ? -6.174  4.088   2.252   1.00 25.70 ? 151 VAL A O   1 
ATOM   1194 C  CB  . VAL A 1 151 ? -8.451  2.224   1.501   1.00 25.17 ? 151 VAL A CB  1 
ATOM   1195 C  CG1 . VAL A 1 151 ? -8.268  2.463   0.009   1.00 25.00 ? 151 VAL A CG1 1 
ATOM   1196 C  CG2 . VAL A 1 151 ? -9.466  1.121   1.750   1.00 22.19 ? 151 VAL A CG2 1 
ATOM   1197 N  N   . PHE A 1 152 ? -5.145  2.629   0.893   1.00 23.88 ? 152 PHE A N   1 
ATOM   1198 C  CA  . PHE A 1 152 ? -4.214  3.624   0.401   1.00 24.84 ? 152 PHE A CA  1 
ATOM   1199 C  C   . PHE A 1 152 ? -3.895  3.374   -1.074  1.00 27.03 ? 152 PHE A C   1 
ATOM   1200 O  O   . PHE A 1 152 ? -4.071  2.257   -1.561  1.00 26.49 ? 152 PHE A O   1 
ATOM   1201 C  CB  . PHE A 1 152 ? -2.943  3.649   1.257   1.00 27.77 ? 152 PHE A CB  1 
ATOM   1202 C  CG  . PHE A 1 152 ? -2.304  2.299   1.453   1.00 26.68 ? 152 PHE A CG  1 
ATOM   1203 C  CD1 . PHE A 1 152 ? -1.426  1.786   0.513   1.00 24.40 ? 152 PHE A CD1 1 
ATOM   1204 C  CD2 . PHE A 1 152 ? -2.552  1.564   2.596   1.00 26.92 ? 152 PHE A CD2 1 
ATOM   1205 C  CE1 . PHE A 1 152 ? -0.824  0.552   0.702   1.00 27.00 ? 152 PHE A CE1 1 
ATOM   1206 C  CE2 . PHE A 1 152 ? -1.946  0.328   2.795   1.00 29.08 ? 152 PHE A CE2 1 
ATOM   1207 C  CZ  . PHE A 1 152 ? -1.087  -0.176  1.845   1.00 26.30 ? 152 PHE A CZ  1 
ATOM   1208 N  N   . PRO A 1 153 ? -3.457  4.424   -1.797  1.00 27.65 ? 153 PRO A N   1 
ATOM   1209 C  CA  . PRO A 1 153 ? -3.123  4.284   -3.211  1.00 26.87 ? 153 PRO A CA  1 
ATOM   1210 C  C   . PRO A 1 153 ? -1.685  3.803   -3.406  1.00 23.76 ? 153 PRO A C   1 
ATOM   1211 O  O   . PRO A 1 153 ? -0.816  4.092   -2.575  1.00 25.62 ? 153 PRO A O   1 
ATOM   1212 C  CB  . PRO A 1 153 ? -3.278  5.715   -3.755  1.00 22.58 ? 153 PRO A CB  1 
ATOM   1213 C  CG  . PRO A 1 153 ? -3.585  6.601   -2.554  1.00 22.91 ? 153 PRO A CG  1 
ATOM   1214 C  CD  . PRO A 1 153 ? -3.276  5.812   -1.339  1.00 24.63 ? 153 PRO A CD  1 
ATOM   1215 N  N   . VAL A 1 154 ? -1.449  3.057   -4.481  1.00 22.29 ? 154 VAL A N   1 
ATOM   1216 C  CA  . VAL A 1 154 ? -0.097  2.670   -4.874  1.00 24.93 ? 154 VAL A CA  1 
ATOM   1217 C  C   . VAL A 1 154 ? 0.017   2.853   -6.374  1.00 24.67 ? 154 VAL A C   1 
ATOM   1218 O  O   . VAL A 1 154 ? -0.997  2.981   -7.069  1.00 27.16 ? 154 VAL A O   1 
ATOM   1219 C  CB  . VAL A 1 154 ? 0.219   1.196   -4.579  1.00 24.04 ? 154 VAL A CB  1 
ATOM   1220 C  CG1 . VAL A 1 154 ? 0.169   0.897   -3.097  1.00 22.43 ? 154 VAL A CG1 1 
ATOM   1221 C  CG2 . VAL A 1 154 ? -0.724  0.272   -5.377  1.00 22.55 ? 154 VAL A CG2 1 
ATOM   1222 N  N   . LEU A 1 155 ? 1.247   2.843   -6.874  1.00 22.62 ? 155 LEU A N   1 
ATOM   1223 C  CA  . LEU A 1 155 ? 1.494   3.087   -8.292  1.00 22.52 ? 155 LEU A CA  1 
ATOM   1224 C  C   . LEU A 1 155 ? 1.904   1.806   -8.956  1.00 25.57 ? 155 LEU A C   1 
ATOM   1225 O  O   . LEU A 1 155 ? 2.668   1.038   -8.383  1.00 23.98 ? 155 LEU A O   1 
ATOM   1226 C  CB  . LEU A 1 155 ? 2.619   4.099   -8.468  1.00 26.46 ? 155 LEU A CB  1 
ATOM   1227 C  CG  . LEU A 1 155 ? 2.218   5.533   -8.144  1.00 24.42 ? 155 LEU A CG  1 
ATOM   1228 C  CD1 . LEU A 1 155 ? 3.471   6.418   -8.054  1.00 26.90 ? 155 LEU A CD1 1 
ATOM   1229 C  CD2 . LEU A 1 155 ? 1.291   6.006   -9.238  1.00 24.62 ? 155 LEU A CD2 1 
ATOM   1230 N  N   . SER A 1 156 ? 1.414   1.595   -10.175 1.00 27.95 ? 156 SER A N   1 
ATOM   1231 C  CA  . SER A 1 156 ? 1.766   0.435   -10.983 1.00 28.22 ? 156 SER A CA  1 
ATOM   1232 C  C   . SER A 1 156 ? 2.226   0.885   -12.374 1.00 28.68 ? 156 SER A C   1 
ATOM   1233 O  O   . SER A 1 156 ? 1.790   1.916   -12.874 1.00 27.70 ? 156 SER A O   1 
ATOM   1234 C  CB  . SER A 1 156 ? 0.567   -0.516  -11.067 1.00 27.42 ? 156 SER A CB  1 
ATOM   1235 O  OG  . SER A 1 156 ? 0.795   -1.538  -12.010 1.00 26.67 ? 156 SER A OG  1 
ATOM   1236 N  N   . ARG A 1 157 ? 3.095   0.099   -12.999 1.00 27.54 ? 157 ARG A N   1 
ATOM   1237 C  CA  . ARG A 1 157 ? 3.802   0.510   -14.208 1.00 30.28 ? 157 ARG A CA  1 
ATOM   1238 C  C   . ARG A 1 157 ? 2.920   0.625   -15.459 1.00 28.40 ? 157 ARG A C   1 
ATOM   1239 O  O   . ARG A 1 157 ? 3.196   1.428   -16.352 1.00 28.44 ? 157 ARG A O   1 
ATOM   1240 C  CB  . ARG A 1 157 ? 4.928   -0.494  -14.479 1.00 33.31 ? 157 ARG A CB  1 
ATOM   1241 C  CG  . ARG A 1 157 ? 6.337   0.030   -14.304 1.00 42.28 ? 157 ARG A CG  1 
ATOM   1242 C  CD  . ARG A 1 157 ? 7.377   -1.097  -14.491 1.00 39.51 ? 157 ARG A CD  1 
ATOM   1243 N  NE  . ARG A 1 157 ? 7.735   -1.669  -13.195 1.00 49.35 ? 157 ARG A NE  1 
ATOM   1244 C  CZ  . ARG A 1 157 ? 7.901   -2.968  -12.938 1.00 44.07 ? 157 ARG A CZ  1 
ATOM   1245 N  NH1 . ARG A 1 157 ? 7.759   -3.884  -13.890 1.00 39.49 ? 157 ARG A NH1 1 
ATOM   1246 N  NH2 . ARG A 1 157 ? 8.205   -3.353  -11.705 1.00 41.38 ? 157 ARG A NH2 1 
ATOM   1247 N  N   . ASP A 1 158 ? 1.872   -0.184  -15.537 1.00 26.51 ? 158 ASP A N   1 
ATOM   1248 C  CA  . ASP A 1 158 ? 1.065   -0.245  -16.754 1.00 29.77 ? 158 ASP A CA  1 
ATOM   1249 C  C   . ASP A 1 158 ? -0.324  -0.784  -16.452 1.00 29.55 ? 158 ASP A C   1 
ATOM   1250 O  O   . ASP A 1 158 ? -0.572  -1.251  -15.338 1.00 28.75 ? 158 ASP A O   1 
ATOM   1251 C  CB  . ASP A 1 158 ? 1.741   -1.125  -17.810 1.00 29.43 ? 158 ASP A CB  1 
ATOM   1252 C  CG  . ASP A 1 158 ? 2.182   -2.472  -17.252 1.00 31.45 ? 158 ASP A CG  1 
ATOM   1253 O  OD1 . ASP A 1 158 ? 1.314   -3.317  -16.953 1.00 30.07 ? 158 ASP A OD1 1 
ATOM   1254 O  OD2 . ASP A 1 158 ? 3.402   -2.695  -17.124 1.00 40.49 ? 158 ASP A OD2 1 
ATOM   1255 N  N   . GLU A 1 159 ? -1.213  -0.739  -17.448 1.00 29.71 ? 159 GLU A N   1 
ATOM   1256 C  CA  . GLU A 1 159 ? -2.621  -1.058  -17.234 1.00 29.50 ? 159 GLU A CA  1 
ATOM   1257 C  C   . GLU A 1 159 ? -2.853  -2.495  -16.779 1.00 30.73 ? 159 GLU A C   1 
ATOM   1258 O  O   . GLU A 1 159 ? -3.596  -2.725  -15.831 1.00 28.88 ? 159 GLU A O   1 
ATOM   1259 C  CB  . GLU A 1 159 ? -3.453  -0.761  -18.485 1.00 32.04 ? 159 GLU A CB  1 
ATOM   1260 C  CG  . GLU A 1 159 ? -4.955  -0.895  -18.258 1.00 29.28 ? 159 GLU A CG  1 
ATOM   1261 C  CD  . GLU A 1 159 ? -5.808  -0.354  -19.405 1.00 34.19 ? 159 GLU A CD  1 
ATOM   1262 O  OE1 . GLU A 1 159 ? -5.270  -0.081  -20.497 1.00 36.24 ? 159 GLU A OE1 1 
ATOM   1263 O  OE2 . GLU A 1 159 ? -7.030  -0.202  -19.210 1.00 35.86 ? 159 GLU A OE2 1 
ATOM   1264 N  N   . ALA A 1 160 ? -2.219  -3.462  -17.438 1.00 26.60 ? 160 ALA A N   1 
ATOM   1265 C  CA  . ALA A 1 160 ? -2.465  -4.862  -17.113 1.00 27.68 ? 160 ALA A CA  1 
ATOM   1266 C  C   . ALA A 1 160 ? -2.005  -5.188  -15.695 1.00 26.52 ? 160 ALA A C   1 
ATOM   1267 O  O   . ALA A 1 160 ? -2.731  -5.831  -14.926 1.00 26.01 ? 160 ALA A O   1 
ATOM   1268 C  CB  . ALA A 1 160 ? -1.772  -5.780  -18.123 1.00 32.25 ? 160 ALA A CB  1 
ATOM   1269 N  N   . SER A 1 161 ? -0.799  -4.755  -15.354 1.00 27.86 ? 161 SER A N   1 
ATOM   1270 C  CA  . SER A 1 161 ? -0.292  -4.967  -14.002 1.00 27.33 ? 161 SER A CA  1 
ATOM   1271 C  C   . SER A 1 161 ? -1.226  -4.330  -12.968 1.00 22.69 ? 161 SER A C   1 
ATOM   1272 O  O   . SER A 1 161 ? -1.492  -4.922  -11.916 1.00 23.63 ? 161 SER A O   1 
ATOM   1273 C  CB  . SER A 1 161 ? 1.126   -4.407  -13.870 1.00 27.76 ? 161 SER A CB  1 
ATOM   1274 O  OG  . SER A 1 161 ? 2.021   -5.078  -14.746 1.00 32.63 ? 161 SER A OG  1 
ATOM   1275 N  N   . ALA A 1 162 ? -1.744  -3.136  -13.263 1.00 25.22 ? 162 ALA A N   1 
ATOM   1276 C  CA  . ALA A 1 162 ? -2.635  -2.460  -12.309 1.00 25.17 ? 162 ALA A CA  1 
ATOM   1277 C  C   . ALA A 1 162 ? -3.963  -3.202  -12.184 1.00 25.54 ? 162 ALA A C   1 
ATOM   1278 O  O   . ALA A 1 162 ? -4.536  -3.310  -11.095 1.00 25.90 ? 162 ALA A O   1 
ATOM   1279 C  CB  . ALA A 1 162 ? -2.873  -0.997  -12.707 1.00 26.03 ? 162 ALA A CB  1 
ATOM   1280 N  N   . VAL A 1 163 ? -4.461  -3.707  -13.301 1.00 24.52 ? 163 VAL A N   1 
ATOM   1281 C  CA  . VAL A 1 163 ? -5.676  -4.515  -13.270 1.00 25.06 ? 163 VAL A CA  1 
ATOM   1282 C  C   . VAL A 1 163 ? -5.465  -5.776  -12.435 1.00 27.28 ? 163 VAL A C   1 
ATOM   1283 O  O   . VAL A 1 163 ? -6.360  -6.204  -11.702 1.00 24.23 ? 163 VAL A O   1 
ATOM   1284 C  CB  . VAL A 1 163 ? -6.139  -4.858  -14.701 1.00 25.50 ? 163 VAL A CB  1 
ATOM   1285 C  CG1 . VAL A 1 163 ? -7.264  -5.880  -14.686 1.00 26.27 ? 163 VAL A CG1 1 
ATOM   1286 C  CG2 . VAL A 1 163 ? -6.600  -3.592  -15.409 1.00 27.14 ? 163 VAL A CG2 1 
ATOM   1287 N  N   . MET A 1 164 ? -4.274  -6.364  -12.533 1.00 23.87 ? 164 MET A N   1 
ATOM   1288 C  CA  . MET A 1 164 ? -3.976  -7.575  -11.782 1.00 26.12 ? 164 MET A CA  1 
ATOM   1289 C  C   . MET A 1 164 ? -3.905  -7.277  -10.291 1.00 23.81 ? 164 MET A C   1 
ATOM   1290 O  O   . MET A 1 164 ? -4.440  -8.035  -9.477  1.00 26.98 ? 164 MET A O   1 
ATOM   1291 C  CB  . MET A 1 164 ? -2.652  -8.175  -12.254 1.00 21.71 ? 164 MET A CB  1 
ATOM   1292 C  CG  . MET A 1 164 ? -2.496  -9.647  -11.930 1.00 31.28 ? 164 MET A CG  1 
ATOM   1293 S  SD  . MET A 1 164 ? -0.960  -10.290 -12.653 1.00 34.64 ? 164 MET A SD  1 
ATOM   1294 C  CE  . MET A 1 164 ? -0.981  -9.420  -14.217 1.00 33.32 ? 164 MET A CE  1 
ATOM   1295 N  N   . LEU A 1 165 ? -3.230  -6.190  -9.934  1.00 21.70 ? 165 LEU A N   1 
ATOM   1296 C  CA  . LEU A 1 165 ? -3.206  -5.729  -8.544  1.00 26.82 ? 165 LEU A CA  1 
ATOM   1297 C  C   . LEU A 1 165 ? -4.610  -5.479  -8.015  1.00 26.46 ? 165 LEU A C   1 
ATOM   1298 O  O   . LEU A 1 165 ? -4.971  -5.908  -6.902  1.00 27.43 ? 165 LEU A O   1 
ATOM   1299 C  CB  . LEU A 1 165 ? -2.395  -4.440  -8.422  1.00 24.56 ? 165 LEU A CB  1 
ATOM   1300 C  CG  . LEU A 1 165 ? -0.885  -4.630  -8.538  1.00 28.43 ? 165 LEU A CG  1 
ATOM   1301 C  CD1 . LEU A 1 165 ? -0.202  -3.300  -8.727  1.00 25.65 ? 165 LEU A CD1 1 
ATOM   1302 C  CD2 . LEU A 1 165 ? -0.352  -5.342  -7.307  1.00 29.69 ? 165 LEU A CD2 1 
ATOM   1303 N  N   . ALA A 1 166 ? -5.414  -4.774  -8.803  1.00 26.06 ? 166 ALA A N   1 
ATOM   1304 C  CA  . ALA A 1 166 ? -6.758  -4.438  -8.343  1.00 26.99 ? 166 ALA A CA  1 
ATOM   1305 C  C   . ALA A 1 166 ? -7.579  -5.703  -8.129  1.00 27.96 ? 166 ALA A C   1 
ATOM   1306 O  O   . ALA A 1 166 ? -8.342  -5.788  -7.171  1.00 25.57 ? 166 ALA A O   1 
ATOM   1307 C  CB  . ALA A 1 166 ? -7.450  -3.488  -9.316  1.00 25.72 ? 166 ALA A CB  1 
ATOM   1308 N  N   . GLU A 1 167 ? -7.418  -6.684  -9.017  1.00 27.26 ? 167 GLU A N   1 
ATOM   1309 C  CA  . GLU A 1 167 ? -8.107  -7.964  -8.887  1.00 25.88 ? 167 GLU A CA  1 
ATOM   1310 C  C   . GLU A 1 167 ? -7.846  -8.621  -7.542  1.00 28.68 ? 167 GLU A C   1 
ATOM   1311 O  O   . GLU A 1 167 ? -8.766  -9.104  -6.898  1.00 30.35 ? 167 GLU A O   1 
ATOM   1312 C  CB  . GLU A 1 167 ? -7.651  -8.921  -9.995  1.00 29.66 ? 167 GLU A CB  1 
ATOM   1313 C  CG  . GLU A 1 167 ? -8.247  -10.329 -9.914  1.00 33.20 ? 167 GLU A CG  1 
ATOM   1314 C  CD  . GLU A 1 167 ? -7.525  -11.328 -10.819 1.00 32.58 ? 167 GLU A CD  1 
ATOM   1315 O  OE1 . GLU A 1 167 ? -6.785  -10.900 -11.727 1.00 31.19 ? 167 GLU A OE1 1 
ATOM   1316 O  OE2 . GLU A 1 167 ? -7.675  -12.545 -10.603 1.00 35.57 ? 167 GLU A OE2 1 
ATOM   1317 N  N   . HIS A 1 168 ? -6.588  -8.661  -7.124  1.00 25.22 ? 168 HIS A N   1 
ATOM   1318 C  CA  . HIS A 1 168 ? -6.223  -9.408  -5.928  1.00 26.53 ? 168 HIS A CA  1 
ATOM   1319 C  C   . HIS A 1 168 ? -6.268  -8.566  -4.664  1.00 26.76 ? 168 HIS A C   1 
ATOM   1320 O  O   . HIS A 1 168 ? -6.614  -9.076  -3.598  1.00 31.21 ? 168 HIS A O   1 
ATOM   1321 C  CB  . HIS A 1 168 ? -4.815  -9.986  -6.073  1.00 27.96 ? 168 HIS A CB  1 
ATOM   1322 C  CG  . HIS A 1 168 ? -4.722  -11.114 -7.048  1.00 30.43 ? 168 HIS A CG  1 
ATOM   1323 N  ND1 . HIS A 1 168 ? -4.489  -10.919 -8.394  1.00 29.87 ? 168 HIS A ND1 1 
ATOM   1324 C  CD2 . HIS A 1 168 ? -4.823  -12.453 -6.872  1.00 29.75 ? 168 HIS A CD2 1 
ATOM   1325 C  CE1 . HIS A 1 168 ? -4.457  -12.091 -9.006  1.00 26.49 ? 168 HIS A CE1 1 
ATOM   1326 N  NE2 . HIS A 1 168 ? -4.653  -13.036 -8.103  1.00 29.94 ? 168 HIS A NE2 1 
ATOM   1327 N  N   . VAL A 1 169 ? -5.889  -7.291  -4.761  1.00 25.55 ? 169 VAL A N   1 
ATOM   1328 C  CA  . VAL A 1 169 ? -5.798  -6.469  -3.540  1.00 25.99 ? 169 VAL A CA  1 
ATOM   1329 C  C   . VAL A 1 169 ? -6.509  -5.109  -3.580  1.00 25.65 ? 169 VAL A C   1 
ATOM   1330 O  O   . VAL A 1 169 ? -6.382  -4.310  -2.648  1.00 25.19 ? 169 VAL A O   1 
ATOM   1331 C  CB  . VAL A 1 169 ? -4.319  -6.296  -3.054  1.00 25.27 ? 169 VAL A CB  1 
ATOM   1332 C  CG1 . VAL A 1 169 ? -3.596  -7.663  -2.979  1.00 26.29 ? 169 VAL A CG1 1 
ATOM   1333 C  CG2 . VAL A 1 169 ? -3.555  -5.339  -3.961  1.00 24.28 ? 169 VAL A CG2 1 
ATOM   1334 N  N   . GLY A 1 170 ? -7.282  -4.855  -4.630  1.00 23.71 ? 170 GLY A N   1 
ATOM   1335 C  CA  . GLY A 1 170 ? -7.839  -3.525  -4.827  1.00 25.43 ? 170 GLY A CA  1 
ATOM   1336 C  C   . GLY A 1 170 ? -9.245  -3.386  -4.269  1.00 23.08 ? 170 GLY A C   1 
ATOM   1337 O  O   . GLY A 1 170 ? -9.949  -4.382  -4.071  1.00 21.79 ? 170 GLY A O   1 
ATOM   1338 N  N   . VAL A 1 171 ? -9.649  -2.149  -4.008  1.00 27.52 ? 171 VAL A N   1 
ATOM   1339 C  CA  . VAL A 1 171 ? -11.030 -1.879  -3.642  1.00 25.36 ? 171 VAL A CA  1 
ATOM   1340 C  C   . VAL A 1 171 ? -11.760 -1.216  -4.803  1.00 29.15 ? 171 VAL A C   1 
ATOM   1341 O  O   . VAL A 1 171 ? -12.940 -0.898  -4.694  1.00 28.59 ? 171 VAL A O   1 
ATOM   1342 C  CB  . VAL A 1 171 ? -11.138 -0.974  -2.394  1.00 25.08 ? 171 VAL A CB  1 
ATOM   1343 C  CG1 . VAL A 1 171 ? -10.560 -1.678  -1.174  1.00 26.41 ? 171 VAL A CG1 1 
ATOM   1344 C  CG2 . VAL A 1 171 ? -10.440 0.362   -2.630  1.00 22.73 ? 171 VAL A CG2 1 
ATOM   1345 N  N   . ALA A 1 172 ? -11.061 -0.999  -5.917  1.00 27.80 ? 172 ALA A N   1 
ATOM   1346 C  CA  . ALA A 1 172 ? -11.679 -0.334  -7.071  1.00 27.99 ? 172 ALA A CA  1 
ATOM   1347 C  C   . ALA A 1 172 ? -10.853 -0.575  -8.311  1.00 29.33 ? 172 ALA A C   1 
ATOM   1348 O  O   . ALA A 1 172 ? -9.681  -0.974  -8.211  1.00 24.79 ? 172 ALA A O   1 
ATOM   1349 C  CB  . ALA A 1 172 ? -11.809 1.168   -6.829  1.00 25.18 ? 172 ALA A CB  1 
ATOM   1350 N  N   . ALA A 1 173 ? -11.447 -0.299  -9.474  1.00 26.23 ? 173 ALA A N   1 
ATOM   1351 C  CA  . ALA A 1 173 ? -10.706 -0.378  -10.740 1.00 32.18 ? 173 ALA A CA  1 
ATOM   1352 C  C   . ALA A 1 173 ? -9.524  0.593   -10.722 1.00 30.02 ? 173 ALA A C   1 
ATOM   1353 O  O   . ALA A 1 173 ? -9.593  1.639   -10.079 1.00 24.65 ? 173 ALA A O   1 
ATOM   1354 C  CB  . ALA A 1 173 ? -11.632 -0.087  -11.930 1.00 29.26 ? 173 ALA A CB  1 
ATOM   1355 N  N   . PRO A 1 174 ? -8.427  0.248   -11.419 1.00 27.51 ? 174 PRO A N   1 
ATOM   1356 C  CA  . PRO A 1 174 ? -7.287  1.166   -11.511 1.00 26.36 ? 174 PRO A CA  1 
ATOM   1357 C  C   . PRO A 1 174 ? -7.654  2.404   -12.302 1.00 25.65 ? 174 PRO A C   1 
ATOM   1358 O  O   . PRO A 1 174 ? -8.573  2.345   -13.116 1.00 30.75 ? 174 PRO A O   1 
ATOM   1359 C  CB  . PRO A 1 174 ? -6.255  0.380   -12.345 1.00 28.65 ? 174 PRO A CB  1 
ATOM   1360 C  CG  . PRO A 1 174 ? -6.751  -1.031  -12.405 1.00 29.36 ? 174 PRO A CG  1 
ATOM   1361 C  CD  . PRO A 1 174 ? -8.232  -0.987  -12.200 1.00 25.78 ? 174 PRO A CD  1 
ATOM   1362 N  N   . ILE A 1 175 ? -6.933  3.502   -12.108 1.00 26.16 ? 175 ILE A N   1 
ATOM   1363 C  CA  . ILE A 1 175 ? -7.105  4.655   -12.988 1.00 24.93 ? 175 ILE A CA  1 
ATOM   1364 C  C   . ILE A 1 175 ? -5.742  5.208   -13.409 1.00 27.43 ? 175 ILE A C   1 
ATOM   1365 O  O   . ILE A 1 175 ? -4.822  5.282   -12.589 1.00 29.46 ? 175 ILE A O   1 
ATOM   1366 C  CB  . ILE A 1 175 ? -7.991  5.742   -12.334 1.00 28.37 ? 175 ILE A CB  1 
ATOM   1367 C  CG1 . ILE A 1 175 ? -8.194  6.889   -13.315 1.00 31.41 ? 175 ILE A CG1 1 
ATOM   1368 C  CG2 . ILE A 1 175 ? -7.388  6.231   -11.014 1.00 25.45 ? 175 ILE A CG2 1 
ATOM   1369 C  CD1 . ILE A 1 175 ? -9.169  7.904   -12.861 1.00 34.22 ? 175 ILE A CD1 1 
ATOM   1370 N  N   . GLN A 1 176 ? -5.583  5.566   -14.682 1.00 27.52 ? 176 GLN A N   1 
ATOM   1371 C  CA  . GLN A 1 176 ? -4.288  6.068   -15.152 1.00 27.41 ? 176 GLN A CA  1 
ATOM   1372 C  C   . GLN A 1 176 ? -3.937  7.403   -14.515 1.00 31.20 ? 176 GLN A C   1 
ATOM   1373 O  O   . GLN A 1 176 ? -4.806  8.259   -14.348 1.00 29.45 ? 176 GLN A O   1 
ATOM   1374 C  CB  . GLN A 1 176 ? -4.256  6.196   -16.679 1.00 31.17 ? 176 GLN A CB  1 
ATOM   1375 C  CG  . GLN A 1 176 ? -2.819  6.296   -17.223 1.00 31.25 ? 176 GLN A CG  1 
ATOM   1376 C  CD  . GLN A 1 176 ? -2.749  6.260   -18.741 1.00 32.43 ? 176 GLN A CD  1 
ATOM   1377 O  OE1 . GLN A 1 176 ? -3.695  5.847   -19.415 1.00 33.42 ? 176 GLN A OE1 1 
ATOM   1378 N  NE2 . GLN A 1 176 ? -1.631  6.712   -19.284 1.00 26.92 ? 176 GLN A NE2 1 
ATOM   1379 N  N   . VAL A 1 177 ? -2.673  7.578   -14.149 1.00 28.84 ? 177 VAL A N   1 
ATOM   1380 C  CA  . VAL A 1 177 ? -2.246  8.833   -13.535 1.00 31.17 ? 177 VAL A CA  1 
ATOM   1381 C  C   . VAL A 1 177 ? -2.614  10.070  -14.370 1.00 32.23 ? 177 VAL A C   1 
ATOM   1382 O  O   . VAL A 1 177 ? -3.194  11.021  -13.846 1.00 33.13 ? 177 VAL A O   1 
ATOM   1383 C  CB  . VAL A 1 177 ? -0.740  8.813   -13.195 1.00 31.75 ? 177 VAL A CB  1 
ATOM   1384 C  CG1 . VAL A 1 177 ? -0.203  10.220  -13.011 1.00 31.41 ? 177 VAL A CG1 1 
ATOM   1385 C  CG2 . VAL A 1 177 ? -0.494  7.977   -11.951 1.00 31.88 ? 177 VAL A CG2 1 
ATOM   1386 N  N   . SER A 1 178 ? -2.310  10.052  -15.664 1.00 32.16 ? 178 SER A N   1 
ATOM   1387 C  CA  . SER A 1 178 ? -2.610  11.196  -16.529 1.00 32.83 ? 178 SER A CA  1 
ATOM   1388 C  C   . SER A 1 178 ? -4.092  11.549  -16.508 1.00 35.35 ? 178 SER A C   1 
ATOM   1389 O  O   . SER A 1 178 ? -4.457  12.729  -16.423 1.00 38.68 ? 178 SER A O   1 
ATOM   1390 C  CB  . SER A 1 178 ? -2.163  10.919  -17.968 1.00 31.88 ? 178 SER A CB  1 
ATOM   1391 O  OG  . SER A 1 178 ? -2.951  9.895   -18.535 1.00 32.81 ? 178 SER A OG  1 
ATOM   1392 N  N   . LYS A 1 179 ? -4.951  10.536  -16.554 1.00 30.61 ? 179 LYS A N   1 
ATOM   1393 C  CA  . LYS A 1 179 ? -6.384  10.789  -16.550 1.00 32.56 ? 179 LYS A CA  1 
ATOM   1394 C  C   . LYS A 1 179 ? -6.882  11.283  -15.198 1.00 36.58 ? 179 LYS A C   1 
ATOM   1395 O  O   . LYS A 1 179 ? -7.792  12.107  -15.143 1.00 34.79 ? 179 LYS A O   1 
ATOM   1396 C  CB  . LYS A 1 179 ? -7.164  9.560   -17.017 1.00 34.12 ? 179 LYS A CB  1 
ATOM   1397 C  CG  . LYS A 1 179 ? -6.897  9.235   -18.493 1.00 44.76 ? 179 LYS A CG  1 
ATOM   1398 C  CD  . LYS A 1 179 ? -7.766  8.093   -19.019 1.00 47.45 ? 179 LYS A CD  1 
ATOM   1399 C  CE  . LYS A 1 179 ? -7.431  7.791   -20.481 1.00 47.14 ? 179 LYS A CE  1 
ATOM   1400 N  NZ  . LYS A 1 179 ? -8.133  6.570   -20.964 1.00 53.51 ? 179 LYS A NZ  1 
ATOM   1401 N  N   . LEU A 1 180 ? -6.294  10.796  -14.107 1.00 33.45 ? 180 LEU A N   1 
ATOM   1402 C  CA  . LEU A 1 180 ? -6.710  11.283  -12.794 1.00 34.92 ? 180 LEU A CA  1 
ATOM   1403 C  C   . LEU A 1 180 ? -6.288  12.736  -12.625 1.00 36.00 ? 180 LEU A C   1 
ATOM   1404 O  O   . LEU A 1 180 ? -7.080  13.565  -12.174 1.00 34.73 ? 180 LEU A O   1 
ATOM   1405 C  CB  . LEU A 1 180 ? -6.163  10.423  -11.658 1.00 34.94 ? 180 LEU A CB  1 
ATOM   1406 C  CG  . LEU A 1 180 ? -6.669  10.850  -10.275 1.00 33.07 ? 180 LEU A CG  1 
ATOM   1407 C  CD1 . LEU A 1 180 ? -8.192  10.730  -10.181 1.00 37.93 ? 180 LEU A CD1 1 
ATOM   1408 C  CD2 . LEU A 1 180 ? -5.992  10.044  -9.173  1.00 31.52 ? 180 LEU A CD2 1 
ATOM   1409 N  N   . ARG A 1 181 ? -5.050  13.052  -12.996 1.00 30.81 ? 181 ARG A N   1 
ATOM   1410 C  CA  . ARG A 1 181 ? -4.595  14.441  -12.961 1.00 35.94 ? 181 ARG A CA  1 
ATOM   1411 C  C   . ARG A 1 181 ? -5.548  15.377  -13.718 1.00 38.86 ? 181 ARG A C   1 
ATOM   1412 O  O   . ARG A 1 181 ? -5.991  16.392  -13.172 1.00 43.22 ? 181 ARG A O   1 
ATOM   1413 C  CB  . ARG A 1 181 ? -3.166  14.560  -13.488 1.00 32.35 ? 181 ARG A CB  1 
ATOM   1414 C  CG  . ARG A 1 181 ? -2.109  14.272  -12.434 1.00 35.68 ? 181 ARG A CG  1 
ATOM   1415 C  CD  . ARG A 1 181 ? -0.758  13.943  -13.058 1.00 37.65 ? 181 ARG A CD  1 
ATOM   1416 N  NE  . ARG A 1 181 ? 0.256   13.623  -12.052 1.00 36.23 ? 181 ARG A NE  1 
ATOM   1417 C  CZ  . ARG A 1 181 ? 1.461   13.142  -12.340 1.00 34.22 ? 181 ARG A CZ  1 
ATOM   1418 N  NH1 . ARG A 1 181 ? 1.810   12.916  -13.601 1.00 36.60 ? 181 ARG A NH1 1 
ATOM   1419 N  NH2 . ARG A 1 181 ? 2.324   12.886  -11.372 1.00 35.72 ? 181 ARG A NH2 1 
ATOM   1420 N  N   . GLU A 1 182 ? -5.894  15.013  -14.951 1.00 35.22 ? 182 GLU A N   1 
ATOM   1421 C  CA  . GLU A 1 182 ? -6.817  15.805  -15.760 1.00 39.96 ? 182 GLU A CA  1 
ATOM   1422 C  C   . GLU A 1 182 ? -8.152  16.039  -15.055 1.00 36.14 ? 182 GLU A C   1 
ATOM   1423 O  O   . GLU A 1 182 ? -8.622  17.171  -14.996 1.00 42.66 ? 182 GLU A O   1 
ATOM   1424 C  CB  . GLU A 1 182 ? -7.049  15.141  -17.121 1.00 35.71 ? 182 GLU A CB  1 
ATOM   1425 N  N   . GLN A 1 183 ? -8.756  14.970  -14.527 1.00 38.21 ? 183 GLN A N   1 
ATOM   1426 C  CA  . GLN A 1 183 ? -10.041 15.065  -13.820 1.00 40.13 ? 183 GLN A CA  1 
ATOM   1427 C  C   . GLN A 1 183 ? -9.942  15.944  -12.572 1.00 41.55 ? 183 GLN A C   1 
ATOM   1428 O  O   . GLN A 1 183 ? -10.863 16.705  -12.270 1.00 42.59 ? 183 GLN A O   1 
ATOM   1429 C  CB  . GLN A 1 183 ? -10.560 13.676  -13.423 1.00 42.00 ? 183 GLN A CB  1 
ATOM   1430 C  CG  . GLN A 1 183 ? -11.238 12.887  -14.533 1.00 38.15 ? 183 GLN A CG  1 
ATOM   1431 N  N   . CYS A 1 184 ? -8.836  15.827  -11.842 1.00 36.90 ? 184 CYS A N   1 
ATOM   1432 C  CA  . CYS A 1 184 ? -8.632  16.664  -10.662 1.00 41.88 ? 184 CYS A CA  1 
ATOM   1433 C  C   . CYS A 1 184 ? -8.653  18.136  -11.034 1.00 47.58 ? 184 CYS A C   1 
ATOM   1434 O  O   . CYS A 1 184 ? -9.332  18.942  -10.380 1.00 50.48 ? 184 CYS A O   1 
ATOM   1435 C  CB  . CYS A 1 184 ? -7.337  16.298  -9.947  1.00 36.35 ? 184 CYS A CB  1 
ATOM   1436 S  SG  . CYS A 1 184 ? -7.550  14.829  -8.912  1.00 37.90 ? 184 CYS A SG  1 
ATOM   1437 N  N   . ARG A 1 185 ? -7.937  18.478  -12.103 1.00 43.76 ? 185 ARG A N   1 
ATOM   1438 C  CA  . ARG A 1 185 ? -7.940  19.841  -12.635 1.00 46.80 ? 185 ARG A CA  1 
ATOM   1439 C  C   . ARG A 1 185 ? -9.311  20.326  -13.139 1.00 43.11 ? 185 ARG A C   1 
ATOM   1440 O  O   . ARG A 1 185 ? -9.677  21.474  -12.916 1.00 50.13 ? 185 ARG A O   1 
ATOM   1441 C  CB  . ARG A 1 185 ? -6.877  19.978  -13.726 1.00 44.05 ? 185 ARG A CB  1 
ATOM   1442 C  CG  . ARG A 1 185 ? -5.477  20.053  -13.175 1.00 43.34 ? 185 ARG A CG  1 
ATOM   1443 N  N   . LYS A 1 186 ? -10.066 19.454  -13.802 1.00 44.31 ? 186 LYS A N   1 
ATOM   1444 C  CA  . LYS A 1 186 ? -11.391 19.808  -14.318 1.00 45.69 ? 186 LYS A CA  1 
ATOM   1445 C  C   . LYS A 1 186 ? -12.450 19.918  -13.211 1.00 52.30 ? 186 LYS A C   1 
ATOM   1446 O  O   . LYS A 1 186 ? -13.483 20.569  -13.395 1.00 53.18 ? 186 LYS A O   1 
ATOM   1447 C  CB  . LYS A 1 186 ? -11.831 18.801  -15.392 1.00 45.13 ? 186 LYS A CB  1 
ATOM   1448 C  CG  . LYS A 1 186 ? -13.249 19.004  -15.924 1.00 44.64 ? 186 LYS A CG  1 
ATOM   1449 N  N   . ILE A 1 187 ? -12.191 19.310  -12.052 1.00 50.29 ? 187 ILE A N   1 
ATOM   1450 C  CA  . ILE A 1 187 ? -13.177 19.328  -10.965 1.00 51.39 ? 187 ILE A CA  1 
ATOM   1451 C  C   . ILE A 1 187 ? -12.733 20.087  -9.712  1.00 51.03 ? 187 ILE A C   1 
ATOM   1452 O  O   . ILE A 1 187 ? -13.425 20.998  -9.257  1.00 49.72 ? 187 ILE A O   1 
ATOM   1453 C  CB  . ILE A 1 187 ? -13.615 17.915  -10.564 1.00 47.92 ? 187 ILE A CB  1 
ATOM   1454 C  CG1 . ILE A 1 187 ? -14.161 17.164  -11.776 1.00 48.25 ? 187 ILE A CG1 1 
ATOM   1455 C  CG2 . ILE A 1 187 ? -14.663 17.986  -9.457  1.00 47.25 ? 187 ILE A CG2 1 
ATOM   1456 C  CD1 . ILE A 1 187 ? -15.292 17.888  -12.469 1.00 49.61 ? 187 ILE A CD1 1 
ATOM   1457 N  N   . LEU A 1 188 ? -11.591 19.700  -9.150  1.00 51.12 ? 188 LEU A N   1 
ATOM   1458 C  CA  . LEU A 1 188 ? -11.066 20.366  -7.958  1.00 49.61 ? 188 LEU A CA  1 
ATOM   1459 C  C   . LEU A 1 188 ? -10.449 21.724  -8.274  1.00 50.92 ? 188 LEU A C   1 
ATOM   1460 O  O   . LEU A 1 188 ? -9.217  21.851  -8.321  1.00 49.16 ? 188 LEU A O   1 
ATOM   1461 C  CB  . LEU A 1 188 ? -10.045 19.480  -7.232  1.00 49.77 ? 188 LEU A CB  1 
ATOM   1462 C  CG  . LEU A 1 188 ? -10.637 18.403  -6.328  1.00 42.81 ? 188 LEU A CG  1 
ATOM   1463 C  CD1 . LEU A 1 188 ? -9.579  17.824  -5.414  1.00 41.73 ? 188 LEU A CD1 1 
ATOM   1464 C  CD2 . LEU A 1 188 ? -11.784 18.993  -5.522  1.00 40.05 ? 188 LEU A CD2 1 
ATOM   1465 O  OXT . LEU A 1 188 ? -11.174 22.720  -8.465  1.00 58.50 ? 188 LEU A OXT 1 
HETATM 1466 P  P   . PO4 B 2 .   ? 10.867  3.534   1.181   1.00 38.08 ? 201 PO4 A P   1 
HETATM 1467 O  O1  . PO4 B 2 .   ? 11.149  2.122   1.641   1.00 36.90 ? 201 PO4 A O1  1 
HETATM 1468 O  O2  . PO4 B 2 .   ? 11.816  4.529   1.784   1.00 37.48 ? 201 PO4 A O2  1 
HETATM 1469 O  O3  . PO4 B 2 .   ? 10.986  3.608   -0.322  1.00 37.92 ? 201 PO4 A O3  1 
HETATM 1470 O  O4  . PO4 B 2 .   ? 9.468   3.862   1.627   1.00 34.05 ? 201 PO4 A O4  1 
HETATM 1471 P  P   . PO4 C 2 .   ? 4.268   7.775   14.389  1.00 45.51 ? 202 PO4 A P   1 
HETATM 1472 O  O1  . PO4 C 2 .   ? 2.985   7.178   14.914  1.00 37.80 ? 202 PO4 A O1  1 
HETATM 1473 O  O2  . PO4 C 2 .   ? 5.108   8.277   15.533  1.00 47.56 ? 202 PO4 A O2  1 
HETATM 1474 O  O3  . PO4 C 2 .   ? 5.032   6.735   13.609  1.00 39.93 ? 202 PO4 A O3  1 
HETATM 1475 O  O4  . PO4 C 2 .   ? 3.968   8.946   13.489  1.00 45.11 ? 202 PO4 A O4  1 
HETATM 1476 AU AU  . AUC D 3 .   ? 9.168   9.830   2.096   0.84 39.55 ? 203 AUC A AU  1 
HETATM 1477 C  C1  . AUC D 3 .   ? 8.796   8.118   3.309   0.84 30.51 ? 203 AUC A C1  1 
HETATM 1478 N  N1  . AUC D 3 .   ? 8.564   7.224   3.953   0.84 34.05 ? 203 AUC A N1  1 
HETATM 1479 C  C2  . AUC D 3 .   ? 9.390   11.644  0.963   0.84 39.15 ? 203 AUC A C2  1 
HETATM 1480 N  N2  . AUC D 3 .   ? 9.487   12.621  0.388   0.84 40.49 ? 203 AUC A N2  1 
HETATM 1481 AU AU  . AUC E 3 .   ? -13.511 8.554   -13.324 0.44 72.58 ? 204 AUC A AU  1 
HETATM 1482 C  C1  . AUC E 3 .   ? -12.915 6.729   -12.358 0.44 42.03 ? 204 AUC A C1  1 
HETATM 1483 C  C2  . AUC E 3 .   ? -14.079 10.371  -14.312 0.44 47.63 ? 204 AUC A C2  1 
HETATM 1484 AU AU  . AUC F 3 .   ? -11.173 10.327  -12.521 0.45 62.17 ? 205 AUC A AU  1 
HETATM 1485 C  C2  . AUC F 3 .   ? -11.781 9.166   -10.817 0.45 45.40 ? 205 AUC A C2  1 
HETATM 1486 N  N2  . AUC F 3 .   ? -12.103 8.544   -9.927  0.45 45.68 ? 205 AUC A N2  1 
HETATM 1487 AU AU  . AUC G 3 .   ? -10.350 6.180   -3.584  0.24 39.04 ? 206 AUC A AU  1 
HETATM 1488 C  C2  . AUC G 3 .   ? -9.835  8.256   -3.720  0.24 27.78 ? 206 AUC A C2  1 
HETATM 1489 N  N2  . AUC G 3 .   ? -9.554  9.347   -3.792  0.24 29.36 ? 206 AUC A N2  1 
HETATM 1490 AU AU  . AUC H 3 .   ? -1.607  25.177  -9.706  0.29 57.74 ? 207 AUC A AU  1 
HETATM 1491 AU AU  . AUC I 3 .   ? 12.799  -1.615  -3.805  0.34 44.67 ? 208 AUC A AU  1 
HETATM 1492 AU AU  . AUC J 3 .   ? -4.038  18.442  -9.212  0.54 71.96 ? 209 AUC A AU  1 
HETATM 1493 AU AU  . AUC K 3 .   ? -6.891  24.566  -5.123  0.38 49.70 ? 210 AUC A AU  1 
HETATM 1494 AU AU  . AUC L 3 .   ? -9.082  24.229  -6.920  0.19 54.85 ? 211 AUC A AU  1 
HETATM 1495 C  C1  . GOL M 4 .   ? 3.482   2.701   15.531  0.84 42.44 ? 212 GOL A C1  1 
HETATM 1496 O  O1  . GOL M 4 .   ? 4.169   2.699   14.301  0.84 39.23 ? 212 GOL A O1  1 
HETATM 1497 C  C2  . GOL M 4 .   ? 2.223   1.840   15.422  0.84 42.87 ? 212 GOL A C2  1 
HETATM 1498 O  O2  . GOL M 4 .   ? 1.121   2.560   15.950  0.84 43.31 ? 212 GOL A O2  1 
HETATM 1499 C  C3  . GOL M 4 .   ? 2.432   0.589   16.270  0.84 42.41 ? 212 GOL A C3  1 
HETATM 1500 O  O3  . GOL M 4 .   ? 1.217   -0.122  16.344  0.84 47.98 ? 212 GOL A O3  1 
HETATM 1501 C  C1  . GOL N 4 .   ? -11.590 -9.839  0.246   0.86 44.32 ? 213 GOL A C1  1 
HETATM 1502 O  O1  . GOL N 4 .   ? -10.687 -8.893  -0.289  0.86 49.21 ? 213 GOL A O1  1 
HETATM 1503 C  C2  . GOL N 4 .   ? -11.050 -11.252 0.020   0.86 46.77 ? 213 GOL A C2  1 
HETATM 1504 O  O2  . GOL N 4 .   ? -9.633  -11.252 0.034   0.86 44.69 ? 213 GOL A O2  1 
HETATM 1505 C  C3  . GOL N 4 .   ? -11.601 -12.187 1.096   0.86 42.73 ? 213 GOL A C3  1 
HETATM 1506 O  O3  . GOL N 4 .   ? -13.012 -12.187 1.018   0.86 49.50 ? 213 GOL A O3  1 
HETATM 1507 C  C1  . GOL O 4 .   ? 5.421   -24.651 8.397   0.86 39.02 ? 214 GOL A C1  1 
HETATM 1508 O  O1  . GOL O 4 .   ? 6.623   -24.594 7.655   0.86 40.75 ? 214 GOL A O1  1 
HETATM 1509 C  C2  . GOL O 4 .   ? 4.301   -24.924 7.402   0.86 39.43 ? 214 GOL A C2  1 
HETATM 1510 O  O2  . GOL O 4 .   ? 4.375   -23.950 6.384   0.86 43.41 ? 214 GOL A O2  1 
HETATM 1511 C  C3  . GOL O 4 .   ? 2.935   -24.898 8.085   0.86 34.92 ? 214 GOL A C3  1 
HETATM 1512 O  O3  . GOL O 4 .   ? 2.268   -26.098 7.733   0.86 44.12 ? 214 GOL A O3  1 
HETATM 1513 O  O   . HOH P 5 .   ? -4.272  -1.711  7.076   1.00 29.46 ? 301 HOH A O   1 
HETATM 1514 O  O   . HOH P 5 .   ? 6.280   8.009   -6.176  1.00 33.81 ? 302 HOH A O   1 
HETATM 1515 O  O   . HOH P 5 .   ? -8.016  1.122   -7.739  1.00 27.41 ? 303 HOH A O   1 
HETATM 1516 O  O   . HOH P 5 .   ? 3.563   -2.447  -11.764 1.00 32.16 ? 304 HOH A O   1 
HETATM 1517 O  O   . HOH P 5 .   ? 12.961  -6.629  4.521   1.00 44.02 ? 305 HOH A O   1 
HETATM 1518 O  O   . HOH P 5 .   ? -4.849  -12.750 -12.606 1.00 41.45 ? 306 HOH A O   1 
HETATM 1519 O  O   . HOH P 5 .   ? 5.300   0.163   -10.110 1.00 29.39 ? 307 HOH A O   1 
HETATM 1520 O  O   . HOH P 5 .   ? 11.006  -10.303 -4.821  1.00 38.59 ? 308 HOH A O   1 
HETATM 1521 O  O   . HOH P 5 .   ? 10.388  -25.080 7.110   1.00 41.65 ? 309 HOH A O   1 
HETATM 1522 O  O   . HOH P 5 .   ? 14.359  -9.503  -3.350  1.00 35.26 ? 310 HOH A O   1 
HETATM 1523 O  O   . HOH P 5 .   ? -14.317 0.460   -9.551  1.00 34.52 ? 311 HOH A O   1 
HETATM 1524 O  O   . HOH P 5 .   ? 14.643  -3.983  -2.568  1.00 44.54 ? 312 HOH A O   1 
HETATM 1525 O  O   . HOH P 5 .   ? 4.861   2.622   -10.942 1.00 30.29 ? 313 HOH A O   1 
HETATM 1526 O  O   . HOH P 5 .   ? -11.453 3.876   -10.066 1.00 38.71 ? 314 HOH A O   1 
HETATM 1527 O  O   . HOH P 5 .   ? -7.882  4.894   4.025   1.00 29.58 ? 315 HOH A O   1 
HETATM 1528 O  O   . HOH P 5 .   ? 0.721   -13.937 14.235  1.00 41.05 ? 316 HOH A O   1 
HETATM 1529 O  O   . HOH P 5 .   ? 4.475   -4.287  -13.363 1.00 32.48 ? 317 HOH A O   1 
HETATM 1530 O  O   . HOH P 5 .   ? -7.494  4.957   -16.654 1.00 35.09 ? 318 HOH A O   1 
HETATM 1531 O  O   . HOH P 5 .   ? -5.146  16.560  -5.687  1.00 38.02 ? 319 HOH A O   1 
HETATM 1532 O  O   . HOH P 5 .   ? 4.631   3.710   -16.286 1.00 31.57 ? 320 HOH A O   1 
HETATM 1533 O  O   . HOH P 5 .   ? 2.125   2.012   0.089   1.00 29.90 ? 321 HOH A O   1 
HETATM 1534 O  O   . HOH P 5 .   ? 11.578  -0.043  -1.119  1.00 36.45 ? 322 HOH A O   1 
HETATM 1535 O  O   . HOH P 5 .   ? -4.284  -10.801 -0.684  1.00 28.75 ? 323 HOH A O   1 
HETATM 1536 O  O   . HOH P 5 .   ? -2.964  4.083   13.826  1.00 36.75 ? 324 HOH A O   1 
HETATM 1537 O  O   . HOH P 5 .   ? 5.616   -1.194  -18.422 1.00 38.66 ? 325 HOH A O   1 
HETATM 1538 O  O   . HOH P 5 .   ? 0.578   14.335  -9.275  1.00 33.06 ? 326 HOH A O   1 
HETATM 1539 O  O   . HOH P 5 .   ? 1.874   4.180   -1.556  1.00 26.31 ? 327 HOH A O   1 
HETATM 1540 O  O   . HOH P 5 .   ? 1.644   -8.584  13.443  1.00 38.66 ? 328 HOH A O   1 
HETATM 1541 O  O   . HOH P 5 .   ? 9.063   -13.254 -9.065  1.00 33.74 ? 329 HOH A O   1 
HETATM 1542 O  O   . HOH P 5 .   ? 13.345  1.000   0.884   1.00 41.98 ? 330 HOH A O   1 
HETATM 1543 O  O   . HOH P 5 .   ? 3.850   14.247  5.449   1.00 34.86 ? 331 HOH A O   1 
HETATM 1544 O  O   . HOH P 5 .   ? -15.510 -2.350  -6.396  1.00 43.81 ? 332 HOH A O   1 
HETATM 1545 O  O   . HOH P 5 .   ? 14.149  1.058   -8.240  1.00 44.22 ? 333 HOH A O   1 
HETATM 1546 O  O   . HOH P 5 .   ? 1.587   12.924  6.106   1.00 31.95 ? 334 HOH A O   1 
HETATM 1547 O  O   . HOH P 5 .   ? 7.002   -11.363 2.642   1.00 36.69 ? 335 HOH A O   1 
HETATM 1548 O  O   . HOH P 5 .   ? -10.031 8.469   -7.718  1.00 37.98 ? 336 HOH A O   1 
HETATM 1549 O  O   . HOH P 5 .   ? 8.645   -5.960  -11.380 1.00 36.86 ? 337 HOH A O   1 
HETATM 1550 O  O   . HOH P 5 .   ? -8.415  1.686   -15.775 1.00 43.41 ? 338 HOH A O   1 
HETATM 1551 O  O   . HOH P 5 .   ? -10.012 -7.050  -5.055  1.00 37.04 ? 339 HOH A O   1 
HETATM 1552 O  O   . HOH P 5 .   ? 8.581   -4.017  -9.095  1.00 34.09 ? 340 HOH A O   1 
HETATM 1553 O  O   . HOH P 5 .   ? 7.134   4.289   -13.636 1.00 41.05 ? 341 HOH A O   1 
HETATM 1554 O  O   . HOH P 5 .   ? -7.557  -2.611  4.978   1.00 32.21 ? 342 HOH A O   1 
HETATM 1555 O  O   . HOH P 5 .   ? -0.508  0.717   -19.747 1.00 34.06 ? 343 HOH A O   1 
HETATM 1556 O  O   . HOH P 5 .   ? -4.012  -15.806 -9.461  1.00 34.88 ? 344 HOH A O   1 
HETATM 1557 O  O   . HOH P 5 .   ? -13.386 7.824   -7.609  1.00 43.85 ? 345 HOH A O   1 
HETATM 1558 O  O   . HOH P 5 .   ? 12.621  -1.297  3.678   1.00 40.70 ? 346 HOH A O   1 
HETATM 1559 O  O   . HOH P 5 .   ? -7.612  23.140  -10.396 1.00 49.48 ? 347 HOH A O   1 
HETATM 1560 O  O   . HOH P 5 .   ? -7.602  4.787   6.851   1.00 32.90 ? 348 HOH A O   1 
HETATM 1561 O  O   . HOH P 5 .   ? -11.917 1.522   7.450   1.00 38.87 ? 349 HOH A O   1 
HETATM 1562 O  O   . HOH P 5 .   ? -2.816  14.694  -17.306 1.00 40.39 ? 350 HOH A O   1 
HETATM 1563 O  O   . HOH P 5 .   ? 9.940   4.126   -9.008  1.00 34.27 ? 351 HOH A O   1 
HETATM 1564 O  O   . HOH P 5 .   ? -12.611 -7.974  2.446   1.00 46.53 ? 352 HOH A O   1 
HETATM 1565 O  O   . HOH P 5 .   ? -6.349  10.661  11.138  1.00 33.08 ? 353 HOH A O   1 
HETATM 1566 O  O   . HOH P 5 .   ? -3.062  -14.193 14.253  1.00 50.18 ? 354 HOH A O   1 
HETATM 1567 O  O   . HOH P 5 .   ? -0.637  -2.971  -20.201 1.00 36.29 ? 355 HOH A O   1 
HETATM 1568 O  O   . HOH P 5 .   ? 8.283   -10.189 11.782  1.00 40.32 ? 356 HOH A O   1 
HETATM 1569 O  O   . HOH P 5 .   ? -12.089 24.433  -10.488 1.00 44.87 ? 357 HOH A O   1 
HETATM 1570 O  O   . HOH P 5 .   ? 11.175  5.853   3.858   1.00 40.14 ? 358 HOH A O   1 
HETATM 1571 O  O   . HOH P 5 .   ? 9.286   15.243  11.368  1.00 42.35 ? 359 HOH A O   1 
HETATM 1572 O  O   . HOH P 5 .   ? -10.538 -14.286 3.344   1.00 43.33 ? 360 HOH A O   1 
HETATM 1573 O  O   . HOH P 5 .   ? 2.381   16.431  -9.855  1.00 43.30 ? 361 HOH A O   1 
HETATM 1574 O  O   . HOH P 5 .   ? -7.928  -12.070 -3.446  1.00 46.92 ? 362 HOH A O   1 
HETATM 1575 O  O   . HOH P 5 .   ? 3.152   -2.303  14.942  1.00 46.35 ? 363 HOH A O   1 
HETATM 1576 O  O   . HOH P 5 .   ? -2.907  -3.125  8.555   1.00 36.68 ? 364 HOH A O   1 
HETATM 1577 O  O   . HOH P 5 .   ? 7.880   -0.338  -10.772 1.00 36.88 ? 365 HOH A O   1 
HETATM 1578 O  O   . HOH P 5 .   ? -9.235  6.742   11.093  1.00 42.68 ? 366 HOH A O   1 
HETATM 1579 O  O   . HOH P 5 .   ? 10.839  9.730   13.540  1.00 40.58 ? 367 HOH A O   1 
HETATM 1580 O  O   . HOH P 5 .   ? -10.670 16.408  0.183   1.00 35.49 ? 368 HOH A O   1 
HETATM 1581 O  O   . HOH P 5 .   ? 5.563   11.267  -17.540 1.00 39.31 ? 369 HOH A O   1 
HETATM 1582 O  O   . HOH P 5 .   ? -6.316  5.212   -19.157 1.00 44.40 ? 370 HOH A O   1 
HETATM 1583 O  O   . HOH P 5 .   ? -7.672  15.492  11.160  1.00 39.77 ? 371 HOH A O   1 
HETATM 1584 O  O   . HOH P 5 .   ? 1.103   2.821   -19.301 1.00 34.22 ? 372 HOH A O   1 
HETATM 1585 O  O   . HOH P 5 .   ? 8.673   11.479  13.705  1.00 45.10 ? 373 HOH A O   1 
HETATM 1586 O  O   . HOH P 5 .   ? 7.199   3.029   -15.680 1.00 48.92 ? 374 HOH A O   1 
HETATM 1587 O  O   . HOH P 5 .   ? 14.704  -23.723 10.673  1.00 43.79 ? 375 HOH A O   1 
HETATM 1588 O  O   . HOH P 5 .   ? 6.431   -14.121 4.335   1.00 37.47 ? 376 HOH A O   1 
HETATM 1589 O  O   . HOH P 5 .   ? -4.201  -7.289  11.043  1.00 46.31 ? 377 HOH A O   1 
HETATM 1590 O  O   . HOH P 5 .   ? 7.514   14.290  4.016   1.00 43.39 ? 378 HOH A O   1 
HETATM 1591 O  O   . HOH P 5 .   ? -11.271 -5.742  -0.906  1.00 49.53 ? 379 HOH A O   1 
HETATM 1592 O  O   . HOH P 5 .   ? -10.095 3.079   9.050   1.00 40.92 ? 380 HOH A O   1 
HETATM 1593 O  O   . HOH P 5 .   ? -0.250  -1.881  14.358  1.00 43.39 ? 381 HOH A O   1 
HETATM 1594 O  O   . HOH P 5 .   ? -0.490  -14.624 0.926   1.00 40.68 ? 382 HOH A O   1 
HETATM 1595 O  O   . HOH P 5 .   ? -2.601  -2.237  -21.854 1.00 51.78 ? 383 HOH A O   1 
HETATM 1596 O  O   . HOH P 5 .   ? -3.169  -11.940 -2.939  1.00 34.47 ? 384 HOH A O   1 
HETATM 1597 O  O   . HOH P 5 .   ? 9.689   13.980  13.556  1.00 38.54 ? 385 HOH A O   1 
HETATM 1598 O  O   . HOH P 5 .   ? -9.292  9.385   11.239  1.00 45.17 ? 386 HOH A O   1 
HETATM 1599 O  O   . HOH P 5 .   ? 3.146   1.714   -19.614 1.00 41.41 ? 387 HOH A O   1 
HETATM 1600 O  O   . HOH P 5 .   ? 4.733   10.353  11.804  1.00 45.27 ? 388 HOH A O   1 
HETATM 1601 O  O   . HOH P 5 .   ? -11.622 9.534   -6.365  1.00 44.45 ? 389 HOH A O   1 
HETATM 1602 O  O   . HOH P 5 .   ? -12.997 8.901   3.645   1.00 34.94 ? 390 HOH A O   1 
HETATM 1603 O  O   . HOH P 5 .   ? 6.494   5.999   -10.339 1.00 38.34 ? 391 HOH A O   1 
HETATM 1604 O  O   . HOH P 5 .   ? 4.957   -2.137  -20.761 1.00 43.37 ? 392 HOH A O   1 
HETATM 1605 O  O   . HOH P 5 .   ? -1.241  18.555  7.511   1.00 34.64 ? 393 HOH A O   1 
HETATM 1606 O  O   . HOH P 5 .   ? 0.112   -19.770 3.746   1.00 42.31 ? 394 HOH A O   1 
HETATM 1607 O  O   . HOH P 5 .   ? 4.615   9.862   -6.462  1.00 37.69 ? 395 HOH A O   1 
HETATM 1608 O  O   . HOH P 5 .   ? 7.999   5.233   -3.208  1.00 28.21 ? 396 HOH A O   1 
HETATM 1609 O  O   . HOH P 5 .   ? 9.755   9.333   -2.192  1.00 37.03 ? 397 HOH A O   1 
HETATM 1610 O  O   . HOH P 5 .   ? 10.103  6.914   -3.864  1.00 38.13 ? 398 HOH A O   1 
HETATM 1611 O  O   . HOH P 5 .   ? 8.386   -18.383 3.192   1.00 47.45 ? 399 HOH A O   1 
HETATM 1612 O  O   . HOH P 5 .   ? -5.085  -13.821 -4.015  1.00 44.64 ? 400 HOH A O   1 
HETATM 1613 O  O   . HOH P 5 .   ? -4.607  -17.746 2.467   1.00 43.43 ? 401 HOH A O   1 
HETATM 1614 O  O   . HOH P 5 .   ? -4.453  -20.544 6.587   1.00 42.47 ? 402 HOH A O   1 
HETATM 1615 O  O   . HOH P 5 .   ? -2.143  -19.625 5.937   1.00 40.11 ? 403 HOH A O   1 
HETATM 1616 O  O   . HOH P 5 .   ? -3.503  -16.685 -3.766  1.00 47.85 ? 404 HOH A O   1 
HETATM 1617 O  O   . HOH P 5 .   ? -2.379  -17.042 -5.978  1.00 47.70 ? 405 HOH A O   1 
HETATM 1618 O  O   . HOH P 5 .   ? 2.402   -19.148 3.946   1.00 42.01 ? 406 HOH A O   1 
HETATM 1619 O  O   . HOH P 5 .   ? 2.026   -18.089 0.845   1.00 45.90 ? 407 HOH A O   1 
HETATM 1620 O  O   . HOH P 5 .   ? 3.635   -17.663 2.365   1.00 41.82 ? 408 HOH A O   1 
# 
